data_1JER
# 
_entry.id   1JER 
# 
_audit_conform.dict_name       mmcif_pdbx.dic 
_audit_conform.dict_version    5.397 
_audit_conform.dict_location   http://mmcif.pdb.org/dictionaries/ascii/mmcif_pdbx.dic 
# 
loop_
_database_2.database_id 
_database_2.database_code 
_database_2.pdbx_database_accession 
_database_2.pdbx_DOI 
PDB   1JER         pdb_00001jer 10.2210/pdb1jer/pdb 
WWPDB D_1000174320 ?            ?                   
# 
loop_
_pdbx_audit_revision_history.ordinal 
_pdbx_audit_revision_history.data_content_type 
_pdbx_audit_revision_history.major_revision 
_pdbx_audit_revision_history.minor_revision 
_pdbx_audit_revision_history.revision_date 
1 'Structure model' 1 0 1997-02-12 
2 'Structure model' 1 1 2008-03-24 
3 'Structure model' 1 2 2011-07-13 
4 'Structure model' 1 3 2024-10-30 
# 
_pdbx_audit_revision_details.ordinal             1 
_pdbx_audit_revision_details.revision_ordinal    1 
_pdbx_audit_revision_details.data_content_type   'Structure model' 
_pdbx_audit_revision_details.provider            repository 
_pdbx_audit_revision_details.type                'Initial release' 
_pdbx_audit_revision_details.description         ? 
_pdbx_audit_revision_details.details             ? 
# 
loop_
_pdbx_audit_revision_group.ordinal 
_pdbx_audit_revision_group.revision_ordinal 
_pdbx_audit_revision_group.data_content_type 
_pdbx_audit_revision_group.group 
1 2 'Structure model' 'Version format compliance' 
2 3 'Structure model' 'Version format compliance' 
3 4 'Structure model' 'Data collection'           
4 4 'Structure model' 'Database references'       
5 4 'Structure model' 'Derived calculations'      
6 4 'Structure model' 'Structure summary'         
# 
loop_
_pdbx_audit_revision_category.ordinal 
_pdbx_audit_revision_category.revision_ordinal 
_pdbx_audit_revision_category.data_content_type 
_pdbx_audit_revision_category.category 
1 4 'Structure model' chem_comp_atom            
2 4 'Structure model' chem_comp_bond            
3 4 'Structure model' database_2                
4 4 'Structure model' pdbx_entry_details        
5 4 'Structure model' pdbx_modification_feature 
6 4 'Structure model' pdbx_struct_conn_angle    
7 4 'Structure model' struct_conn               
8 4 'Structure model' struct_site               
# 
loop_
_pdbx_audit_revision_item.ordinal 
_pdbx_audit_revision_item.revision_ordinal 
_pdbx_audit_revision_item.data_content_type 
_pdbx_audit_revision_item.item 
1  4 'Structure model' '_database_2.pdbx_DOI'                        
2  4 'Structure model' '_database_2.pdbx_database_accession'         
3  4 'Structure model' '_pdbx_struct_conn_angle.ptnr1_auth_comp_id'  
4  4 'Structure model' '_pdbx_struct_conn_angle.ptnr1_auth_seq_id'   
5  4 'Structure model' '_pdbx_struct_conn_angle.ptnr1_label_atom_id' 
6  4 'Structure model' '_pdbx_struct_conn_angle.ptnr1_label_comp_id' 
7  4 'Structure model' '_pdbx_struct_conn_angle.ptnr1_label_seq_id'  
8  4 'Structure model' '_pdbx_struct_conn_angle.ptnr3_auth_comp_id'  
9  4 'Structure model' '_pdbx_struct_conn_angle.ptnr3_auth_seq_id'   
10 4 'Structure model' '_pdbx_struct_conn_angle.ptnr3_label_atom_id' 
11 4 'Structure model' '_pdbx_struct_conn_angle.ptnr3_label_comp_id' 
12 4 'Structure model' '_pdbx_struct_conn_angle.ptnr3_label_seq_id'  
13 4 'Structure model' '_pdbx_struct_conn_angle.value'               
14 4 'Structure model' '_struct_conn.pdbx_dist_value'                
15 4 'Structure model' '_struct_conn.ptnr1_auth_comp_id'             
16 4 'Structure model' '_struct_conn.ptnr1_auth_seq_id'              
17 4 'Structure model' '_struct_conn.ptnr1_label_asym_id'            
18 4 'Structure model' '_struct_conn.ptnr1_label_atom_id'            
19 4 'Structure model' '_struct_conn.ptnr1_label_comp_id'            
20 4 'Structure model' '_struct_conn.ptnr1_label_seq_id'             
21 4 'Structure model' '_struct_conn.ptnr2_auth_comp_id'             
22 4 'Structure model' '_struct_conn.ptnr2_auth_seq_id'              
23 4 'Structure model' '_struct_conn.ptnr2_label_asym_id'            
24 4 'Structure model' '_struct_conn.ptnr2_label_atom_id'            
25 4 'Structure model' '_struct_conn.ptnr2_label_comp_id'            
26 4 'Structure model' '_struct_conn.ptnr2_label_seq_id'             
27 4 'Structure model' '_struct_site.pdbx_auth_asym_id'              
28 4 'Structure model' '_struct_site.pdbx_auth_comp_id'              
29 4 'Structure model' '_struct_site.pdbx_auth_seq_id'               
# 
_pdbx_database_status.status_code                     REL 
_pdbx_database_status.entry_id                        1JER 
_pdbx_database_status.recvd_initial_deposition_date   1996-08-21 
_pdbx_database_status.deposit_site                    ? 
_pdbx_database_status.process_site                    BNL 
_pdbx_database_status.status_code_sf                  REL 
_pdbx_database_status.status_code_mr                  ? 
_pdbx_database_status.SG_entry                        ? 
_pdbx_database_status.pdb_format_compatible           Y 
_pdbx_database_status.status_code_cs                  ? 
_pdbx_database_status.status_code_nmr_data            ? 
_pdbx_database_status.methods_development_category    ? 
# 
loop_
_audit_author.name 
_audit_author.pdbx_ordinal 
'Hart, P.J.'       1 
'Nersissian, A.M.' 2 
'Herrmann, R.G.'   3 
'Nalbandyan, R.M.' 4 
'Valentine, J.S.'  5 
'Eisenberg, D.'    6 
# 
loop_
_citation.id 
_citation.title 
_citation.journal_abbrev 
_citation.journal_volume 
_citation.page_first 
_citation.page_last 
_citation.year 
_citation.journal_id_ASTM 
_citation.country 
_citation.journal_id_ISSN 
_citation.journal_id_CSD 
_citation.book_publisher 
_citation.pdbx_database_id_PubMed 
_citation.pdbx_database_id_DOI 
primary 'A missing link in cupredoxins: crystal structure of cucumber stellacyanin at 1.6 A resolution.'                       
'Protein Sci.'    5 2175 2183 1996 PRCIEI US 0961-8368 0795 ? 8931136 ? 
1       'Cloning, Expression, and Spectroscopic Characterization of Cucumis Sativus Stellacyanin in its Non-Glycosylated Form' 
'To be Published' ? ?    ?    ?    ?      ?  ?         0353 ? ?       ? 
# 
loop_
_citation_author.citation_id 
_citation_author.name 
_citation_author.ordinal 
_citation_author.identifier_ORCID 
primary 'Hart, P.J.'          1  ? 
primary 'Nersissian, A.M.'    2  ? 
primary 'Herrmann, R.G.'      3  ? 
primary 'Nalbandyan, R.M.'    4  ? 
primary 'Valentine, J.S.'     5  ? 
primary 'Eisenberg, D.'       6  ? 
1       'Nersissian, A.M.'    7  ? 
1       'Mehrabian, Z.B.'     8  ? 
1       'Nalbandyan, R.M.'    9  ? 
1       'Hart, P.J.'          10 ? 
1       'Fraczkiewicz, G.'    11 ? 
1       'Czernuszewicz, R.S.' 12 ? 
1       'Bender, C.J.'        13 ? 
1       'Peisach, J.'         14 ? 
1       'Herrmann, R.G.'      15 ? 
1       'Valentine, J.S.'     16 ? 
# 
loop_
_entity.id 
_entity.type 
_entity.src_method 
_entity.pdbx_description 
_entity.formula_weight 
_entity.pdbx_number_of_molecules 
_entity.pdbx_ec 
_entity.pdbx_mutation 
_entity.pdbx_fragment 
_entity.details 
1 polymer     man 'CUCUMBER STELLACYANIN' 14889.531 1   ? ? ? 'FROM CUCUMBER PEELINGS, GLUTAMINE AXIAL COPPER LIGAND' 
2 non-polymer syn 'COPPER (II) ION'       63.546    1   ? ? ? ?                                                       
3 water       nat water                   18.015    109 ? ? ? ?                                                       
# 
_entity_name_com.entity_id   1 
_entity_name_com.name        'CUCUMBER PEELING CUPREDOXIN' 
# 
_entity_poly.entity_id                      1 
_entity_poly.type                           'polypeptide(L)' 
_entity_poly.nstd_linkage                   no 
_entity_poly.nstd_monomer                   no 
_entity_poly.pdbx_seq_one_letter_code       
;MQSTVHIVGDNTGWSVPSSPNFYSQWAAGKTFRVGDSLQFNFPANAHNVHEMETKQSFDACNFVNSDNDVERTSPVIERL
DELGMHYFVCTVGTHCSNGQKLSINVVAANATVSMPPPSSSPPSSVMPPPVMPPPSPS
;
_entity_poly.pdbx_seq_one_letter_code_can   
;MQSTVHIVGDNTGWSVPSSPNFYSQWAAGKTFRVGDSLQFNFPANAHNVHEMETKQSFDACNFVNSDNDVERTSPVIERL
DELGMHYFVCTVGTHCSNGQKLSINVVAANATVSMPPPSSSPPSSVMPPPVMPPPSPS
;
_entity_poly.pdbx_strand_id                 A 
_entity_poly.pdbx_target_identifier         ? 
# 
loop_
_pdbx_entity_nonpoly.entity_id 
_pdbx_entity_nonpoly.name 
_pdbx_entity_nonpoly.comp_id 
2 'COPPER (II) ION' CU  
3 water             HOH 
# 
loop_
_entity_poly_seq.entity_id 
_entity_poly_seq.num 
_entity_poly_seq.mon_id 
_entity_poly_seq.hetero 
1 1   MET n 
1 2   GLN n 
1 3   SER n 
1 4   THR n 
1 5   VAL n 
1 6   HIS n 
1 7   ILE n 
1 8   VAL n 
1 9   GLY n 
1 10  ASP n 
1 11  ASN n 
1 12  THR n 
1 13  GLY n 
1 14  TRP n 
1 15  SER n 
1 16  VAL n 
1 17  PRO n 
1 18  SER n 
1 19  SER n 
1 20  PRO n 
1 21  ASN n 
1 22  PHE n 
1 23  TYR n 
1 24  SER n 
1 25  GLN n 
1 26  TRP n 
1 27  ALA n 
1 28  ALA n 
1 29  GLY n 
1 30  LYS n 
1 31  THR n 
1 32  PHE n 
1 33  ARG n 
1 34  VAL n 
1 35  GLY n 
1 36  ASP n 
1 37  SER n 
1 38  LEU n 
1 39  GLN n 
1 40  PHE n 
1 41  ASN n 
1 42  PHE n 
1 43  PRO n 
1 44  ALA n 
1 45  ASN n 
1 46  ALA n 
1 47  HIS n 
1 48  ASN n 
1 49  VAL n 
1 50  HIS n 
1 51  GLU n 
1 52  MET n 
1 53  GLU n 
1 54  THR n 
1 55  LYS n 
1 56  GLN n 
1 57  SER n 
1 58  PHE n 
1 59  ASP n 
1 60  ALA n 
1 61  CYS n 
1 62  ASN n 
1 63  PHE n 
1 64  VAL n 
1 65  ASN n 
1 66  SER n 
1 67  ASP n 
1 68  ASN n 
1 69  ASP n 
1 70  VAL n 
1 71  GLU n 
1 72  ARG n 
1 73  THR n 
1 74  SER n 
1 75  PRO n 
1 76  VAL n 
1 77  ILE n 
1 78  GLU n 
1 79  ARG n 
1 80  LEU n 
1 81  ASP n 
1 82  GLU n 
1 83  LEU n 
1 84  GLY n 
1 85  MET n 
1 86  HIS n 
1 87  TYR n 
1 88  PHE n 
1 89  VAL n 
1 90  CYS n 
1 91  THR n 
1 92  VAL n 
1 93  GLY n 
1 94  THR n 
1 95  HIS n 
1 96  CYS n 
1 97  SER n 
1 98  ASN n 
1 99  GLY n 
1 100 GLN n 
1 101 LYS n 
1 102 LEU n 
1 103 SER n 
1 104 ILE n 
1 105 ASN n 
1 106 VAL n 
1 107 VAL n 
1 108 ALA n 
1 109 ALA n 
1 110 ASN n 
1 111 ALA n 
1 112 THR n 
1 113 VAL n 
1 114 SER n 
1 115 MET n 
1 116 PRO n 
1 117 PRO n 
1 118 PRO n 
1 119 SER n 
1 120 SER n 
1 121 SER n 
1 122 PRO n 
1 123 PRO n 
1 124 SER n 
1 125 SER n 
1 126 VAL n 
1 127 MET n 
1 128 PRO n 
1 129 PRO n 
1 130 PRO n 
1 131 VAL n 
1 132 MET n 
1 133 PRO n 
1 134 PRO n 
1 135 PRO n 
1 136 SER n 
1 137 PRO n 
1 138 SER n 
# 
_entity_src_gen.entity_id                          1 
_entity_src_gen.pdbx_src_id                        1 
_entity_src_gen.pdbx_alt_source_flag               sample 
_entity_src_gen.pdbx_seq_type                      ? 
_entity_src_gen.pdbx_beg_seq_num                   ? 
_entity_src_gen.pdbx_end_seq_num                   ? 
_entity_src_gen.gene_src_common_name               cucumber 
_entity_src_gen.gene_src_genus                     Cucumis 
_entity_src_gen.pdbx_gene_src_gene                 ? 
_entity_src_gen.gene_src_species                   ? 
_entity_src_gen.gene_src_strain                    ? 
_entity_src_gen.gene_src_tissue                    ? 
_entity_src_gen.gene_src_tissue_fraction           ? 
_entity_src_gen.gene_src_details                   ? 
_entity_src_gen.pdbx_gene_src_fragment             ? 
_entity_src_gen.pdbx_gene_src_scientific_name      'Cucumis sativus' 
_entity_src_gen.pdbx_gene_src_ncbi_taxonomy_id     3659 
_entity_src_gen.pdbx_gene_src_variant              ? 
_entity_src_gen.pdbx_gene_src_cell_line            BL21 
_entity_src_gen.pdbx_gene_src_atcc                 ? 
_entity_src_gen.pdbx_gene_src_organ                ? 
_entity_src_gen.pdbx_gene_src_organelle            ? 
_entity_src_gen.pdbx_gene_src_cell                 ? 
_entity_src_gen.pdbx_gene_src_cellular_location    ? 
_entity_src_gen.host_org_common_name               ? 
_entity_src_gen.pdbx_host_org_scientific_name      'Escherichia coli BL21(DE3)' 
_entity_src_gen.pdbx_host_org_ncbi_taxonomy_id     469008 
_entity_src_gen.host_org_genus                     Escherichia 
_entity_src_gen.pdbx_host_org_gene                 ? 
_entity_src_gen.pdbx_host_org_organ                ? 
_entity_src_gen.host_org_species                   'Escherichia coli' 
_entity_src_gen.pdbx_host_org_tissue               ? 
_entity_src_gen.pdbx_host_org_tissue_fraction      ? 
_entity_src_gen.pdbx_host_org_strain               'BL21 (DE3)' 
_entity_src_gen.pdbx_host_org_variant              ? 
_entity_src_gen.pdbx_host_org_cell_line            ? 
_entity_src_gen.pdbx_host_org_atcc                 ? 
_entity_src_gen.pdbx_host_org_culture_collection   ? 
_entity_src_gen.pdbx_host_org_cell                 ? 
_entity_src_gen.pdbx_host_org_organelle            ? 
_entity_src_gen.pdbx_host_org_cellular_location    ? 
_entity_src_gen.pdbx_host_org_vector_type          ? 
_entity_src_gen.pdbx_host_org_vector               ? 
_entity_src_gen.host_org_details                   ? 
_entity_src_gen.expression_system_id               ? 
_entity_src_gen.plasmid_name                       PET3A 
_entity_src_gen.plasmid_details                    ? 
_entity_src_gen.pdbx_description                   ? 
# 
loop_
_chem_comp.id 
_chem_comp.type 
_chem_comp.mon_nstd_flag 
_chem_comp.name 
_chem_comp.pdbx_synonyms 
_chem_comp.formula 
_chem_comp.formula_weight 
ALA 'L-peptide linking' y ALANINE           ? 'C3 H7 N O2'     89.093  
ARG 'L-peptide linking' y ARGININE          ? 'C6 H15 N4 O2 1' 175.209 
ASN 'L-peptide linking' y ASPARAGINE        ? 'C4 H8 N2 O3'    132.118 
ASP 'L-peptide linking' y 'ASPARTIC ACID'   ? 'C4 H7 N O4'     133.103 
CU  non-polymer         . 'COPPER (II) ION' ? 'Cu 2'           63.546  
CYS 'L-peptide linking' y CYSTEINE          ? 'C3 H7 N O2 S'   121.158 
GLN 'L-peptide linking' y GLUTAMINE         ? 'C5 H10 N2 O3'   146.144 
GLU 'L-peptide linking' y 'GLUTAMIC ACID'   ? 'C5 H9 N O4'     147.129 
GLY 'peptide linking'   y GLYCINE           ? 'C2 H5 N O2'     75.067  
HIS 'L-peptide linking' y HISTIDINE         ? 'C6 H10 N3 O2 1' 156.162 
HOH non-polymer         . WATER             ? 'H2 O'           18.015  
ILE 'L-peptide linking' y ISOLEUCINE        ? 'C6 H13 N O2'    131.173 
LEU 'L-peptide linking' y LEUCINE           ? 'C6 H13 N O2'    131.173 
LYS 'L-peptide linking' y LYSINE            ? 'C6 H15 N2 O2 1' 147.195 
MET 'L-peptide linking' y METHIONINE        ? 'C5 H11 N O2 S'  149.211 
PHE 'L-peptide linking' y PHENYLALANINE     ? 'C9 H11 N O2'    165.189 
PRO 'L-peptide linking' y PROLINE           ? 'C5 H9 N O2'     115.130 
SER 'L-peptide linking' y SERINE            ? 'C3 H7 N O3'     105.093 
THR 'L-peptide linking' y THREONINE         ? 'C4 H9 N O3'     119.119 
TRP 'L-peptide linking' y TRYPTOPHAN        ? 'C11 H12 N2 O2'  204.225 
TYR 'L-peptide linking' y TYROSINE          ? 'C9 H11 N O3'    181.189 
VAL 'L-peptide linking' y VALINE            ? 'C5 H11 N O2'    117.146 
# 
loop_
_pdbx_poly_seq_scheme.asym_id 
_pdbx_poly_seq_scheme.entity_id 
_pdbx_poly_seq_scheme.seq_id 
_pdbx_poly_seq_scheme.mon_id 
_pdbx_poly_seq_scheme.ndb_seq_num 
_pdbx_poly_seq_scheme.pdb_seq_num 
_pdbx_poly_seq_scheme.auth_seq_num 
_pdbx_poly_seq_scheme.pdb_mon_id 
_pdbx_poly_seq_scheme.auth_mon_id 
_pdbx_poly_seq_scheme.pdb_strand_id 
_pdbx_poly_seq_scheme.pdb_ins_code 
_pdbx_poly_seq_scheme.hetero 
A 1 1   MET 1   0   0   MET MET A . n 
A 1 2   GLN 2   1   1   GLN GLN A . n 
A 1 3   SER 3   2   2   SER SER A . n 
A 1 4   THR 4   3   3   THR THR A . n 
A 1 5   VAL 5   4   4   VAL VAL A . n 
A 1 6   HIS 6   5   5   HIS HIS A . n 
A 1 7   ILE 7   6   6   ILE ILE A . n 
A 1 8   VAL 8   7   7   VAL VAL A . n 
A 1 9   GLY 9   8   8   GLY GLY A . n 
A 1 10  ASP 10  9   9   ASP ASP A . n 
A 1 11  ASN 11  10  10  ASN ASN A . n 
A 1 12  THR 12  11  11  THR THR A . n 
A 1 13  GLY 13  12  12  GLY GLY A . n 
A 1 14  TRP 14  13  13  TRP TRP A . n 
A 1 15  SER 15  14  14  SER SER A . n 
A 1 16  VAL 16  15  15  VAL VAL A . n 
A 1 17  PRO 17  16  16  PRO PRO A . n 
A 1 18  SER 18  17  17  SER SER A . n 
A 1 19  SER 19  18  18  SER SER A . n 
A 1 20  PRO 20  19  19  PRO PRO A . n 
A 1 21  ASN 21  20  20  ASN ASN A . n 
A 1 22  PHE 22  21  21  PHE PHE A . n 
A 1 23  TYR 23  22  22  TYR TYR A . n 
A 1 24  SER 24  23  23  SER SER A . n 
A 1 25  GLN 25  24  24  GLN GLN A . n 
A 1 26  TRP 26  25  25  TRP TRP A . n 
A 1 27  ALA 27  26  26  ALA ALA A . n 
A 1 28  ALA 28  27  27  ALA ALA A . n 
A 1 29  GLY 29  28  28  GLY GLY A . n 
A 1 30  LYS 30  29  29  LYS LYS A . n 
A 1 31  THR 31  30  30  THR THR A . n 
A 1 32  PHE 32  31  31  PHE PHE A . n 
A 1 33  ARG 33  32  32  ARG ARG A . n 
A 1 34  VAL 34  33  33  VAL VAL A . n 
A 1 35  GLY 35  34  34  GLY GLY A . n 
A 1 36  ASP 36  35  35  ASP ASP A . n 
A 1 37  SER 37  36  36  SER SER A . n 
A 1 38  LEU 38  37  37  LEU LEU A . n 
A 1 39  GLN 39  38  38  GLN GLN A . n 
A 1 40  PHE 40  39  39  PHE PHE A . n 
A 1 41  ASN 41  40  40  ASN ASN A . n 
A 1 42  PHE 42  41  41  PHE PHE A . n 
A 1 43  PRO 43  42  42  PRO PRO A . n 
A 1 44  ALA 44  43  43  ALA ALA A . n 
A 1 45  ASN 45  44  44  ASN ASN A . n 
A 1 46  ALA 46  45  45  ALA ALA A . n 
A 1 47  HIS 47  46  46  HIS HIS A . n 
A 1 48  ASN 48  47  47  ASN ASN A . n 
A 1 49  VAL 49  48  48  VAL VAL A . n 
A 1 50  HIS 50  49  49  HIS HIS A . n 
A 1 51  GLU 51  50  50  GLU GLU A . n 
A 1 52  MET 52  51  51  MET MET A . n 
A 1 53  GLU 53  52  52  GLU GLU A . n 
A 1 54  THR 54  53  53  THR THR A . n 
A 1 55  LYS 55  54  54  LYS LYS A . n 
A 1 56  GLN 56  55  55  GLN GLN A . n 
A 1 57  SER 57  56  56  SER SER A . n 
A 1 58  PHE 58  57  57  PHE PHE A . n 
A 1 59  ASP 59  58  58  ASP ASP A . n 
A 1 60  ALA 60  59  59  ALA ALA A . n 
A 1 61  CYS 61  60  60  CYS CYS A . n 
A 1 62  ASN 62  61  61  ASN ASN A . n 
A 1 63  PHE 63  62  62  PHE PHE A . n 
A 1 64  VAL 64  63  63  VAL VAL A . n 
A 1 65  ASN 65  64  64  ASN ASN A . n 
A 1 66  SER 66  65  65  SER SER A . n 
A 1 67  ASP 67  66  66  ASP ASP A . n 
A 1 68  ASN 68  67  67  ASN ASN A . n 
A 1 69  ASP 69  68  68  ASP ASP A . n 
A 1 70  VAL 70  69  69  VAL VAL A . n 
A 1 71  GLU 71  70  70  GLU GLU A . n 
A 1 72  ARG 72  71  71  ARG ARG A . n 
A 1 73  THR 73  72  72  THR THR A . n 
A 1 74  SER 74  73  73  SER SER A . n 
A 1 75  PRO 75  74  74  PRO PRO A . n 
A 1 76  VAL 76  75  75  VAL VAL A . n 
A 1 77  ILE 77  76  76  ILE ILE A . n 
A 1 78  GLU 78  77  77  GLU GLU A . n 
A 1 79  ARG 79  78  78  ARG ARG A . n 
A 1 80  LEU 80  79  79  LEU LEU A . n 
A 1 81  ASP 81  80  80  ASP ASP A . n 
A 1 82  GLU 82  81  81  GLU GLU A . n 
A 1 83  LEU 83  82  82  LEU LEU A . n 
A 1 84  GLY 84  83  83  GLY GLY A . n 
A 1 85  MET 85  84  84  MET MET A . n 
A 1 86  HIS 86  85  85  HIS HIS A . n 
A 1 87  TYR 87  86  86  TYR TYR A . n 
A 1 88  PHE 88  87  87  PHE PHE A . n 
A 1 89  VAL 89  88  88  VAL VAL A . n 
A 1 90  CYS 90  89  89  CYS CYS A . n 
A 1 91  THR 91  90  90  THR THR A . n 
A 1 92  VAL 92  91  91  VAL VAL A . n 
A 1 93  GLY 93  92  92  GLY GLY A . n 
A 1 94  THR 94  93  93  THR THR A . n 
A 1 95  HIS 95  94  94  HIS HIS A . n 
A 1 96  CYS 96  95  95  CYS CYS A . n 
A 1 97  SER 97  96  96  SER SER A . n 
A 1 98  ASN 98  97  97  ASN ASN A . n 
A 1 99  GLY 99  98  98  GLY GLY A . n 
A 1 100 GLN 100 99  99  GLN GLN A . n 
A 1 101 LYS 101 100 100 LYS LYS A . n 
A 1 102 LEU 102 101 101 LEU LEU A . n 
A 1 103 SER 103 102 102 SER SER A . n 
A 1 104 ILE 104 103 103 ILE ILE A . n 
A 1 105 ASN 105 104 104 ASN ASN A . n 
A 1 106 VAL 106 105 105 VAL VAL A . n 
A 1 107 VAL 107 106 106 VAL VAL A . n 
A 1 108 ALA 108 107 107 ALA ALA A . n 
A 1 109 ALA 109 108 108 ALA ALA A . n 
A 1 110 ASN 110 109 109 ASN ASN A . n 
A 1 111 ALA 111 110 ?   ?   ?   A . n 
A 1 112 THR 112 111 ?   ?   ?   A . n 
A 1 113 VAL 113 112 ?   ?   ?   A . n 
A 1 114 SER 114 113 ?   ?   ?   A . n 
A 1 115 MET 115 114 ?   ?   ?   A . n 
A 1 116 PRO 116 115 ?   ?   ?   A . n 
A 1 117 PRO 117 116 ?   ?   ?   A . n 
A 1 118 PRO 118 117 ?   ?   ?   A . n 
A 1 119 SER 119 118 ?   ?   ?   A . n 
A 1 120 SER 120 119 ?   ?   ?   A . n 
A 1 121 SER 121 120 ?   ?   ?   A . n 
A 1 122 PRO 122 121 ?   ?   ?   A . n 
A 1 123 PRO 123 122 ?   ?   ?   A . n 
A 1 124 SER 124 123 ?   ?   ?   A . n 
A 1 125 SER 125 124 ?   ?   ?   A . n 
A 1 126 VAL 126 125 ?   ?   ?   A . n 
A 1 127 MET 127 126 ?   ?   ?   A . n 
A 1 128 PRO 128 127 ?   ?   ?   A . n 
A 1 129 PRO 129 128 ?   ?   ?   A . n 
A 1 130 PRO 130 129 ?   ?   ?   A . n 
A 1 131 VAL 131 130 ?   ?   ?   A . n 
A 1 132 MET 132 131 ?   ?   ?   A . n 
A 1 133 PRO 133 132 ?   ?   ?   A . n 
A 1 134 PRO 134 133 ?   ?   ?   A . n 
A 1 135 PRO 135 134 ?   ?   ?   A . n 
A 1 136 SER 136 135 ?   ?   ?   A . n 
A 1 137 PRO 137 136 ?   ?   ?   A . n 
A 1 138 SER 138 137 ?   ?   ?   A . n 
# 
loop_
_pdbx_nonpoly_scheme.asym_id 
_pdbx_nonpoly_scheme.entity_id 
_pdbx_nonpoly_scheme.mon_id 
_pdbx_nonpoly_scheme.ndb_seq_num 
_pdbx_nonpoly_scheme.pdb_seq_num 
_pdbx_nonpoly_scheme.auth_seq_num 
_pdbx_nonpoly_scheme.pdb_mon_id 
_pdbx_nonpoly_scheme.auth_mon_id 
_pdbx_nonpoly_scheme.pdb_strand_id 
_pdbx_nonpoly_scheme.pdb_ins_code 
B 2 CU  1   138 110 CU  CU  A . 
C 3 HOH 1   139 111 HOH HOH A . 
C 3 HOH 2   140 112 HOH HOH A . 
C 3 HOH 3   141 113 HOH HOH A . 
C 3 HOH 4   142 114 HOH HOH A . 
C 3 HOH 5   143 115 HOH HOH A . 
C 3 HOH 6   144 116 HOH HOH A . 
C 3 HOH 7   145 117 HOH HOH A . 
C 3 HOH 8   146 118 HOH HOH A . 
C 3 HOH 9   147 119 HOH HOH A . 
C 3 HOH 10  148 120 HOH HOH A . 
C 3 HOH 11  149 121 HOH HOH A . 
C 3 HOH 12  150 122 HOH HOH A . 
C 3 HOH 13  151 123 HOH HOH A . 
C 3 HOH 14  152 124 HOH HOH A . 
C 3 HOH 15  153 125 HOH HOH A . 
C 3 HOH 16  154 126 HOH HOH A . 
C 3 HOH 17  155 127 HOH HOH A . 
C 3 HOH 18  156 128 HOH HOH A . 
C 3 HOH 19  157 129 HOH HOH A . 
C 3 HOH 20  158 130 HOH HOH A . 
C 3 HOH 21  159 131 HOH HOH A . 
C 3 HOH 22  160 132 HOH HOH A . 
C 3 HOH 23  161 133 HOH HOH A . 
C 3 HOH 24  162 134 HOH HOH A . 
C 3 HOH 25  163 135 HOH HOH A . 
C 3 HOH 26  164 136 HOH HOH A . 
C 3 HOH 27  165 137 HOH HOH A . 
C 3 HOH 28  166 138 HOH HOH A . 
C 3 HOH 29  167 139 HOH HOH A . 
C 3 HOH 30  168 140 HOH HOH A . 
C 3 HOH 31  169 141 HOH HOH A . 
C 3 HOH 32  170 142 HOH HOH A . 
C 3 HOH 33  171 143 HOH HOH A . 
C 3 HOH 34  172 144 HOH HOH A . 
C 3 HOH 35  173 145 HOH HOH A . 
C 3 HOH 36  174 146 HOH HOH A . 
C 3 HOH 37  175 147 HOH HOH A . 
C 3 HOH 38  176 148 HOH HOH A . 
C 3 HOH 39  177 149 HOH HOH A . 
C 3 HOH 40  178 150 HOH HOH A . 
C 3 HOH 41  179 151 HOH HOH A . 
C 3 HOH 42  180 152 HOH HOH A . 
C 3 HOH 43  181 153 HOH HOH A . 
C 3 HOH 44  182 154 HOH HOH A . 
C 3 HOH 45  183 155 HOH HOH A . 
C 3 HOH 46  184 156 HOH HOH A . 
C 3 HOH 47  185 157 HOH HOH A . 
C 3 HOH 48  186 158 HOH HOH A . 
C 3 HOH 49  187 159 HOH HOH A . 
C 3 HOH 50  188 160 HOH HOH A . 
C 3 HOH 51  189 161 HOH HOH A . 
C 3 HOH 52  190 162 HOH HOH A . 
C 3 HOH 53  191 163 HOH HOH A . 
C 3 HOH 54  192 164 HOH HOH A . 
C 3 HOH 55  193 165 HOH HOH A . 
C 3 HOH 56  194 166 HOH HOH A . 
C 3 HOH 57  195 167 HOH HOH A . 
C 3 HOH 58  196 168 HOH HOH A . 
C 3 HOH 59  197 169 HOH HOH A . 
C 3 HOH 60  198 170 HOH HOH A . 
C 3 HOH 61  199 171 HOH HOH A . 
C 3 HOH 62  200 172 HOH HOH A . 
C 3 HOH 63  201 173 HOH HOH A . 
C 3 HOH 64  202 174 HOH HOH A . 
C 3 HOH 65  203 175 HOH HOH A . 
C 3 HOH 66  204 176 HOH HOH A . 
C 3 HOH 67  205 177 HOH HOH A . 
C 3 HOH 68  206 178 HOH HOH A . 
C 3 HOH 69  207 179 HOH HOH A . 
C 3 HOH 70  208 180 HOH HOH A . 
C 3 HOH 71  209 181 HOH HOH A . 
C 3 HOH 72  210 182 HOH HOH A . 
C 3 HOH 73  211 183 HOH HOH A . 
C 3 HOH 74  212 184 HOH HOH A . 
C 3 HOH 75  213 185 HOH HOH A . 
C 3 HOH 76  214 186 HOH HOH A . 
C 3 HOH 77  215 187 HOH HOH A . 
C 3 HOH 78  216 188 HOH HOH A . 
C 3 HOH 79  217 189 HOH HOH A . 
C 3 HOH 80  218 190 HOH HOH A . 
C 3 HOH 81  219 191 HOH HOH A . 
C 3 HOH 82  220 192 HOH HOH A . 
C 3 HOH 83  221 193 HOH HOH A . 
C 3 HOH 84  222 194 HOH HOH A . 
C 3 HOH 85  223 195 HOH HOH A . 
C 3 HOH 86  224 196 HOH HOH A . 
C 3 HOH 87  225 197 HOH HOH A . 
C 3 HOH 88  226 198 HOH HOH A . 
C 3 HOH 89  227 199 HOH HOH A . 
C 3 HOH 90  228 200 HOH HOH A . 
C 3 HOH 91  229 201 HOH HOH A . 
C 3 HOH 92  230 202 HOH HOH A . 
C 3 HOH 93  231 203 HOH HOH A . 
C 3 HOH 94  232 204 HOH HOH A . 
C 3 HOH 95  233 205 HOH HOH A . 
C 3 HOH 96  234 206 HOH HOH A . 
C 3 HOH 97  235 207 HOH HOH A . 
C 3 HOH 98  236 208 HOH HOH A . 
C 3 HOH 99  237 209 HOH HOH A . 
C 3 HOH 100 238 210 HOH HOH A . 
C 3 HOH 101 239 211 HOH HOH A . 
C 3 HOH 102 240 212 HOH HOH A . 
C 3 HOH 103 241 213 HOH HOH A . 
C 3 HOH 104 242 214 HOH HOH A . 
C 3 HOH 105 243 215 HOH HOH A . 
C 3 HOH 106 244 216 HOH HOH A . 
C 3 HOH 107 245 217 HOH HOH A . 
C 3 HOH 108 246 218 HOH HOH A . 
C 3 HOH 109 247 219 HOH HOH A . 
# 
loop_
_pdbx_unobs_or_zero_occ_atoms.id 
_pdbx_unobs_or_zero_occ_atoms.PDB_model_num 
_pdbx_unobs_or_zero_occ_atoms.polymer_flag 
_pdbx_unobs_or_zero_occ_atoms.occupancy_flag 
_pdbx_unobs_or_zero_occ_atoms.auth_asym_id 
_pdbx_unobs_or_zero_occ_atoms.auth_comp_id 
_pdbx_unobs_or_zero_occ_atoms.auth_seq_id 
_pdbx_unobs_or_zero_occ_atoms.PDB_ins_code 
_pdbx_unobs_or_zero_occ_atoms.auth_atom_id 
_pdbx_unobs_or_zero_occ_atoms.label_alt_id 
_pdbx_unobs_or_zero_occ_atoms.label_asym_id 
_pdbx_unobs_or_zero_occ_atoms.label_comp_id 
_pdbx_unobs_or_zero_occ_atoms.label_seq_id 
_pdbx_unobs_or_zero_occ_atoms.label_atom_id 
1 1 Y 1 A MET 0   ? CB  ? A MET 1   CB  
2 1 Y 1 A MET 0   ? CG  ? A MET 1   CG  
3 1 Y 1 A MET 0   ? SD  ? A MET 1   SD  
4 1 Y 1 A MET 0   ? CE  ? A MET 1   CE  
5 1 Y 1 A ASN 109 ? CB  ? A ASN 110 CB  
6 1 Y 1 A ASN 109 ? CG  ? A ASN 110 CG  
7 1 Y 1 A ASN 109 ? OD1 ? A ASN 110 OD1 
8 1 Y 1 A ASN 109 ? ND2 ? A ASN 110 ND2 
# 
loop_
_software.name 
_software.classification 
_software.version 
_software.citation_id 
_software.pdbx_ordinal 
DENZO     'data reduction' . ? 1 
SCALEPACK 'data scaling'   . ? 2 
SHELXL-93 'model building' . ? 3 
SHELXL-93 refinement       . ? 4 
SHELXL-93 phasing          . ? 5 
# 
_cell.entry_id           1JER 
_cell.length_a           59.180 
_cell.length_b           59.180 
_cell.length_c           74.210 
_cell.angle_alpha        90.00 
_cell.angle_beta         90.00 
_cell.angle_gamma        120.00 
_cell.Z_PDB              6 
_cell.pdbx_unique_axis   ? 
# 
_symmetry.entry_id                         1JER 
_symmetry.space_group_name_H-M             'P 31 2 1' 
_symmetry.pdbx_full_space_group_name_H-M   ? 
_symmetry.cell_setting                     ? 
_symmetry.Int_Tables_number                152 
# 
_exptl.entry_id          1JER 
_exptl.method            'X-RAY DIFFRACTION' 
_exptl.crystals_number   1 
# 
_exptl_crystal.id                    1 
_exptl_crystal.density_meas          ? 
_exptl_crystal.density_Matthews      2.52 
_exptl_crystal.density_percent_sol   60.7 
_exptl_crystal.description           ? 
# 
_exptl_crystal_grow.crystal_id      1 
_exptl_crystal_grow.method          ? 
_exptl_crystal_grow.temp            ? 
_exptl_crystal_grow.temp_details    ? 
_exptl_crystal_grow.pH              7.0 
_exptl_crystal_grow.pdbx_pH_range   ? 
_exptl_crystal_grow.pdbx_details    'pH 7.0' 
# 
_diffrn.id                     1 
_diffrn.ambient_temp           300 
_diffrn.ambient_temp_details   ? 
_diffrn.crystal_id             1 
# 
_diffrn_detector.diffrn_id              1 
_diffrn_detector.detector               'IMAGE PLATE' 
_diffrn_detector.type                   RIGAKU 
_diffrn_detector.pdbx_collection_date   1995-06-03 
_diffrn_detector.details                MIRRORS 
# 
_diffrn_radiation.diffrn_id                        1 
_diffrn_radiation.wavelength_id                    1 
_diffrn_radiation.pdbx_monochromatic_or_laue_m_l   M 
_diffrn_radiation.monochromator                    ? 
_diffrn_radiation.pdbx_diffrn_protocol             ? 
_diffrn_radiation.pdbx_scattering_type             x-ray 
# 
_diffrn_radiation_wavelength.id           1 
_diffrn_radiation_wavelength.wavelength   1.5418 
_diffrn_radiation_wavelength.wt           1.0 
# 
_diffrn_source.diffrn_id                   1 
_diffrn_source.source                      ? 
_diffrn_source.type                        ? 
_diffrn_source.pdbx_synchrotron_site       ? 
_diffrn_source.pdbx_synchrotron_beamline   ? 
_diffrn_source.pdbx_wavelength             1.5418 
_diffrn_source.pdbx_wavelength_list        ? 
# 
_reflns.entry_id                     1JER 
_reflns.observed_criterion_sigma_I   0. 
_reflns.observed_criterion_sigma_F   ? 
_reflns.d_resolution_low             50. 
_reflns.d_resolution_high            1.6 
_reflns.number_obs                   18488 
_reflns.number_all                   ? 
_reflns.percent_possible_obs         90.9 
_reflns.pdbx_Rmerge_I_obs            0.073 
_reflns.pdbx_Rsym_value              ? 
_reflns.pdbx_netI_over_sigmaI        15.3 
_reflns.B_iso_Wilson_estimate        ? 
_reflns.pdbx_redundancy              4.5 
_reflns.pdbx_diffrn_id               1 
_reflns.pdbx_ordinal                 1 
# 
_reflns_shell.d_res_high             1.60 
_reflns_shell.d_res_low              1.66 
_reflns_shell.percent_possible_all   53.5 
_reflns_shell.Rmerge_I_obs           0.332 
_reflns_shell.pdbx_Rsym_value        ? 
_reflns_shell.meanI_over_sigI_obs    1.4 
_reflns_shell.pdbx_redundancy        ? 
_reflns_shell.pdbx_diffrn_id         ? 
_reflns_shell.pdbx_ordinal           1 
# 
_refine.entry_id                                 1JER 
_refine.ls_number_reflns_obs                     ? 
_refine.ls_number_reflns_all                     18488 
_refine.pdbx_ls_sigma_I                          ? 
_refine.pdbx_ls_sigma_F                          0.0 
_refine.pdbx_data_cutoff_high_absF               ? 
_refine.pdbx_data_cutoff_low_absF                ? 
_refine.pdbx_data_cutoff_high_rms_absF           ? 
_refine.ls_d_res_low                             50. 
_refine.ls_d_res_high                            1.6 
_refine.ls_percent_reflns_obs                    90.9 
_refine.ls_R_factor_obs                          0.193 
_refine.ls_R_factor_all                          0.195 
_refine.ls_R_factor_R_work                       ? 
_refine.ls_R_factor_R_free                       0.237 
_refine.ls_R_factor_R_free_error                 ? 
_refine.ls_R_factor_R_free_error_details         ? 
_refine.ls_percent_reflns_R_free                 ? 
_refine.ls_number_reflns_R_free                  ? 
_refine.ls_number_parameters                     ? 
_refine.ls_number_restraints                     ? 
_refine.occupancy_min                            ? 
_refine.occupancy_max                            ? 
_refine.B_iso_mean                               ? 
_refine.aniso_B[1][1]                            ? 
_refine.aniso_B[2][2]                            ? 
_refine.aniso_B[3][3]                            ? 
_refine.aniso_B[1][2]                            ? 
_refine.aniso_B[1][3]                            ? 
_refine.aniso_B[2][3]                            ? 
_refine.solvent_model_details                    ? 
_refine.solvent_model_param_ksol                 ? 
_refine.solvent_model_param_bsol                 ? 
_refine.pdbx_ls_cross_valid_method               ? 
_refine.details                                  
;RESIDUES 65 - 70 HAVE HIGH THERMAL PARAMETERS, AND ARE THUS
MODELED POORLY.  THE POSITION OF THE MAIN CHAIN IS ROUGHLY
CORRECT, BUT SIDE CHAIN DENSITY IS DIFFICULT TO INTERPRET.
ALL OUTLIERS IN THE RAMACHANDRAN PLOT(3) COME FROM THIS
REGION OF THE PROTEIN.
;
_refine.pdbx_starting_model                      ? 
_refine.pdbx_method_to_determine_struct          ? 
_refine.pdbx_isotropic_thermal_model             ? 
_refine.pdbx_stereochemistry_target_values       ? 
_refine.pdbx_stereochem_target_val_spec_case     ? 
_refine.pdbx_R_Free_selection_details            ? 
_refine.pdbx_overall_ESU_R                       ? 
_refine.pdbx_overall_ESU_R_Free                  ? 
_refine.overall_SU_ML                            ? 
_refine.overall_SU_B                             ? 
_refine.pdbx_refine_id                           'X-RAY DIFFRACTION' 
_refine.pdbx_diffrn_id                           1 
_refine.pdbx_TLS_residual_ADP_flag               ? 
_refine.correlation_coeff_Fo_to_Fc               ? 
_refine.correlation_coeff_Fo_to_Fc_free          ? 
_refine.pdbx_solvent_vdw_probe_radii             ? 
_refine.pdbx_solvent_ion_probe_radii             ? 
_refine.pdbx_solvent_shrinkage_radii             ? 
_refine.pdbx_overall_phase_error                 ? 
_refine.overall_SU_R_Cruickshank_DPI             ? 
_refine.pdbx_overall_SU_R_free_Cruickshank_DPI   ? 
_refine.pdbx_overall_SU_R_Blow_DPI               ? 
_refine.pdbx_overall_SU_R_free_Blow_DPI          ? 
# 
_refine_hist.pdbx_refine_id                   'X-RAY DIFFRACTION' 
_refine_hist.cycle_id                         LAST 
_refine_hist.pdbx_number_atoms_protein        852 
_refine_hist.pdbx_number_atoms_nucleic_acid   0 
_refine_hist.pdbx_number_atoms_ligand         1 
_refine_hist.number_atoms_solvent             109 
_refine_hist.number_atoms_total               962 
_refine_hist.d_res_high                       1.6 
_refine_hist.d_res_low                        50. 
# 
loop_
_refine_ls_restr.type 
_refine_ls_restr.dev_ideal 
_refine_ls_restr.dev_ideal_target 
_refine_ls_restr.weight 
_refine_ls_restr.number 
_refine_ls_restr.pdbx_refine_id 
_refine_ls_restr.pdbx_restraint_function 
s_bond_d               0.018 ? ? ? 'X-RAY DIFFRACTION' ? 
s_angle_d              2.5   ? ? ? 'X-RAY DIFFRACTION' ? 
s_similar_dist         ?     ? ? ? 'X-RAY DIFFRACTION' ? 
s_from_restr_planes    ?     ? ? ? 'X-RAY DIFFRACTION' ? 
s_zero_chiral_vol      ?     ? ? ? 'X-RAY DIFFRACTION' ? 
s_non_zero_chiral_vol  ?     ? ? ? 'X-RAY DIFFRACTION' ? 
s_anti_bump_dis_restr  ?     ? ? ? 'X-RAY DIFFRACTION' ? 
s_rigid_bond_adp_cmpnt ?     ? ? ? 'X-RAY DIFFRACTION' ? 
s_similar_adp_cmpnt    ?     ? ? ? 'X-RAY DIFFRACTION' ? 
s_approx_iso_adps      ?     ? ? ? 'X-RAY DIFFRACTION' ? 
# 
_pdbx_refine.entry_id                                    1JER 
_pdbx_refine.R_factor_all_no_cutoff                      0.195 
_pdbx_refine.R_factor_obs_no_cutoff                      0.193 
_pdbx_refine.free_R_factor_no_cutoff                     0.237 
_pdbx_refine.free_R_val_test_set_size_perc_no_cutoff     ? 
_pdbx_refine.free_R_val_test_set_ct_no_cutoff            ? 
_pdbx_refine.R_factor_all_4sig_cutoff                    0.179 
_pdbx_refine.R_factor_obs_4sig_cutoff                    0.177 
_pdbx_refine.free_R_factor_4sig_cutoff                   ? 
_pdbx_refine.free_R_val_test_set_size_perc_4sig_cutoff   ? 
_pdbx_refine.free_R_val_test_set_ct_4sig_cutoff          ? 
_pdbx_refine.number_reflns_obs_4sig_cutoff               ? 
_pdbx_refine.pdbx_refine_id                              'X-RAY DIFFRACTION' 
_pdbx_refine.free_R_error_no_cutoff                      ? 
# 
_struct.entry_id                  1JER 
_struct.title                     'CUCUMBER STELLACYANIN, CU2+, PH 7.0' 
_struct.pdbx_model_details        ? 
_struct.pdbx_CASP_flag            ? 
_struct.pdbx_model_type_details   ? 
# 
_struct_keywords.entry_id        1JER 
_struct_keywords.pdbx_keywords   'ELECTRON TRANSPORT' 
_struct_keywords.text            'ELECTRON TRANSPORT, COPPER, GLYCOPROTEIN, HYDROXYLATION' 
# 
loop_
_struct_asym.id 
_struct_asym.pdbx_blank_PDB_chainid_flag 
_struct_asym.pdbx_modified 
_struct_asym.entity_id 
_struct_asym.details 
A N N 1 ? 
B N N 2 ? 
C N N 3 ? 
# 
_struct_ref.id                         1 
_struct_ref.db_name                    UNP 
_struct_ref.db_code                    CPC_CUCSA 
_struct_ref.entity_id                  1 
_struct_ref.pdbx_db_accession          P29602 
_struct_ref.pdbx_align_begin           1 
_struct_ref.pdbx_seq_one_letter_code   
;QSTVHIVGDNTGWSVPSSPNFYSQWAAGKTFRVGDSLQFNFPANAHNVHEMETKQSFDACNFVNSDNDVERTSPVIERLD
ELGMHYFVCTVGTHCSNGQKLSINVVAANATVSMPPPSSSPPSSVMPPPVMPPPSPS
;
_struct_ref.pdbx_db_isoform            ? 
# 
_struct_ref_seq.align_id                      1 
_struct_ref_seq.ref_id                        1 
_struct_ref_seq.pdbx_PDB_id_code              1JER 
_struct_ref_seq.pdbx_strand_id                A 
_struct_ref_seq.seq_align_beg                 2 
_struct_ref_seq.pdbx_seq_align_beg_ins_code   ? 
_struct_ref_seq.seq_align_end                 138 
_struct_ref_seq.pdbx_seq_align_end_ins_code   ? 
_struct_ref_seq.pdbx_db_accession             P29602 
_struct_ref_seq.db_align_beg                  1 
_struct_ref_seq.pdbx_db_align_beg_ins_code    ? 
_struct_ref_seq.db_align_end                  137 
_struct_ref_seq.pdbx_db_align_end_ins_code    ? 
_struct_ref_seq.pdbx_auth_seq_align_beg       1 
_struct_ref_seq.pdbx_auth_seq_align_end       137 
# 
_pdbx_struct_assembly.id                   1 
_pdbx_struct_assembly.details              author_defined_assembly 
_pdbx_struct_assembly.method_details       ? 
_pdbx_struct_assembly.oligomeric_details   dimeric 
_pdbx_struct_assembly.oligomeric_count     2 
# 
_pdbx_struct_assembly_gen.assembly_id       1 
_pdbx_struct_assembly_gen.oper_expression   1,2 
_pdbx_struct_assembly_gen.asym_id_list      A,B,C 
# 
loop_
_pdbx_struct_oper_list.id 
_pdbx_struct_oper_list.type 
_pdbx_struct_oper_list.name 
_pdbx_struct_oper_list.symmetry_operation 
_pdbx_struct_oper_list.matrix[1][1] 
_pdbx_struct_oper_list.matrix[1][2] 
_pdbx_struct_oper_list.matrix[1][3] 
_pdbx_struct_oper_list.vector[1] 
_pdbx_struct_oper_list.matrix[2][1] 
_pdbx_struct_oper_list.matrix[2][2] 
_pdbx_struct_oper_list.matrix[2][3] 
_pdbx_struct_oper_list.vector[2] 
_pdbx_struct_oper_list.matrix[3][1] 
_pdbx_struct_oper_list.matrix[3][2] 
_pdbx_struct_oper_list.matrix[3][3] 
_pdbx_struct_oper_list.vector[3] 
1 'identity operation'         1_555 x,y,z              1.0000000000 0.0000000000  0.0000000000  0.0000000000  0.0000000000  1.0000000000  0.0000000000 0.0000000000  0.0000000000  0.0000000000 1.0000000000  0.0000000000 
2 'crystal symmetry operation' 6_766 -x+2,-x+y+1,-z+4/3 0.1715029156 -0.8944077305 -0.4130636290 16.5297403227 -0.8944077305 -0.3171462250 0.3153618297 17.7616028027 -0.4130636290 0.3153618297 -0.8543566906 8.4212791554 
# 
_struct_biol.id   1 
# 
loop_
_struct_conf.conf_type_id 
_struct_conf.id 
_struct_conf.pdbx_PDB_helix_id 
_struct_conf.beg_label_comp_id 
_struct_conf.beg_label_asym_id 
_struct_conf.beg_label_seq_id 
_struct_conf.pdbx_beg_PDB_ins_code 
_struct_conf.end_label_comp_id 
_struct_conf.end_label_asym_id 
_struct_conf.end_label_seq_id 
_struct_conf.pdbx_end_PDB_ins_code 
_struct_conf.beg_auth_comp_id 
_struct_conf.beg_auth_asym_id 
_struct_conf.beg_auth_seq_id 
_struct_conf.end_auth_comp_id 
_struct_conf.end_auth_asym_id 
_struct_conf.end_auth_seq_id 
_struct_conf.pdbx_PDB_helix_class 
_struct_conf.details 
_struct_conf.pdbx_PDB_helix_length 
HELX_P HELX_P1 1 ASP A 10 ? THR A 12 ? ASP A 9  THR A 11 5 ? 3 
HELX_P HELX_P2 2 PHE A 22 ? GLY A 29 ? PHE A 21 GLY A 28 1 ? 8 
HELX_P HELX_P3 3 LYS A 55 ? ALA A 60 ? LYS A 54 ALA A 59 1 ? 6 
# 
_struct_conf_type.id          HELX_P 
_struct_conf_type.criteria    ? 
_struct_conf_type.reference   ? 
# 
loop_
_struct_conn.id 
_struct_conn.conn_type_id 
_struct_conn.pdbx_leaving_atom_flag 
_struct_conn.pdbx_PDB_id 
_struct_conn.ptnr1_label_asym_id 
_struct_conn.ptnr1_label_comp_id 
_struct_conn.ptnr1_label_seq_id 
_struct_conn.ptnr1_label_atom_id 
_struct_conn.pdbx_ptnr1_label_alt_id 
_struct_conn.pdbx_ptnr1_PDB_ins_code 
_struct_conn.pdbx_ptnr1_standard_comp_id 
_struct_conn.ptnr1_symmetry 
_struct_conn.ptnr2_label_asym_id 
_struct_conn.ptnr2_label_comp_id 
_struct_conn.ptnr2_label_seq_id 
_struct_conn.ptnr2_label_atom_id 
_struct_conn.pdbx_ptnr2_label_alt_id 
_struct_conn.pdbx_ptnr2_PDB_ins_code 
_struct_conn.ptnr1_auth_asym_id 
_struct_conn.ptnr1_auth_comp_id 
_struct_conn.ptnr1_auth_seq_id 
_struct_conn.ptnr2_auth_asym_id 
_struct_conn.ptnr2_auth_comp_id 
_struct_conn.ptnr2_auth_seq_id 
_struct_conn.ptnr2_symmetry 
_struct_conn.pdbx_ptnr3_label_atom_id 
_struct_conn.pdbx_ptnr3_label_seq_id 
_struct_conn.pdbx_ptnr3_label_comp_id 
_struct_conn.pdbx_ptnr3_label_asym_id 
_struct_conn.pdbx_ptnr3_label_alt_id 
_struct_conn.pdbx_ptnr3_PDB_ins_code 
_struct_conn.details 
_struct_conn.pdbx_dist_value 
_struct_conn.pdbx_value_order 
_struct_conn.pdbx_role 
disulf1 disulf ? ? A CYS 61  SG  ? ? ? 1_555 A CYS 96 SG ? ? A CYS 60 A CYS 95  1_555 ? ? ? ? ? ? ? 2.020 ? ? 
metalc1 metalc ? ? A HIS 47  ND1 ? ? ? 1_555 B CU  .  CU ? ? A HIS 46 A CU  138 1_555 ? ? ? ? ? ? ? 1.960 ? ? 
metalc2 metalc ? ? A CYS 90  SG  ? ? ? 1_555 B CU  .  CU ? ? A CYS 89 A CU  138 1_555 ? ? ? ? ? ? ? 2.178 ? ? 
metalc3 metalc ? ? A HIS 95  ND1 ? ? ? 1_555 B CU  .  CU ? ? A HIS 94 A CU  138 1_555 ? ? ? ? ? ? ? 2.043 ? ? 
metalc4 metalc ? ? A GLN 100 OE1 ? ? ? 1_555 B CU  .  CU ? ? A GLN 99 A CU  138 1_555 ? ? ? ? ? ? ? 2.210 ? ? 
# 
loop_
_struct_conn_type.id 
_struct_conn_type.criteria 
_struct_conn_type.reference 
disulf ? ? 
metalc ? ? 
# 
loop_
_pdbx_struct_conn_angle.id 
_pdbx_struct_conn_angle.ptnr1_label_atom_id 
_pdbx_struct_conn_angle.ptnr1_label_alt_id 
_pdbx_struct_conn_angle.ptnr1_label_asym_id 
_pdbx_struct_conn_angle.ptnr1_label_comp_id 
_pdbx_struct_conn_angle.ptnr1_label_seq_id 
_pdbx_struct_conn_angle.ptnr1_auth_atom_id 
_pdbx_struct_conn_angle.ptnr1_auth_asym_id 
_pdbx_struct_conn_angle.ptnr1_auth_comp_id 
_pdbx_struct_conn_angle.ptnr1_auth_seq_id 
_pdbx_struct_conn_angle.ptnr1_PDB_ins_code 
_pdbx_struct_conn_angle.ptnr1_symmetry 
_pdbx_struct_conn_angle.ptnr2_label_atom_id 
_pdbx_struct_conn_angle.ptnr2_label_alt_id 
_pdbx_struct_conn_angle.ptnr2_label_asym_id 
_pdbx_struct_conn_angle.ptnr2_label_comp_id 
_pdbx_struct_conn_angle.ptnr2_label_seq_id 
_pdbx_struct_conn_angle.ptnr2_auth_atom_id 
_pdbx_struct_conn_angle.ptnr2_auth_asym_id 
_pdbx_struct_conn_angle.ptnr2_auth_comp_id 
_pdbx_struct_conn_angle.ptnr2_auth_seq_id 
_pdbx_struct_conn_angle.ptnr2_PDB_ins_code 
_pdbx_struct_conn_angle.ptnr2_symmetry 
_pdbx_struct_conn_angle.ptnr3_label_atom_id 
_pdbx_struct_conn_angle.ptnr3_label_alt_id 
_pdbx_struct_conn_angle.ptnr3_label_asym_id 
_pdbx_struct_conn_angle.ptnr3_label_comp_id 
_pdbx_struct_conn_angle.ptnr3_label_seq_id 
_pdbx_struct_conn_angle.ptnr3_auth_atom_id 
_pdbx_struct_conn_angle.ptnr3_auth_asym_id 
_pdbx_struct_conn_angle.ptnr3_auth_comp_id 
_pdbx_struct_conn_angle.ptnr3_auth_seq_id 
_pdbx_struct_conn_angle.ptnr3_PDB_ins_code 
_pdbx_struct_conn_angle.ptnr3_symmetry 
_pdbx_struct_conn_angle.value 
_pdbx_struct_conn_angle.value_esd 
1 ND1 ? A HIS 47 ? A HIS 46 ? 1_555 CU ? B CU . ? A CU 138 ? 1_555 SG  ? A CYS 90  ? A CYS 89 ? 1_555 133.6 ? 
2 ND1 ? A HIS 47 ? A HIS 46 ? 1_555 CU ? B CU . ? A CU 138 ? 1_555 ND1 ? A HIS 95  ? A HIS 94 ? 1_555 101.3 ? 
3 SG  ? A CYS 90 ? A CYS 89 ? 1_555 CU ? B CU . ? A CU 138 ? 1_555 ND1 ? A HIS 95  ? A HIS 94 ? 1_555 117.6 ? 
4 ND1 ? A HIS 47 ? A HIS 46 ? 1_555 CU ? B CU . ? A CU 138 ? 1_555 OE1 ? A GLN 100 ? A GLN 99 ? 1_555 94.1  ? 
5 SG  ? A CYS 90 ? A CYS 89 ? 1_555 CU ? B CU . ? A CU 138 ? 1_555 OE1 ? A GLN 100 ? A GLN 99 ? 1_555 101.1 ? 
6 ND1 ? A HIS 95 ? A HIS 94 ? 1_555 CU ? B CU . ? A CU 138 ? 1_555 OE1 ? A GLN 100 ? A GLN 99 ? 1_555 101.9 ? 
# 
_pdbx_modification_feature.ordinal                            1 
_pdbx_modification_feature.label_comp_id                      CYS 
_pdbx_modification_feature.label_asym_id                      A 
_pdbx_modification_feature.label_seq_id                       61 
_pdbx_modification_feature.label_alt_id                       ? 
_pdbx_modification_feature.modified_residue_label_comp_id     CYS 
_pdbx_modification_feature.modified_residue_label_asym_id     A 
_pdbx_modification_feature.modified_residue_label_seq_id      96 
_pdbx_modification_feature.modified_residue_label_alt_id      ? 
_pdbx_modification_feature.auth_comp_id                       CYS 
_pdbx_modification_feature.auth_asym_id                       A 
_pdbx_modification_feature.auth_seq_id                        60 
_pdbx_modification_feature.PDB_ins_code                       ? 
_pdbx_modification_feature.symmetry                           1_555 
_pdbx_modification_feature.modified_residue_auth_comp_id      CYS 
_pdbx_modification_feature.modified_residue_auth_asym_id      A 
_pdbx_modification_feature.modified_residue_auth_seq_id       95 
_pdbx_modification_feature.modified_residue_PDB_ins_code      ? 
_pdbx_modification_feature.modified_residue_symmetry          1_555 
_pdbx_modification_feature.comp_id_linking_atom               SG 
_pdbx_modification_feature.modified_residue_id_linking_atom   SG 
_pdbx_modification_feature.modified_residue_id                . 
_pdbx_modification_feature.ref_pcm_id                         . 
_pdbx_modification_feature.ref_comp_id                        . 
_pdbx_modification_feature.type                               None 
_pdbx_modification_feature.category                           'Disulfide bridge' 
# 
_struct_mon_prot_cis.pdbx_id                1 
_struct_mon_prot_cis.label_comp_id          SER 
_struct_mon_prot_cis.label_seq_id           74 
_struct_mon_prot_cis.label_asym_id          A 
_struct_mon_prot_cis.label_alt_id           . 
_struct_mon_prot_cis.pdbx_PDB_ins_code      ? 
_struct_mon_prot_cis.auth_comp_id           SER 
_struct_mon_prot_cis.auth_seq_id            73 
_struct_mon_prot_cis.auth_asym_id           A 
_struct_mon_prot_cis.pdbx_label_comp_id_2   PRO 
_struct_mon_prot_cis.pdbx_label_seq_id_2    75 
_struct_mon_prot_cis.pdbx_label_asym_id_2   A 
_struct_mon_prot_cis.pdbx_PDB_ins_code_2    ? 
_struct_mon_prot_cis.pdbx_auth_comp_id_2    PRO 
_struct_mon_prot_cis.pdbx_auth_seq_id_2     74 
_struct_mon_prot_cis.pdbx_auth_asym_id_2    A 
_struct_mon_prot_cis.pdbx_PDB_model_num     1 
_struct_mon_prot_cis.pdbx_omega_angle       1.45 
# 
loop_
_struct_sheet.id 
_struct_sheet.type 
_struct_sheet.number_strands 
_struct_sheet.details 
A ? 3 ? 
B ? 3 ? 
# 
loop_
_struct_sheet_order.sheet_id 
_struct_sheet_order.range_id_1 
_struct_sheet_order.range_id_2 
_struct_sheet_order.offset 
_struct_sheet_order.sense 
A 1 2 ? parallel      
A 2 3 ? anti-parallel 
B 1 2 ? anti-parallel 
B 2 3 ? anti-parallel 
# 
loop_
_struct_sheet_range.sheet_id 
_struct_sheet_range.id 
_struct_sheet_range.beg_label_comp_id 
_struct_sheet_range.beg_label_asym_id 
_struct_sheet_range.beg_label_seq_id 
_struct_sheet_range.pdbx_beg_PDB_ins_code 
_struct_sheet_range.end_label_comp_id 
_struct_sheet_range.end_label_asym_id 
_struct_sheet_range.end_label_seq_id 
_struct_sheet_range.pdbx_end_PDB_ins_code 
_struct_sheet_range.beg_auth_comp_id 
_struct_sheet_range.beg_auth_asym_id 
_struct_sheet_range.beg_auth_seq_id 
_struct_sheet_range.end_auth_comp_id 
_struct_sheet_range.end_auth_asym_id 
_struct_sheet_range.end_auth_seq_id 
A 1 VAL A 5   ? ILE A 7   ? VAL A 4   ILE A 6   
A 2 SER A 37  ? PHE A 40  ? SER A 36  PHE A 39  
A 3 VAL A 76  ? ARG A 79  ? VAL A 75  ARG A 78  
B 1 HIS A 50  ? MET A 52  ? HIS A 49  MET A 51  
B 2 GLY A 84  ? VAL A 89  ? GLY A 83  VAL A 88  
B 3 LYS A 101 ? VAL A 106 ? LYS A 100 VAL A 105 
# 
loop_
_pdbx_struct_sheet_hbond.sheet_id 
_pdbx_struct_sheet_hbond.range_id_1 
_pdbx_struct_sheet_hbond.range_id_2 
_pdbx_struct_sheet_hbond.range_1_label_atom_id 
_pdbx_struct_sheet_hbond.range_1_label_comp_id 
_pdbx_struct_sheet_hbond.range_1_label_asym_id 
_pdbx_struct_sheet_hbond.range_1_label_seq_id 
_pdbx_struct_sheet_hbond.range_1_PDB_ins_code 
_pdbx_struct_sheet_hbond.range_1_auth_atom_id 
_pdbx_struct_sheet_hbond.range_1_auth_comp_id 
_pdbx_struct_sheet_hbond.range_1_auth_asym_id 
_pdbx_struct_sheet_hbond.range_1_auth_seq_id 
_pdbx_struct_sheet_hbond.range_2_label_atom_id 
_pdbx_struct_sheet_hbond.range_2_label_comp_id 
_pdbx_struct_sheet_hbond.range_2_label_asym_id 
_pdbx_struct_sheet_hbond.range_2_label_seq_id 
_pdbx_struct_sheet_hbond.range_2_PDB_ins_code 
_pdbx_struct_sheet_hbond.range_2_auth_atom_id 
_pdbx_struct_sheet_hbond.range_2_auth_comp_id 
_pdbx_struct_sheet_hbond.range_2_auth_asym_id 
_pdbx_struct_sheet_hbond.range_2_auth_seq_id 
A 1 2 O HIS A 6  ? O HIS A 5  N SER A 37  ? N SER A 36  
A 2 3 O LEU A 38 ? O LEU A 37 N GLU A 78  ? N GLU A 77  
B 1 2 O HIS A 50 ? O HIS A 49 N VAL A 89  ? N VAL A 88  
B 2 3 O GLY A 84 ? O GLY A 83 N VAL A 106 ? N VAL A 105 
# 
loop_
_struct_site.id 
_struct_site.pdbx_evidence_code 
_struct_site.pdbx_auth_asym_id 
_struct_site.pdbx_auth_comp_id 
_struct_site.pdbx_auth_seq_id 
_struct_site.pdbx_auth_ins_code 
_struct_site.pdbx_num_residues 
_struct_site.details 
CU  Unknown  ? ?  ?   ? 5 'COPPER COORDINATION AND PUTATIVE ELECTRON TRANSFER SITE.' 
AC1 Software A CU 138 ? 4 'BINDING SITE FOR RESIDUE CU A 138'                        
# 
loop_
_struct_site_gen.id 
_struct_site_gen.site_id 
_struct_site_gen.pdbx_num_res 
_struct_site_gen.label_comp_id 
_struct_site_gen.label_asym_id 
_struct_site_gen.label_seq_id 
_struct_site_gen.pdbx_auth_ins_code 
_struct_site_gen.auth_comp_id 
_struct_site_gen.auth_asym_id 
_struct_site_gen.auth_seq_id 
_struct_site_gen.label_atom_id 
_struct_site_gen.label_alt_id 
_struct_site_gen.symmetry 
_struct_site_gen.details 
1 CU  5 CU  B .   ? CU  A 138 . ? 1_555 ? 
2 CU  5 HIS A 47  ? HIS A 46  . ? 1_555 ? 
3 CU  5 CYS A 90  ? CYS A 89  . ? 1_555 ? 
4 CU  5 HIS A 95  ? HIS A 94  . ? 1_555 ? 
5 CU  5 GLN A 100 ? GLN A 99  . ? 1_555 ? 
6 AC1 4 HIS A 47  ? HIS A 46  . ? 1_555 ? 
7 AC1 4 CYS A 90  ? CYS A 89  . ? 1_555 ? 
8 AC1 4 HIS A 95  ? HIS A 94  . ? 1_555 ? 
9 AC1 4 GLN A 100 ? GLN A 99  . ? 1_555 ? 
# 
_pdbx_entry_details.entry_id                   1JER 
_pdbx_entry_details.compound_details           ? 
_pdbx_entry_details.source_details             ? 
_pdbx_entry_details.nonpolymer_details         ? 
_pdbx_entry_details.sequence_details           ? 
_pdbx_entry_details.has_ligand_of_interest     ? 
_pdbx_entry_details.has_protein_modification   Y 
# 
_pdbx_validate_close_contact.id               1 
_pdbx_validate_close_contact.PDB_model_num    1 
_pdbx_validate_close_contact.auth_atom_id_1   O 
_pdbx_validate_close_contact.auth_asym_id_1   A 
_pdbx_validate_close_contact.auth_comp_id_1   ASP 
_pdbx_validate_close_contact.auth_seq_id_1    66 
_pdbx_validate_close_contact.PDB_ins_code_1   ? 
_pdbx_validate_close_contact.label_alt_id_1   ? 
_pdbx_validate_close_contact.auth_atom_id_2   N 
_pdbx_validate_close_contact.auth_asym_id_2   A 
_pdbx_validate_close_contact.auth_comp_id_2   ASP 
_pdbx_validate_close_contact.auth_seq_id_2    68 
_pdbx_validate_close_contact.PDB_ins_code_2   ? 
_pdbx_validate_close_contact.label_alt_id_2   ? 
_pdbx_validate_close_contact.dist             1.80 
# 
_pdbx_validate_rmsd_angle.id                         1 
_pdbx_validate_rmsd_angle.PDB_model_num              1 
_pdbx_validate_rmsd_angle.auth_atom_id_1             NE 
_pdbx_validate_rmsd_angle.auth_asym_id_1             A 
_pdbx_validate_rmsd_angle.auth_comp_id_1             ARG 
_pdbx_validate_rmsd_angle.auth_seq_id_1              71 
_pdbx_validate_rmsd_angle.PDB_ins_code_1             ? 
_pdbx_validate_rmsd_angle.label_alt_id_1             ? 
_pdbx_validate_rmsd_angle.auth_atom_id_2             CZ 
_pdbx_validate_rmsd_angle.auth_asym_id_2             A 
_pdbx_validate_rmsd_angle.auth_comp_id_2             ARG 
_pdbx_validate_rmsd_angle.auth_seq_id_2              71 
_pdbx_validate_rmsd_angle.PDB_ins_code_2             ? 
_pdbx_validate_rmsd_angle.label_alt_id_2             ? 
_pdbx_validate_rmsd_angle.auth_atom_id_3             NH2 
_pdbx_validate_rmsd_angle.auth_asym_id_3             A 
_pdbx_validate_rmsd_angle.auth_comp_id_3             ARG 
_pdbx_validate_rmsd_angle.auth_seq_id_3              71 
_pdbx_validate_rmsd_angle.PDB_ins_code_3             ? 
_pdbx_validate_rmsd_angle.label_alt_id_3             ? 
_pdbx_validate_rmsd_angle.angle_value                123.99 
_pdbx_validate_rmsd_angle.angle_target_value         120.30 
_pdbx_validate_rmsd_angle.angle_deviation            3.69 
_pdbx_validate_rmsd_angle.angle_standard_deviation   0.50 
_pdbx_validate_rmsd_angle.linker_flag                N 
# 
loop_
_pdbx_validate_torsion.id 
_pdbx_validate_torsion.PDB_model_num 
_pdbx_validate_torsion.auth_comp_id 
_pdbx_validate_torsion.auth_asym_id 
_pdbx_validate_torsion.auth_seq_id 
_pdbx_validate_torsion.PDB_ins_code 
_pdbx_validate_torsion.label_alt_id 
_pdbx_validate_torsion.phi 
_pdbx_validate_torsion.psi 
1 1 ASP A 9  ? ? 48.93  -127.98 
2 1 ASN A 44 ? ? 67.81  -10.40  
3 1 ASN A 67 ? ? 7.71   -11.95  
4 1 ASP A 68 ? ? 101.16 -125.89 
5 1 VAL A 69 ? ? 103.75 -63.04  
# 
_pdbx_validate_chiral.id              1 
_pdbx_validate_chiral.PDB_model_num   1 
_pdbx_validate_chiral.auth_atom_id    CB 
_pdbx_validate_chiral.label_alt_id    ? 
_pdbx_validate_chiral.auth_asym_id    A 
_pdbx_validate_chiral.auth_comp_id    THR 
_pdbx_validate_chiral.auth_seq_id     53 
_pdbx_validate_chiral.PDB_ins_code    ? 
_pdbx_validate_chiral.details         'WRONG HAND' 
_pdbx_validate_chiral.omega           . 
# 
_pdbx_validate_planes.id              1 
_pdbx_validate_planes.PDB_model_num   1 
_pdbx_validate_planes.auth_comp_id    ARG 
_pdbx_validate_planes.auth_asym_id    A 
_pdbx_validate_planes.auth_seq_id     78 
_pdbx_validate_planes.PDB_ins_code    ? 
_pdbx_validate_planes.label_alt_id    ? 
_pdbx_validate_planes.rmsd            0.133 
_pdbx_validate_planes.type            'SIDE CHAIN' 
# 
_pdbx_struct_special_symmetry.id              1 
_pdbx_struct_special_symmetry.PDB_model_num   1 
_pdbx_struct_special_symmetry.auth_asym_id    A 
_pdbx_struct_special_symmetry.auth_comp_id    HOH 
_pdbx_struct_special_symmetry.auth_seq_id     139 
_pdbx_struct_special_symmetry.PDB_ins_code    ? 
_pdbx_struct_special_symmetry.label_asym_id   C 
_pdbx_struct_special_symmetry.label_comp_id   HOH 
_pdbx_struct_special_symmetry.label_seq_id    . 
# 
loop_
_pdbx_unobs_or_zero_occ_residues.id 
_pdbx_unobs_or_zero_occ_residues.PDB_model_num 
_pdbx_unobs_or_zero_occ_residues.polymer_flag 
_pdbx_unobs_or_zero_occ_residues.occupancy_flag 
_pdbx_unobs_or_zero_occ_residues.auth_asym_id 
_pdbx_unobs_or_zero_occ_residues.auth_comp_id 
_pdbx_unobs_or_zero_occ_residues.auth_seq_id 
_pdbx_unobs_or_zero_occ_residues.PDB_ins_code 
_pdbx_unobs_or_zero_occ_residues.label_asym_id 
_pdbx_unobs_or_zero_occ_residues.label_comp_id 
_pdbx_unobs_or_zero_occ_residues.label_seq_id 
1  1 Y 1 A ALA 110 ? A ALA 111 
2  1 Y 1 A THR 111 ? A THR 112 
3  1 Y 1 A VAL 112 ? A VAL 113 
4  1 Y 1 A SER 113 ? A SER 114 
5  1 Y 1 A MET 114 ? A MET 115 
6  1 Y 1 A PRO 115 ? A PRO 116 
7  1 Y 1 A PRO 116 ? A PRO 117 
8  1 Y 1 A PRO 117 ? A PRO 118 
9  1 Y 1 A SER 118 ? A SER 119 
10 1 Y 1 A SER 119 ? A SER 120 
11 1 Y 1 A SER 120 ? A SER 121 
12 1 Y 1 A PRO 121 ? A PRO 122 
13 1 Y 1 A PRO 122 ? A PRO 123 
14 1 Y 1 A SER 123 ? A SER 124 
15 1 Y 1 A SER 124 ? A SER 125 
16 1 Y 1 A VAL 125 ? A VAL 126 
17 1 Y 1 A MET 126 ? A MET 127 
18 1 Y 1 A PRO 127 ? A PRO 128 
19 1 Y 1 A PRO 128 ? A PRO 129 
20 1 Y 1 A PRO 129 ? A PRO 130 
21 1 Y 1 A VAL 130 ? A VAL 131 
22 1 Y 1 A MET 131 ? A MET 132 
23 1 Y 1 A PRO 132 ? A PRO 133 
24 1 Y 1 A PRO 133 ? A PRO 134 
25 1 Y 1 A PRO 134 ? A PRO 135 
26 1 Y 1 A SER 135 ? A SER 136 
27 1 Y 1 A PRO 136 ? A PRO 137 
28 1 Y 1 A SER 137 ? A SER 138 
# 
loop_
_chem_comp_atom.comp_id 
_chem_comp_atom.atom_id 
_chem_comp_atom.type_symbol 
_chem_comp_atom.pdbx_aromatic_flag 
_chem_comp_atom.pdbx_stereo_config 
_chem_comp_atom.pdbx_ordinal 
ALA N    N  N N 1   
ALA CA   C  N S 2   
ALA C    C  N N 3   
ALA O    O  N N 4   
ALA CB   C  N N 5   
ALA OXT  O  N N 6   
ALA H    H  N N 7   
ALA H2   H  N N 8   
ALA HA   H  N N 9   
ALA HB1  H  N N 10  
ALA HB2  H  N N 11  
ALA HB3  H  N N 12  
ALA HXT  H  N N 13  
ARG N    N  N N 14  
ARG CA   C  N S 15  
ARG C    C  N N 16  
ARG O    O  N N 17  
ARG CB   C  N N 18  
ARG CG   C  N N 19  
ARG CD   C  N N 20  
ARG NE   N  N N 21  
ARG CZ   C  N N 22  
ARG NH1  N  N N 23  
ARG NH2  N  N N 24  
ARG OXT  O  N N 25  
ARG H    H  N N 26  
ARG H2   H  N N 27  
ARG HA   H  N N 28  
ARG HB2  H  N N 29  
ARG HB3  H  N N 30  
ARG HG2  H  N N 31  
ARG HG3  H  N N 32  
ARG HD2  H  N N 33  
ARG HD3  H  N N 34  
ARG HE   H  N N 35  
ARG HH11 H  N N 36  
ARG HH12 H  N N 37  
ARG HH21 H  N N 38  
ARG HH22 H  N N 39  
ARG HXT  H  N N 40  
ASN N    N  N N 41  
ASN CA   C  N S 42  
ASN C    C  N N 43  
ASN O    O  N N 44  
ASN CB   C  N N 45  
ASN CG   C  N N 46  
ASN OD1  O  N N 47  
ASN ND2  N  N N 48  
ASN OXT  O  N N 49  
ASN H    H  N N 50  
ASN H2   H  N N 51  
ASN HA   H  N N 52  
ASN HB2  H  N N 53  
ASN HB3  H  N N 54  
ASN HD21 H  N N 55  
ASN HD22 H  N N 56  
ASN HXT  H  N N 57  
ASP N    N  N N 58  
ASP CA   C  N S 59  
ASP C    C  N N 60  
ASP O    O  N N 61  
ASP CB   C  N N 62  
ASP CG   C  N N 63  
ASP OD1  O  N N 64  
ASP OD2  O  N N 65  
ASP OXT  O  N N 66  
ASP H    H  N N 67  
ASP H2   H  N N 68  
ASP HA   H  N N 69  
ASP HB2  H  N N 70  
ASP HB3  H  N N 71  
ASP HD2  H  N N 72  
ASP HXT  H  N N 73  
CU  CU   CU N N 74  
CYS N    N  N N 75  
CYS CA   C  N R 76  
CYS C    C  N N 77  
CYS O    O  N N 78  
CYS CB   C  N N 79  
CYS SG   S  N N 80  
CYS OXT  O  N N 81  
CYS H    H  N N 82  
CYS H2   H  N N 83  
CYS HA   H  N N 84  
CYS HB2  H  N N 85  
CYS HB3  H  N N 86  
CYS HG   H  N N 87  
CYS HXT  H  N N 88  
GLN N    N  N N 89  
GLN CA   C  N S 90  
GLN C    C  N N 91  
GLN O    O  N N 92  
GLN CB   C  N N 93  
GLN CG   C  N N 94  
GLN CD   C  N N 95  
GLN OE1  O  N N 96  
GLN NE2  N  N N 97  
GLN OXT  O  N N 98  
GLN H    H  N N 99  
GLN H2   H  N N 100 
GLN HA   H  N N 101 
GLN HB2  H  N N 102 
GLN HB3  H  N N 103 
GLN HG2  H  N N 104 
GLN HG3  H  N N 105 
GLN HE21 H  N N 106 
GLN HE22 H  N N 107 
GLN HXT  H  N N 108 
GLU N    N  N N 109 
GLU CA   C  N S 110 
GLU C    C  N N 111 
GLU O    O  N N 112 
GLU CB   C  N N 113 
GLU CG   C  N N 114 
GLU CD   C  N N 115 
GLU OE1  O  N N 116 
GLU OE2  O  N N 117 
GLU OXT  O  N N 118 
GLU H    H  N N 119 
GLU H2   H  N N 120 
GLU HA   H  N N 121 
GLU HB2  H  N N 122 
GLU HB3  H  N N 123 
GLU HG2  H  N N 124 
GLU HG3  H  N N 125 
GLU HE2  H  N N 126 
GLU HXT  H  N N 127 
GLY N    N  N N 128 
GLY CA   C  N N 129 
GLY C    C  N N 130 
GLY O    O  N N 131 
GLY OXT  O  N N 132 
GLY H    H  N N 133 
GLY H2   H  N N 134 
GLY HA2  H  N N 135 
GLY HA3  H  N N 136 
GLY HXT  H  N N 137 
HIS N    N  N N 138 
HIS CA   C  N S 139 
HIS C    C  N N 140 
HIS O    O  N N 141 
HIS CB   C  N N 142 
HIS CG   C  Y N 143 
HIS ND1  N  Y N 144 
HIS CD2  C  Y N 145 
HIS CE1  C  Y N 146 
HIS NE2  N  Y N 147 
HIS OXT  O  N N 148 
HIS H    H  N N 149 
HIS H2   H  N N 150 
HIS HA   H  N N 151 
HIS HB2  H  N N 152 
HIS HB3  H  N N 153 
HIS HD1  H  N N 154 
HIS HD2  H  N N 155 
HIS HE1  H  N N 156 
HIS HE2  H  N N 157 
HIS HXT  H  N N 158 
HOH O    O  N N 159 
HOH H1   H  N N 160 
HOH H2   H  N N 161 
ILE N    N  N N 162 
ILE CA   C  N S 163 
ILE C    C  N N 164 
ILE O    O  N N 165 
ILE CB   C  N S 166 
ILE CG1  C  N N 167 
ILE CG2  C  N N 168 
ILE CD1  C  N N 169 
ILE OXT  O  N N 170 
ILE H    H  N N 171 
ILE H2   H  N N 172 
ILE HA   H  N N 173 
ILE HB   H  N N 174 
ILE HG12 H  N N 175 
ILE HG13 H  N N 176 
ILE HG21 H  N N 177 
ILE HG22 H  N N 178 
ILE HG23 H  N N 179 
ILE HD11 H  N N 180 
ILE HD12 H  N N 181 
ILE HD13 H  N N 182 
ILE HXT  H  N N 183 
LEU N    N  N N 184 
LEU CA   C  N S 185 
LEU C    C  N N 186 
LEU O    O  N N 187 
LEU CB   C  N N 188 
LEU CG   C  N N 189 
LEU CD1  C  N N 190 
LEU CD2  C  N N 191 
LEU OXT  O  N N 192 
LEU H    H  N N 193 
LEU H2   H  N N 194 
LEU HA   H  N N 195 
LEU HB2  H  N N 196 
LEU HB3  H  N N 197 
LEU HG   H  N N 198 
LEU HD11 H  N N 199 
LEU HD12 H  N N 200 
LEU HD13 H  N N 201 
LEU HD21 H  N N 202 
LEU HD22 H  N N 203 
LEU HD23 H  N N 204 
LEU HXT  H  N N 205 
LYS N    N  N N 206 
LYS CA   C  N S 207 
LYS C    C  N N 208 
LYS O    O  N N 209 
LYS CB   C  N N 210 
LYS CG   C  N N 211 
LYS CD   C  N N 212 
LYS CE   C  N N 213 
LYS NZ   N  N N 214 
LYS OXT  O  N N 215 
LYS H    H  N N 216 
LYS H2   H  N N 217 
LYS HA   H  N N 218 
LYS HB2  H  N N 219 
LYS HB3  H  N N 220 
LYS HG2  H  N N 221 
LYS HG3  H  N N 222 
LYS HD2  H  N N 223 
LYS HD3  H  N N 224 
LYS HE2  H  N N 225 
LYS HE3  H  N N 226 
LYS HZ1  H  N N 227 
LYS HZ2  H  N N 228 
LYS HZ3  H  N N 229 
LYS HXT  H  N N 230 
MET N    N  N N 231 
MET CA   C  N S 232 
MET C    C  N N 233 
MET O    O  N N 234 
MET CB   C  N N 235 
MET CG   C  N N 236 
MET SD   S  N N 237 
MET CE   C  N N 238 
MET OXT  O  N N 239 
MET H    H  N N 240 
MET H2   H  N N 241 
MET HA   H  N N 242 
MET HB2  H  N N 243 
MET HB3  H  N N 244 
MET HG2  H  N N 245 
MET HG3  H  N N 246 
MET HE1  H  N N 247 
MET HE2  H  N N 248 
MET HE3  H  N N 249 
MET HXT  H  N N 250 
PHE N    N  N N 251 
PHE CA   C  N S 252 
PHE C    C  N N 253 
PHE O    O  N N 254 
PHE CB   C  N N 255 
PHE CG   C  Y N 256 
PHE CD1  C  Y N 257 
PHE CD2  C  Y N 258 
PHE CE1  C  Y N 259 
PHE CE2  C  Y N 260 
PHE CZ   C  Y N 261 
PHE OXT  O  N N 262 
PHE H    H  N N 263 
PHE H2   H  N N 264 
PHE HA   H  N N 265 
PHE HB2  H  N N 266 
PHE HB3  H  N N 267 
PHE HD1  H  N N 268 
PHE HD2  H  N N 269 
PHE HE1  H  N N 270 
PHE HE2  H  N N 271 
PHE HZ   H  N N 272 
PHE HXT  H  N N 273 
PRO N    N  N N 274 
PRO CA   C  N S 275 
PRO C    C  N N 276 
PRO O    O  N N 277 
PRO CB   C  N N 278 
PRO CG   C  N N 279 
PRO CD   C  N N 280 
PRO OXT  O  N N 281 
PRO H    H  N N 282 
PRO HA   H  N N 283 
PRO HB2  H  N N 284 
PRO HB3  H  N N 285 
PRO HG2  H  N N 286 
PRO HG3  H  N N 287 
PRO HD2  H  N N 288 
PRO HD3  H  N N 289 
PRO HXT  H  N N 290 
SER N    N  N N 291 
SER CA   C  N S 292 
SER C    C  N N 293 
SER O    O  N N 294 
SER CB   C  N N 295 
SER OG   O  N N 296 
SER OXT  O  N N 297 
SER H    H  N N 298 
SER H2   H  N N 299 
SER HA   H  N N 300 
SER HB2  H  N N 301 
SER HB3  H  N N 302 
SER HG   H  N N 303 
SER HXT  H  N N 304 
THR N    N  N N 305 
THR CA   C  N S 306 
THR C    C  N N 307 
THR O    O  N N 308 
THR CB   C  N R 309 
THR OG1  O  N N 310 
THR CG2  C  N N 311 
THR OXT  O  N N 312 
THR H    H  N N 313 
THR H2   H  N N 314 
THR HA   H  N N 315 
THR HB   H  N N 316 
THR HG1  H  N N 317 
THR HG21 H  N N 318 
THR HG22 H  N N 319 
THR HG23 H  N N 320 
THR HXT  H  N N 321 
TRP N    N  N N 322 
TRP CA   C  N S 323 
TRP C    C  N N 324 
TRP O    O  N N 325 
TRP CB   C  N N 326 
TRP CG   C  Y N 327 
TRP CD1  C  Y N 328 
TRP CD2  C  Y N 329 
TRP NE1  N  Y N 330 
TRP CE2  C  Y N 331 
TRP CE3  C  Y N 332 
TRP CZ2  C  Y N 333 
TRP CZ3  C  Y N 334 
TRP CH2  C  Y N 335 
TRP OXT  O  N N 336 
TRP H    H  N N 337 
TRP H2   H  N N 338 
TRP HA   H  N N 339 
TRP HB2  H  N N 340 
TRP HB3  H  N N 341 
TRP HD1  H  N N 342 
TRP HE1  H  N N 343 
TRP HE3  H  N N 344 
TRP HZ2  H  N N 345 
TRP HZ3  H  N N 346 
TRP HH2  H  N N 347 
TRP HXT  H  N N 348 
TYR N    N  N N 349 
TYR CA   C  N S 350 
TYR C    C  N N 351 
TYR O    O  N N 352 
TYR CB   C  N N 353 
TYR CG   C  Y N 354 
TYR CD1  C  Y N 355 
TYR CD2  C  Y N 356 
TYR CE1  C  Y N 357 
TYR CE2  C  Y N 358 
TYR CZ   C  Y N 359 
TYR OH   O  N N 360 
TYR OXT  O  N N 361 
TYR H    H  N N 362 
TYR H2   H  N N 363 
TYR HA   H  N N 364 
TYR HB2  H  N N 365 
TYR HB3  H  N N 366 
TYR HD1  H  N N 367 
TYR HD2  H  N N 368 
TYR HE1  H  N N 369 
TYR HE2  H  N N 370 
TYR HH   H  N N 371 
TYR HXT  H  N N 372 
VAL N    N  N N 373 
VAL CA   C  N S 374 
VAL C    C  N N 375 
VAL O    O  N N 376 
VAL CB   C  N N 377 
VAL CG1  C  N N 378 
VAL CG2  C  N N 379 
VAL OXT  O  N N 380 
VAL H    H  N N 381 
VAL H2   H  N N 382 
VAL HA   H  N N 383 
VAL HB   H  N N 384 
VAL HG11 H  N N 385 
VAL HG12 H  N N 386 
VAL HG13 H  N N 387 
VAL HG21 H  N N 388 
VAL HG22 H  N N 389 
VAL HG23 H  N N 390 
VAL HXT  H  N N 391 
# 
loop_
_chem_comp_bond.comp_id 
_chem_comp_bond.atom_id_1 
_chem_comp_bond.atom_id_2 
_chem_comp_bond.value_order 
_chem_comp_bond.pdbx_aromatic_flag 
_chem_comp_bond.pdbx_stereo_config 
_chem_comp_bond.pdbx_ordinal 
ALA N   CA   sing N N 1   
ALA N   H    sing N N 2   
ALA N   H2   sing N N 3   
ALA CA  C    sing N N 4   
ALA CA  CB   sing N N 5   
ALA CA  HA   sing N N 6   
ALA C   O    doub N N 7   
ALA C   OXT  sing N N 8   
ALA CB  HB1  sing N N 9   
ALA CB  HB2  sing N N 10  
ALA CB  HB3  sing N N 11  
ALA OXT HXT  sing N N 12  
ARG N   CA   sing N N 13  
ARG N   H    sing N N 14  
ARG N   H2   sing N N 15  
ARG CA  C    sing N N 16  
ARG CA  CB   sing N N 17  
ARG CA  HA   sing N N 18  
ARG C   O    doub N N 19  
ARG C   OXT  sing N N 20  
ARG CB  CG   sing N N 21  
ARG CB  HB2  sing N N 22  
ARG CB  HB3  sing N N 23  
ARG CG  CD   sing N N 24  
ARG CG  HG2  sing N N 25  
ARG CG  HG3  sing N N 26  
ARG CD  NE   sing N N 27  
ARG CD  HD2  sing N N 28  
ARG CD  HD3  sing N N 29  
ARG NE  CZ   sing N N 30  
ARG NE  HE   sing N N 31  
ARG CZ  NH1  sing N N 32  
ARG CZ  NH2  doub N N 33  
ARG NH1 HH11 sing N N 34  
ARG NH1 HH12 sing N N 35  
ARG NH2 HH21 sing N N 36  
ARG NH2 HH22 sing N N 37  
ARG OXT HXT  sing N N 38  
ASN N   CA   sing N N 39  
ASN N   H    sing N N 40  
ASN N   H2   sing N N 41  
ASN CA  C    sing N N 42  
ASN CA  CB   sing N N 43  
ASN CA  HA   sing N N 44  
ASN C   O    doub N N 45  
ASN C   OXT  sing N N 46  
ASN CB  CG   sing N N 47  
ASN CB  HB2  sing N N 48  
ASN CB  HB3  sing N N 49  
ASN CG  OD1  doub N N 50  
ASN CG  ND2  sing N N 51  
ASN ND2 HD21 sing N N 52  
ASN ND2 HD22 sing N N 53  
ASN OXT HXT  sing N N 54  
ASP N   CA   sing N N 55  
ASP N   H    sing N N 56  
ASP N   H2   sing N N 57  
ASP CA  C    sing N N 58  
ASP CA  CB   sing N N 59  
ASP CA  HA   sing N N 60  
ASP C   O    doub N N 61  
ASP C   OXT  sing N N 62  
ASP CB  CG   sing N N 63  
ASP CB  HB2  sing N N 64  
ASP CB  HB3  sing N N 65  
ASP CG  OD1  doub N N 66  
ASP CG  OD2  sing N N 67  
ASP OD2 HD2  sing N N 68  
ASP OXT HXT  sing N N 69  
CYS N   CA   sing N N 70  
CYS N   H    sing N N 71  
CYS N   H2   sing N N 72  
CYS CA  C    sing N N 73  
CYS CA  CB   sing N N 74  
CYS CA  HA   sing N N 75  
CYS C   O    doub N N 76  
CYS C   OXT  sing N N 77  
CYS CB  SG   sing N N 78  
CYS CB  HB2  sing N N 79  
CYS CB  HB3  sing N N 80  
CYS SG  HG   sing N N 81  
CYS OXT HXT  sing N N 82  
GLN N   CA   sing N N 83  
GLN N   H    sing N N 84  
GLN N   H2   sing N N 85  
GLN CA  C    sing N N 86  
GLN CA  CB   sing N N 87  
GLN CA  HA   sing N N 88  
GLN C   O    doub N N 89  
GLN C   OXT  sing N N 90  
GLN CB  CG   sing N N 91  
GLN CB  HB2  sing N N 92  
GLN CB  HB3  sing N N 93  
GLN CG  CD   sing N N 94  
GLN CG  HG2  sing N N 95  
GLN CG  HG3  sing N N 96  
GLN CD  OE1  doub N N 97  
GLN CD  NE2  sing N N 98  
GLN NE2 HE21 sing N N 99  
GLN NE2 HE22 sing N N 100 
GLN OXT HXT  sing N N 101 
GLU N   CA   sing N N 102 
GLU N   H    sing N N 103 
GLU N   H2   sing N N 104 
GLU CA  C    sing N N 105 
GLU CA  CB   sing N N 106 
GLU CA  HA   sing N N 107 
GLU C   O    doub N N 108 
GLU C   OXT  sing N N 109 
GLU CB  CG   sing N N 110 
GLU CB  HB2  sing N N 111 
GLU CB  HB3  sing N N 112 
GLU CG  CD   sing N N 113 
GLU CG  HG2  sing N N 114 
GLU CG  HG3  sing N N 115 
GLU CD  OE1  doub N N 116 
GLU CD  OE2  sing N N 117 
GLU OE2 HE2  sing N N 118 
GLU OXT HXT  sing N N 119 
GLY N   CA   sing N N 120 
GLY N   H    sing N N 121 
GLY N   H2   sing N N 122 
GLY CA  C    sing N N 123 
GLY CA  HA2  sing N N 124 
GLY CA  HA3  sing N N 125 
GLY C   O    doub N N 126 
GLY C   OXT  sing N N 127 
GLY OXT HXT  sing N N 128 
HIS N   CA   sing N N 129 
HIS N   H    sing N N 130 
HIS N   H2   sing N N 131 
HIS CA  C    sing N N 132 
HIS CA  CB   sing N N 133 
HIS CA  HA   sing N N 134 
HIS C   O    doub N N 135 
HIS C   OXT  sing N N 136 
HIS CB  CG   sing N N 137 
HIS CB  HB2  sing N N 138 
HIS CB  HB3  sing N N 139 
HIS CG  ND1  sing Y N 140 
HIS CG  CD2  doub Y N 141 
HIS ND1 CE1  doub Y N 142 
HIS ND1 HD1  sing N N 143 
HIS CD2 NE2  sing Y N 144 
HIS CD2 HD2  sing N N 145 
HIS CE1 NE2  sing Y N 146 
HIS CE1 HE1  sing N N 147 
HIS NE2 HE2  sing N N 148 
HIS OXT HXT  sing N N 149 
HOH O   H1   sing N N 150 
HOH O   H2   sing N N 151 
ILE N   CA   sing N N 152 
ILE N   H    sing N N 153 
ILE N   H2   sing N N 154 
ILE CA  C    sing N N 155 
ILE CA  CB   sing N N 156 
ILE CA  HA   sing N N 157 
ILE C   O    doub N N 158 
ILE C   OXT  sing N N 159 
ILE CB  CG1  sing N N 160 
ILE CB  CG2  sing N N 161 
ILE CB  HB   sing N N 162 
ILE CG1 CD1  sing N N 163 
ILE CG1 HG12 sing N N 164 
ILE CG1 HG13 sing N N 165 
ILE CG2 HG21 sing N N 166 
ILE CG2 HG22 sing N N 167 
ILE CG2 HG23 sing N N 168 
ILE CD1 HD11 sing N N 169 
ILE CD1 HD12 sing N N 170 
ILE CD1 HD13 sing N N 171 
ILE OXT HXT  sing N N 172 
LEU N   CA   sing N N 173 
LEU N   H    sing N N 174 
LEU N   H2   sing N N 175 
LEU CA  C    sing N N 176 
LEU CA  CB   sing N N 177 
LEU CA  HA   sing N N 178 
LEU C   O    doub N N 179 
LEU C   OXT  sing N N 180 
LEU CB  CG   sing N N 181 
LEU CB  HB2  sing N N 182 
LEU CB  HB3  sing N N 183 
LEU CG  CD1  sing N N 184 
LEU CG  CD2  sing N N 185 
LEU CG  HG   sing N N 186 
LEU CD1 HD11 sing N N 187 
LEU CD1 HD12 sing N N 188 
LEU CD1 HD13 sing N N 189 
LEU CD2 HD21 sing N N 190 
LEU CD2 HD22 sing N N 191 
LEU CD2 HD23 sing N N 192 
LEU OXT HXT  sing N N 193 
LYS N   CA   sing N N 194 
LYS N   H    sing N N 195 
LYS N   H2   sing N N 196 
LYS CA  C    sing N N 197 
LYS CA  CB   sing N N 198 
LYS CA  HA   sing N N 199 
LYS C   O    doub N N 200 
LYS C   OXT  sing N N 201 
LYS CB  CG   sing N N 202 
LYS CB  HB2  sing N N 203 
LYS CB  HB3  sing N N 204 
LYS CG  CD   sing N N 205 
LYS CG  HG2  sing N N 206 
LYS CG  HG3  sing N N 207 
LYS CD  CE   sing N N 208 
LYS CD  HD2  sing N N 209 
LYS CD  HD3  sing N N 210 
LYS CE  NZ   sing N N 211 
LYS CE  HE2  sing N N 212 
LYS CE  HE3  sing N N 213 
LYS NZ  HZ1  sing N N 214 
LYS NZ  HZ2  sing N N 215 
LYS NZ  HZ3  sing N N 216 
LYS OXT HXT  sing N N 217 
MET N   CA   sing N N 218 
MET N   H    sing N N 219 
MET N   H2   sing N N 220 
MET CA  C    sing N N 221 
MET CA  CB   sing N N 222 
MET CA  HA   sing N N 223 
MET C   O    doub N N 224 
MET C   OXT  sing N N 225 
MET CB  CG   sing N N 226 
MET CB  HB2  sing N N 227 
MET CB  HB3  sing N N 228 
MET CG  SD   sing N N 229 
MET CG  HG2  sing N N 230 
MET CG  HG3  sing N N 231 
MET SD  CE   sing N N 232 
MET CE  HE1  sing N N 233 
MET CE  HE2  sing N N 234 
MET CE  HE3  sing N N 235 
MET OXT HXT  sing N N 236 
PHE N   CA   sing N N 237 
PHE N   H    sing N N 238 
PHE N   H2   sing N N 239 
PHE CA  C    sing N N 240 
PHE CA  CB   sing N N 241 
PHE CA  HA   sing N N 242 
PHE C   O    doub N N 243 
PHE C   OXT  sing N N 244 
PHE CB  CG   sing N N 245 
PHE CB  HB2  sing N N 246 
PHE CB  HB3  sing N N 247 
PHE CG  CD1  doub Y N 248 
PHE CG  CD2  sing Y N 249 
PHE CD1 CE1  sing Y N 250 
PHE CD1 HD1  sing N N 251 
PHE CD2 CE2  doub Y N 252 
PHE CD2 HD2  sing N N 253 
PHE CE1 CZ   doub Y N 254 
PHE CE1 HE1  sing N N 255 
PHE CE2 CZ   sing Y N 256 
PHE CE2 HE2  sing N N 257 
PHE CZ  HZ   sing N N 258 
PHE OXT HXT  sing N N 259 
PRO N   CA   sing N N 260 
PRO N   CD   sing N N 261 
PRO N   H    sing N N 262 
PRO CA  C    sing N N 263 
PRO CA  CB   sing N N 264 
PRO CA  HA   sing N N 265 
PRO C   O    doub N N 266 
PRO C   OXT  sing N N 267 
PRO CB  CG   sing N N 268 
PRO CB  HB2  sing N N 269 
PRO CB  HB3  sing N N 270 
PRO CG  CD   sing N N 271 
PRO CG  HG2  sing N N 272 
PRO CG  HG3  sing N N 273 
PRO CD  HD2  sing N N 274 
PRO CD  HD3  sing N N 275 
PRO OXT HXT  sing N N 276 
SER N   CA   sing N N 277 
SER N   H    sing N N 278 
SER N   H2   sing N N 279 
SER CA  C    sing N N 280 
SER CA  CB   sing N N 281 
SER CA  HA   sing N N 282 
SER C   O    doub N N 283 
SER C   OXT  sing N N 284 
SER CB  OG   sing N N 285 
SER CB  HB2  sing N N 286 
SER CB  HB3  sing N N 287 
SER OG  HG   sing N N 288 
SER OXT HXT  sing N N 289 
THR N   CA   sing N N 290 
THR N   H    sing N N 291 
THR N   H2   sing N N 292 
THR CA  C    sing N N 293 
THR CA  CB   sing N N 294 
THR CA  HA   sing N N 295 
THR C   O    doub N N 296 
THR C   OXT  sing N N 297 
THR CB  OG1  sing N N 298 
THR CB  CG2  sing N N 299 
THR CB  HB   sing N N 300 
THR OG1 HG1  sing N N 301 
THR CG2 HG21 sing N N 302 
THR CG2 HG22 sing N N 303 
THR CG2 HG23 sing N N 304 
THR OXT HXT  sing N N 305 
TRP N   CA   sing N N 306 
TRP N   H    sing N N 307 
TRP N   H2   sing N N 308 
TRP CA  C    sing N N 309 
TRP CA  CB   sing N N 310 
TRP CA  HA   sing N N 311 
TRP C   O    doub N N 312 
TRP C   OXT  sing N N 313 
TRP CB  CG   sing N N 314 
TRP CB  HB2  sing N N 315 
TRP CB  HB3  sing N N 316 
TRP CG  CD1  doub Y N 317 
TRP CG  CD2  sing Y N 318 
TRP CD1 NE1  sing Y N 319 
TRP CD1 HD1  sing N N 320 
TRP CD2 CE2  doub Y N 321 
TRP CD2 CE3  sing Y N 322 
TRP NE1 CE2  sing Y N 323 
TRP NE1 HE1  sing N N 324 
TRP CE2 CZ2  sing Y N 325 
TRP CE3 CZ3  doub Y N 326 
TRP CE3 HE3  sing N N 327 
TRP CZ2 CH2  doub Y N 328 
TRP CZ2 HZ2  sing N N 329 
TRP CZ3 CH2  sing Y N 330 
TRP CZ3 HZ3  sing N N 331 
TRP CH2 HH2  sing N N 332 
TRP OXT HXT  sing N N 333 
TYR N   CA   sing N N 334 
TYR N   H    sing N N 335 
TYR N   H2   sing N N 336 
TYR CA  C    sing N N 337 
TYR CA  CB   sing N N 338 
TYR CA  HA   sing N N 339 
TYR C   O    doub N N 340 
TYR C   OXT  sing N N 341 
TYR CB  CG   sing N N 342 
TYR CB  HB2  sing N N 343 
TYR CB  HB3  sing N N 344 
TYR CG  CD1  doub Y N 345 
TYR CG  CD2  sing Y N 346 
TYR CD1 CE1  sing Y N 347 
TYR CD1 HD1  sing N N 348 
TYR CD2 CE2  doub Y N 349 
TYR CD2 HD2  sing N N 350 
TYR CE1 CZ   doub Y N 351 
TYR CE1 HE1  sing N N 352 
TYR CE2 CZ   sing Y N 353 
TYR CE2 HE2  sing N N 354 
TYR CZ  OH   sing N N 355 
TYR OH  HH   sing N N 356 
TYR OXT HXT  sing N N 357 
VAL N   CA   sing N N 358 
VAL N   H    sing N N 359 
VAL N   H2   sing N N 360 
VAL CA  C    sing N N 361 
VAL CA  CB   sing N N 362 
VAL CA  HA   sing N N 363 
VAL C   O    doub N N 364 
VAL C   OXT  sing N N 365 
VAL CB  CG1  sing N N 366 
VAL CB  CG2  sing N N 367 
VAL CB  HB   sing N N 368 
VAL CG1 HG11 sing N N 369 
VAL CG1 HG12 sing N N 370 
VAL CG1 HG13 sing N N 371 
VAL CG2 HG21 sing N N 372 
VAL CG2 HG22 sing N N 373 
VAL CG2 HG23 sing N N 374 
VAL OXT HXT  sing N N 375 
# 
_atom_sites.entry_id                    1JER 
_atom_sites.fract_transf_matrix[1][1]   0.01235719 
_atom_sites.fract_transf_matrix[1][2]   0.01479892 
_atom_sites.fract_transf_matrix[1][3]   0.00300227 
_atom_sites.fract_transf_matrix[2][1]   -0.00675415 
_atom_sites.fract_transf_matrix[2][2]   0.01727317 
_atom_sites.fract_transf_matrix[2][3]   0.00606111 
_atom_sites.fract_transf_matrix[3][1]   0.00154644 
_atom_sites.fract_transf_matrix[3][2]   -0.00388973 
_atom_sites.fract_transf_matrix[3][3]   0.01280836 
_atom_sites.fract_transf_vector[1]      0.753823 
_atom_sites.fract_transf_vector[2]      0.501494 
_atom_sites.fract_transf_vector[3]      0.634485 
# 
loop_
_atom_type.symbol 
C  
CU 
N  
O  
S  
# 
loop_
_atom_site.group_PDB 
_atom_site.id 
_atom_site.type_symbol 
_atom_site.label_atom_id 
_atom_site.label_alt_id 
_atom_site.label_comp_id 
_atom_site.label_asym_id 
_atom_site.label_entity_id 
_atom_site.label_seq_id 
_atom_site.pdbx_PDB_ins_code 
_atom_site.Cartn_x 
_atom_site.Cartn_y 
_atom_site.Cartn_z 
_atom_site.occupancy 
_atom_site.B_iso_or_equiv 
_atom_site.pdbx_formal_charge 
_atom_site.auth_seq_id 
_atom_site.auth_comp_id 
_atom_site.auth_asym_id 
_atom_site.auth_atom_id 
_atom_site.pdbx_PDB_model_num 
ATOM   1   N  N   . MET A 1 1   ? 17.898  0.131   18.274  1.00 43.31 ? 0   MET A N   1 
ATOM   2   C  CA  . MET A 1 1   ? 17.155  -0.625  17.309  1.00 42.58 ? 0   MET A CA  1 
ATOM   3   C  C   . MET A 1 1   ? 16.438  0.227   16.272  1.00 41.78 ? 0   MET A C   1 
ATOM   4   O  O   . MET A 1 1   ? 15.456  0.913   16.545  1.00 41.49 ? 0   MET A O   1 
ATOM   5   N  N   . GLN A 1 2   ? 16.900  0.130   15.026  1.00 41.03 ? 1   GLN A N   1 
ATOM   6   C  CA  . GLN A 1 2   ? 16.257  0.807   13.906  1.00 37.31 ? 1   GLN A CA  1 
ATOM   7   C  C   . GLN A 1 2   ? 14.927  0.054   13.563  1.00 38.15 ? 1   GLN A C   1 
ATOM   8   O  O   . GLN A 1 2   ? 14.907  -1.164  13.702  1.00 54.34 ? 1   GLN A O   1 
ATOM   9   C  CB  . GLN A 1 2   ? 17.142  0.663   12.645  1.00 39.74 ? 1   GLN A CB  1 
ATOM   10  C  CG  . GLN A 1 2   ? 18.545  1.258   12.822  1.00 43.17 ? 1   GLN A CG  1 
ATOM   11  C  CD  . GLN A 1 2   ? 18.436  2.756   13.120  1.00 43.89 ? 1   GLN A CD  1 
ATOM   12  O  OE1 . GLN A 1 2   ? 18.699  3.189   14.237  1.00 47.38 ? 1   GLN A OE1 1 
ATOM   13  N  NE2 . GLN A 1 2   ? 18.039  3.487   12.099  1.00 27.27 ? 1   GLN A NE2 1 
ATOM   14  N  N   . SER A 1 3   ? 13.968  0.806   13.104  1.00 27.19 ? 2   SER A N   1 
ATOM   15  C  CA  . SER A 1 3   ? 12.712  0.395   12.545  1.00 22.13 ? 2   SER A CA  1 
ATOM   16  C  C   . SER A 1 3   ? 12.976  -0.178  11.160  1.00 20.81 ? 2   SER A C   1 
ATOM   17  O  O   . SER A 1 3   ? 14.084  0.009   10.655  1.00 22.17 ? 2   SER A O   1 
ATOM   18  C  CB  . SER A 1 3   ? 11.678  1.503   12.486  1.00 25.67 ? 2   SER A CB  1 
ATOM   19  O  OG  . SER A 1 3   ? 11.259  1.858   13.826  1.00 26.15 ? 2   SER A OG  1 
ATOM   20  N  N   . THR A 1 4   ? 12.003  -0.871  10.588  1.00 19.70 ? 3   THR A N   1 
ATOM   21  C  CA  . THR A 1 4   ? 12.287  -1.504  9.281   1.00 17.32 ? 3   THR A CA  1 
ATOM   22  C  C   . THR A 1 4   ? 11.643  -0.680  8.174   1.00 16.49 ? 3   THR A C   1 
ATOM   23  O  O   . THR A 1 4   ? 10.514  -0.238  8.308   1.00 19.69 ? 3   THR A O   1 
ATOM   24  C  CB  . THR A 1 4   ? 11.567  -2.902  9.299   1.00 21.11 ? 3   THR A CB  1 
ATOM   25  O  OG1 . THR A 1 4   ? 12.272  -3.669  10.316  1.00 25.86 ? 3   THR A OG1 1 
ATOM   26  C  CG2 . THR A 1 4   ? 11.824  -3.666  8.021   1.00 19.51 ? 3   THR A CG2 1 
ATOM   27  N  N   . VAL A 1 5   ? 12.322  -0.640  7.020   1.00 17.00 ? 4   VAL A N   1 
ATOM   28  C  CA  . VAL A 1 5   ? 11.609  -0.033  5.836   1.00 15.15 ? 4   VAL A CA  1 
ATOM   29  C  C   . VAL A 1 5   ? 11.249  -1.233  4.963   1.00 14.17 ? 4   VAL A C   1 
ATOM   30  O  O   . VAL A 1 5   ? 12.113  -1.981  4.472   1.00 19.65 ? 4   VAL A O   1 
ATOM   31  C  CB  . VAL A 1 5   ? 12.576  0.899   5.086   1.00 21.44 ? 4   VAL A CB  1 
ATOM   32  C  CG1 . VAL A 1 5   ? 11.851  1.480   3.841   1.00 22.34 ? 4   VAL A CG1 1 
ATOM   33  C  CG2 . VAL A 1 5   ? 13.026  2.041   6.002   1.00 19.63 ? 4   VAL A CG2 1 
ATOM   34  N  N   . HIS A 1 6   ? 9.958   -1.529  4.870   1.00 15.20 ? 5   HIS A N   1 
ATOM   35  C  CA  . HIS A 1 6   ? 9.597   -2.765  4.119   1.00 14.99 ? 5   HIS A CA  1 
ATOM   36  C  C   . HIS A 1 6   ? 9.428   -2.356  2.631   1.00 18.01 ? 5   HIS A C   1 
ATOM   37  O  O   . HIS A 1 6   ? 8.839   -1.309  2.381   1.00 21.29 ? 5   HIS A O   1 
ATOM   38  C  CB  . HIS A 1 6   ? 8.238   -3.240  4.617   1.00 13.85 ? 5   HIS A CB  1 
ATOM   39  C  CG  . HIS A 1 6   ? 8.210   -3.512  6.087   1.00 17.76 ? 5   HIS A CG  1 
ATOM   40  N  ND1 . HIS A 1 6   ? 8.546   -4.771  6.587   1.00 20.57 ? 5   HIS A ND1 1 
ATOM   41  C  CD2 . HIS A 1 6   ? 7.832   -2.718  7.122   1.00 19.83 ? 5   HIS A CD2 1 
ATOM   42  C  CE1 . HIS A 1 6   ? 8.384   -4.723  7.920   1.00 21.64 ? 5   HIS A CE1 1 
ATOM   43  N  NE2 . HIS A 1 6   ? 7.970   -3.509  8.265   1.00 20.18 ? 5   HIS A NE2 1 
ATOM   44  N  N   . ILE A 1 7   ? 9.882   -3.196  1.751   1.00 17.72 ? 6   ILE A N   1 
ATOM   45  C  CA  . ILE A 1 7   ? 9.732   -2.886  0.303   1.00 13.75 ? 6   ILE A CA  1 
ATOM   46  C  C   . ILE A 1 7   ? 8.494   -3.646  -0.196  1.00 14.47 ? 6   ILE A C   1 
ATOM   47  O  O   . ILE A 1 7   ? 8.460   -4.846  -0.197  1.00 17.57 ? 6   ILE A O   1 
ATOM   48  C  CB  . ILE A 1 7   ? 10.968  -3.406  -0.465  1.00 19.29 ? 6   ILE A CB  1 
ATOM   49  C  CG1 . ILE A 1 7   ? 12.279  -2.737  0.043   1.00 23.67 ? 6   ILE A CG1 1 
ATOM   50  C  CG2 . ILE A 1 7   ? 10.790  -3.007  -1.955  1.00 19.42 ? 6   ILE A CG2 1 
ATOM   51  C  CD1 . ILE A 1 7   ? 12.198  -1.215  -0.053  1.00 29.94 ? 6   ILE A CD1 1 
ATOM   52  N  N   . VAL A 1 8   ? 7.443   -2.873  -0.494  1.00 15.76 ? 7   VAL A N   1 
ATOM   53  C  CA  . VAL A 1 8   ? 6.167   -3.491  -0.849  1.00 15.60 ? 7   VAL A CA  1 
ATOM   54  C  C   . VAL A 1 8   ? 6.361   -4.391  -2.062  1.00 17.82 ? 7   VAL A C   1 
ATOM   55  O  O   . VAL A 1 8   ? 6.876   -3.954  -3.089  1.00 17.04 ? 7   VAL A O   1 
ATOM   56  C  CB  . VAL A 1 8   ? 5.126   -2.404  -1.147  1.00 15.04 ? 7   VAL A CB  1 
ATOM   57  C  CG1 . VAL A 1 8   ? 3.844   -3.039  -1.684  1.00 15.82 ? 7   VAL A CG1 1 
ATOM   58  C  CG2 . VAL A 1 8   ? 4.808   -1.590  0.098   1.00 14.91 ? 7   VAL A CG2 1 
ATOM   59  N  N   . GLY A 1 9   ? 6.000   -5.659  -1.919  1.00 18.43 ? 8   GLY A N   1 
ATOM   60  C  CA  . GLY A 1 9   ? 6.175   -6.626  -3.005  1.00 18.60 ? 8   GLY A CA  1 
ATOM   61  C  C   . GLY A 1 9   ? 7.595   -7.080  -3.216  1.00 16.30 ? 8   GLY A C   1 
ATOM   62  O  O   . GLY A 1 9   ? 7.857   -7.767  -4.231  1.00 19.86 ? 8   GLY A O   1 
ATOM   63  N  N   . ASP A 1 10  ? 8.503   -6.751  -2.302  1.00 16.49 ? 9   ASP A N   1 
ATOM   64  C  CA  . ASP A 1 10  ? 9.913   -7.097  -2.406  1.00 16.80 ? 9   ASP A CA  1 
ATOM   65  C  C   . ASP A 1 10  ? 10.434  -6.718  -3.795  1.00 20.65 ? 9   ASP A C   1 
ATOM   66  O  O   . ASP A 1 10  ? 10.206  -5.555  -4.229  1.00 20.38 ? 9   ASP A O   1 
ATOM   67  C  CB  . ASP A 1 10  ? 10.156  -8.558  -2.074  1.00 20.50 ? 9   ASP A CB  1 
ATOM   68  C  CG  . ASP A 1 10  ? 9.724   -8.878  -0.619  1.00 28.63 ? 9   ASP A CG  1 
ATOM   69  O  OD1 . ASP A 1 10  ? 9.831   -7.983  0.220   1.00 29.14 ? 9   ASP A OD1 1 
ATOM   70  O  OD2 . ASP A 1 10  ? 9.362   -10.026 -0.387  1.00 37.03 ? 9   ASP A OD2 1 
ATOM   71  N  N   . ASN A 1 11  ? 11.070  -7.635  -4.504  1.00 18.53 ? 10  ASN A N   1 
ATOM   72  C  CA  . ASN A 1 11  ? 11.712  -7.257  -5.811  1.00 19.31 ? 10  ASN A CA  1 
ATOM   73  C  C   . ASN A 1 11  ? 10.669  -6.887  -6.854  1.00 18.67 ? 10  ASN A C   1 
ATOM   74  O  O   . ASN A 1 11  ? 11.028  -6.227  -7.862  1.00 23.23 ? 10  ASN A O   1 
ATOM   75  C  CB  . ASN A 1 11  ? 12.502  -8.470  -6.328  1.00 20.74 ? 10  ASN A CB  1 
ATOM   76  C  CG  . ASN A 1 11  ? 13.778  -8.757  -5.576  1.00 26.57 ? 10  ASN A CG  1 
ATOM   77  O  OD1 . ASN A 1 11  ? 14.259  -9.913  -5.608  1.00 42.14 ? 10  ASN A OD1 1 
ATOM   78  N  ND2 . ASN A 1 11  ? 14.367  -7.779  -4.943  1.00 21.80 ? 10  ASN A ND2 1 
ATOM   79  N  N   . THR A 1 12  ? 9.439   -7.286  -6.675  1.00 16.99 ? 11  THR A N   1 
ATOM   80  C  CA  . THR A 1 12  ? 8.395   -6.993  -7.675  1.00 18.90 ? 11  THR A CA  1 
ATOM   81  C  C   . THR A 1 12  ? 7.954   -5.571  -7.636  1.00 19.12 ? 11  THR A C   1 
ATOM   82  O  O   . THR A 1 12  ? 7.583   -4.931  -8.646  1.00 22.42 ? 11  THR A O   1 
ATOM   83  C  CB  . THR A 1 12  ? 7.200   -7.930  -7.482  1.00 20.14 ? 11  THR A CB  1 
ATOM   84  O  OG1 . THR A 1 12  ? 7.639   -9.271  -7.680  1.00 21.67 ? 11  THR A OG1 1 
ATOM   85  C  CG2 . THR A 1 12  ? 6.089   -7.603  -8.456  1.00 22.19 ? 11  THR A CG2 1 
ATOM   86  N  N   . GLY A 1 13  ? 8.012   -4.961  -6.418  1.00 15.19 ? 12  GLY A N   1 
ATOM   87  C  CA  . GLY A 1 13  ? 7.596   -3.561  -6.387  1.00 13.59 ? 12  GLY A CA  1 
ATOM   88  C  C   . GLY A 1 13  ? 6.089   -3.443  -6.441  1.00 16.68 ? 12  GLY A C   1 
ATOM   89  O  O   . GLY A 1 13  ? 5.360   -4.398  -6.186  1.00 19.52 ? 12  GLY A O   1 
ATOM   90  N  N   . TRP A 1 14  ? 5.618   -2.236  -6.750  1.00 15.32 ? 13  TRP A N   1 
ATOM   91  C  CA  . TRP A 1 14  ? 4.186   -1.925  -6.714  1.00 14.41 ? 13  TRP A CA  1 
ATOM   92  C  C   . TRP A 1 14  ? 3.667   -1.881  -8.168  1.00 17.00 ? 13  TRP A C   1 
ATOM   93  O  O   . TRP A 1 14  ? 4.055   -0.980  -8.904  1.00 19.37 ? 13  TRP A O   1 
ATOM   94  C  CB  . TRP A 1 14  ? 4.072   -0.514  -6.127  1.00 16.31 ? 13  TRP A CB  1 
ATOM   95  C  CG  . TRP A 1 14  ? 2.718   0.017   -5.813  1.00 13.03 ? 13  TRP A CG  1 
ATOM   96  C  CD1 . TRP A 1 14  ? 2.308   1.292   -6.200  1.00 13.03 ? 13  TRP A CD1 1 
ATOM   97  C  CD2 . TRP A 1 14  ? 1.640   -0.526  -5.062  1.00 14.08 ? 13  TRP A CD2 1 
ATOM   98  N  NE1 . TRP A 1 14  ? 1.027   1.510   -5.741  1.00 15.24 ? 13  TRP A NE1 1 
ATOM   99  C  CE2 . TRP A 1 14  ? 0.589   0.428   -5.043  1.00 13.83 ? 13  TRP A CE2 1 
ATOM   100 C  CE3 . TRP A 1 14  ? 1.420   -1.755  -4.409  1.00 14.44 ? 13  TRP A CE3 1 
ATOM   101 C  CZ2 . TRP A 1 14  ? -0.626  0.237   -4.410  1.00 14.61 ? 13  TRP A CZ2 1 
ATOM   102 C  CZ3 . TRP A 1 14  ? 0.185   -1.940  -3.769  1.00 15.71 ? 13  TRP A CZ3 1 
ATOM   103 C  CH2 . TRP A 1 14  ? -0.822  -0.974  -3.764  1.00 16.13 ? 13  TRP A CH2 1 
ATOM   104 N  N   . SER A 1 15  ? 2.896   -2.878  -8.554  1.00 15.84 ? 14  SER A N   1 
ATOM   105 C  CA  . SER A 1 15  ? 2.374   -2.858  -9.958  1.00 16.58 ? 14  SER A CA  1 
ATOM   106 C  C   . SER A 1 15  ? 1.106   -3.663  -9.976  1.00 20.29 ? 14  SER A C   1 
ATOM   107 O  O   . SER A 1 15  ? 0.662   -4.179  -8.915  1.00 18.54 ? 14  SER A O   1 
ATOM   108 C  CB  . SER A 1 15  ? 3.397   -3.352  -10.958 1.00 18.18 ? 14  SER A CB  1 
ATOM   109 O  OG  . SER A 1 15  ? 3.786   -4.684  -10.729 1.00 22.80 ? 14  SER A OG  1 
ATOM   110 N  N   . VAL A 1 16  ? 0.456   -3.797  -11.117 1.00 17.61 ? 15  VAL A N   1 
ATOM   111 C  CA  . VAL A 1 16  ? -0.737  -4.663  -11.125 1.00 15.80 ? 15  VAL A CA  1 
ATOM   112 C  C   . VAL A 1 16  ? -0.262  -6.105  -11.218 1.00 17.98 ? 15  VAL A C   1 
ATOM   113 O  O   . VAL A 1 16  ? 0.445   -6.495  -12.143 1.00 18.15 ? 15  VAL A O   1 
ATOM   114 C  CB  . VAL A 1 16  ? -1.552  -4.345  -12.431 1.00 17.28 ? 15  VAL A CB  1 
ATOM   115 C  CG1 . VAL A 1 16  ? -2.757  -5.261  -12.486 1.00 17.34 ? 15  VAL A CG1 1 
ATOM   116 C  CG2 . VAL A 1 16  ? -1.986  -2.878  -12.327 1.00 16.25 ? 15  VAL A CG2 1 
ATOM   117 N  N   . PRO A 1 17  ? -0.647  -6.930  -10.254 1.00 19.27 ? 16  PRO A N   1 
ATOM   118 C  CA  . PRO A 1 17  ? -0.064  -8.266  -10.170 1.00 21.64 ? 16  PRO A CA  1 
ATOM   119 C  C   . PRO A 1 17  ? -0.760  -9.261  -11.116 1.00 28.79 ? 16  PRO A C   1 
ATOM   120 O  O   . PRO A 1 17  ? -1.868  -8.999  -11.573 1.00 27.34 ? 16  PRO A O   1 
ATOM   121 C  CB  . PRO A 1 17  ? -0.399  -8.670  -8.717  1.00 23.32 ? 16  PRO A CB  1 
ATOM   122 C  CG  . PRO A 1 17  ? -1.740  -8.026  -8.487  1.00 21.90 ? 16  PRO A CG  1 
ATOM   123 C  CD  . PRO A 1 17  ? -1.682  -6.692  -9.212  1.00 18.97 ? 16  PRO A CD  1 
ATOM   124 N  N   . SER A 1 18  ? -0.055  -10.362 -11.373 1.00 31.97 ? 17  SER A N   1 
ATOM   125 C  CA  . SER A 1 18  ? -0.636  -11.431 -12.227 1.00 39.84 ? 17  SER A CA  1 
ATOM   126 C  C   . SER A 1 18  ? -1.686  -12.183 -11.428 1.00 42.52 ? 17  SER A C   1 
ATOM   127 O  O   . SER A 1 18  ? -2.757  -12.541 -11.926 1.00 47.19 ? 17  SER A O   1 
ATOM   128 C  CB  . SER A 1 18  ? 0.513   -12.355 -12.654 1.00 38.69 ? 17  SER A CB  1 
ATOM   129 O  OG  . SER A 1 18  ? 1.753   -11.680 -12.385 1.00 44.85 ? 17  SER A OG  1 
ATOM   130 N  N   . SER A 1 19  ? -1.441  -12.351 -10.122 1.00 37.57 ? 18  SER A N   1 
ATOM   131 C  CA  . SER A 1 19  ? -2.506  -12.991 -9.294  1.00 38.31 ? 18  SER A CA  1 
ATOM   132 C  C   . SER A 1 19  ? -3.058  -11.937 -8.332  1.00 38.30 ? 18  SER A C   1 
ATOM   133 O  O   . SER A 1 19  ? -2.295  -11.199 -7.708  1.00 35.87 ? 18  SER A O   1 
ATOM   134 C  CB  . SER A 1 19  ? -1.884  -14.105 -8.441  1.00 46.79 ? 18  SER A CB  1 
ATOM   135 O  OG  . SER A 1 19  ? -1.738  -15.306 -9.183  1.00 75.55 ? 18  SER A OG  1 
ATOM   136 N  N   . PRO A 1 20  ? -4.373  -11.879 -8.197  1.00 38.39 ? 19  PRO A N   1 
ATOM   137 C  CA  . PRO A 1 20  ? -4.987  -10.894 -7.333  1.00 36.83 ? 19  PRO A CA  1 
ATOM   138 C  C   . PRO A 1 20  ? -4.639  -11.012 -5.878  1.00 31.17 ? 19  PRO A C   1 
ATOM   139 O  O   . PRO A 1 20  ? -4.853  -10.088 -5.101  1.00 34.83 ? 19  PRO A O   1 
ATOM   140 C  CB  . PRO A 1 20  ? -6.490  -11.075 -7.576  1.00 39.75 ? 19  PRO A CB  1 
ATOM   141 C  CG  . PRO A 1 20  ? -6.618  -12.485 -8.068  1.00 39.73 ? 19  PRO A CG  1 
ATOM   142 C  CD  . PRO A 1 20  ? -5.375  -12.730 -8.877  1.00 42.75 ? 19  PRO A CD  1 
ATOM   143 N  N   . ASN A 1 21  ? -4.101  -12.156 -5.450  1.00 27.62 ? 20  ASN A N   1 
ATOM   144 C  CA  . ASN A 1 21  ? -3.795  -12.308 -4.024  1.00 28.55 ? 20  ASN A CA  1 
ATOM   145 C  C   . ASN A 1 21  ? -2.350  -11.932 -3.738  1.00 24.72 ? 20  ASN A C   1 
ATOM   146 O  O   . ASN A 1 21  ? -1.850  -12.175 -2.622  1.00 23.30 ? 20  ASN A O   1 
ATOM   147 C  CB  . ASN A 1 21  ? -3.916  -13.840 -3.702  1.00 41.39 ? 20  ASN A CB  1 
ATOM   148 C  CG  . ASN A 1 21  ? -2.942  -14.638 -4.564  1.00 51.19 ? 20  ASN A CG  1 
ATOM   149 O  OD1 . ASN A 1 21  ? -2.332  -15.602 -4.084  1.00 70.33 ? 20  ASN A OD1 1 
ATOM   150 N  ND2 . ASN A 1 21  ? -2.786  -14.240 -5.821  1.00 53.50 ? 20  ASN A ND2 1 
ATOM   151 N  N   . PHE A 1 22  ? -1.620  -11.454 -4.738  1.00 19.83 ? 21  PHE A N   1 
ATOM   152 C  CA  . PHE A 1 22  ? -0.205  -11.194 -4.552  1.00 19.41 ? 21  PHE A CA  1 
ATOM   153 C  C   . PHE A 1 22  ? 0.142   -10.367 -3.342  1.00 16.81 ? 21  PHE A C   1 
ATOM   154 O  O   . PHE A 1 22  ? 1.053   -10.695 -2.558  1.00 18.68 ? 21  PHE A O   1 
ATOM   155 C  CB  . PHE A 1 22  ? 0.358   -10.553 -5.837  1.00 18.94 ? 21  PHE A CB  1 
ATOM   156 C  CG  . PHE A 1 22  ? 1.851   -10.288 -5.756  1.00 21.38 ? 21  PHE A CG  1 
ATOM   157 C  CD1 . PHE A 1 22  ? 2.769   -11.288 -5.975  1.00 27.67 ? 21  PHE A CD1 1 
ATOM   158 C  CD2 . PHE A 1 22  ? 2.314   -9.009  -5.449  1.00 20.86 ? 21  PHE A CD2 1 
ATOM   159 C  CE1 . PHE A 1 22  ? 4.132   -11.058 -5.885  1.00 27.92 ? 21  PHE A CE1 1 
ATOM   160 C  CE2 . PHE A 1 22  ? 3.651   -8.767  -5.353  1.00 23.85 ? 21  PHE A CE2 1 
ATOM   161 C  CZ  . PHE A 1 22  ? 4.581   -9.799  -5.522  1.00 26.99 ? 21  PHE A CZ  1 
ATOM   162 N  N   . TYR A 1 23  ? -0.458  -9.190  -3.165  1.00 15.13 ? 22  TYR A N   1 
ATOM   163 C  CA  . TYR A 1 23  ? 0.032   -8.323  -2.066  1.00 12.88 ? 22  TYR A CA  1 
ATOM   164 C  C   . TYR A 1 23  ? -0.487  -8.798  -0.732  1.00 17.37 ? 22  TYR A C   1 
ATOM   165 O  O   . TYR A 1 23  ? 0.135   -8.527  0.298   1.00 19.32 ? 22  TYR A O   1 
ATOM   166 C  CB  . TYR A 1 23  ? -0.458  -6.860  -2.329  1.00 14.65 ? 22  TYR A CB  1 
ATOM   167 C  CG  . TYR A 1 23  ? 0.442   -6.303  -3.434  1.00 15.04 ? 22  TYR A CG  1 
ATOM   168 C  CD1 . TYR A 1 23  ? 1.765   -6.088  -3.229  1.00 13.78 ? 22  TYR A CD1 1 
ATOM   169 C  CD2 . TYR A 1 23  ? -0.120  -6.061  -4.705  1.00 17.43 ? 22  TYR A CD2 1 
ATOM   170 C  CE1 . TYR A 1 23  ? 2.590   -5.584  -4.245  1.00 19.31 ? 22  TYR A CE1 1 
ATOM   171 C  CE2 . TYR A 1 23  ? 0.711   -5.602  -5.711  1.00 15.86 ? 22  TYR A CE2 1 
ATOM   172 C  CZ  . TYR A 1 23  ? 2.023   -5.357  -5.496  1.00 19.63 ? 22  TYR A CZ  1 
ATOM   173 O  OH  . TYR A 1 23  ? 2.856   -4.930  -6.526  1.00 19.19 ? 22  TYR A OH  1 
ATOM   174 N  N   . SER A 1 24  ? -1.608  -9.538  -0.725  1.00 15.58 ? 23  SER A N   1 
ATOM   175 C  CA  . SER A 1 24  ? -2.014  -9.997  0.631   1.00 23.56 ? 23  SER A CA  1 
ATOM   176 C  C   . SER A 1 24  ? -1.168  -11.166 1.046   1.00 22.76 ? 23  SER A C   1 
ATOM   177 O  O   . SER A 1 24  ? -0.851  -11.374 2.226   1.00 20.97 ? 23  SER A O   1 
ATOM   178 C  CB  . SER A 1 24  ? -3.489  -10.161 0.768   1.00 32.73 ? 23  SER A CB  1 
ATOM   179 O  OG  . SER A 1 24  ? -3.968  -11.184 -0.072  1.00 40.01 ? 23  SER A OG  1 
ATOM   180 N  N   . GLN A 1 25  ? -0.627  -11.952 0.082   1.00 19.24 ? 24  GLN A N   1 
ATOM   181 C  CA  . GLN A 1 25  ? 0.332   -12.975 0.562   1.00 20.79 ? 24  GLN A CA  1 
ATOM   182 C  C   . GLN A 1 25  ? 1.618   -12.319 1.014   1.00 22.60 ? 24  GLN A C   1 
ATOM   183 O  O   . GLN A 1 25  ? 2.311   -12.791 1.927   1.00 21.74 ? 24  GLN A O   1 
ATOM   184 C  CB  . GLN A 1 25  ? 0.616   -13.982 -0.571  1.00 30.49 ? 24  GLN A CB  1 
ATOM   185 C  CG  . GLN A 1 25  ? -0.567  -14.939 -0.778  1.00 42.78 ? 24  GLN A CG  1 
ATOM   186 C  CD  . GLN A 1 25  ? -0.314  -15.994 -1.823  1.00 50.03 ? 24  GLN A CD  1 
ATOM   187 O  OE1 . GLN A 1 25  ? 0.363   -15.768 -2.824  1.00 57.73 ? 24  GLN A OE1 1 
ATOM   188 N  NE2 . GLN A 1 25  ? -0.886  -17.179 -1.612  1.00 56.10 ? 24  GLN A NE2 1 
ATOM   189 N  N   . TRP A 1 26  ? 2.026   -11.221 0.341   1.00 17.20 ? 25  TRP A N   1 
ATOM   190 C  CA  . TRP A 1 26  ? 3.272   -10.573 0.717   1.00 17.11 ? 25  TRP A CA  1 
ATOM   191 C  C   . TRP A 1 26  ? 3.135   -10.015 2.129   1.00 19.43 ? 25  TRP A C   1 
ATOM   192 O  O   . TRP A 1 26  ? 4.003   -10.204 2.990   1.00 19.87 ? 25  TRP A O   1 
ATOM   193 C  CB  . TRP A 1 26  ? 3.510   -9.356  -0.288  1.00 18.48 ? 25  TRP A CB  1 
ATOM   194 C  CG  . TRP A 1 26  ? 4.688   -8.537  0.212   1.00 18.08 ? 25  TRP A CG  1 
ATOM   195 C  CD1 . TRP A 1 26  ? 6.003   -8.827  0.027   1.00 17.41 ? 25  TRP A CD1 1 
ATOM   196 C  CD2 . TRP A 1 26  ? 4.631   -7.314  0.963   1.00 15.99 ? 25  TRP A CD2 1 
ATOM   197 N  NE1 . TRP A 1 26  ? 6.772   -7.852  0.652   1.00 17.94 ? 25  TRP A NE1 1 
ATOM   198 C  CE2 . TRP A 1 26  ? 5.949   -6.928  1.221   1.00 17.29 ? 25  TRP A CE2 1 
ATOM   199 C  CE3 . TRP A 1 26  ? 3.588   -6.522  1.444   1.00 16.83 ? 25  TRP A CE3 1 
ATOM   200 C  CZ2 . TRP A 1 26  ? 6.294   -5.778  1.957   1.00 18.00 ? 25  TRP A CZ2 1 
ATOM   201 C  CZ3 . TRP A 1 26  ? 3.923   -5.392  2.163   1.00 19.27 ? 25  TRP A CZ3 1 
ATOM   202 C  CH2 . TRP A 1 26  ? 5.249   -5.017  2.409   1.00 20.05 ? 25  TRP A CH2 1 
ATOM   203 N  N   . ALA A 1 27  ? 2.016   -9.347  2.412   1.00 18.61 ? 26  ALA A N   1 
ATOM   204 C  CA  . ALA A 1 27  ? 1.812   -8.735  3.730   1.00 17.56 ? 26  ALA A CA  1 
ATOM   205 C  C   . ALA A 1 27  ? 1.728   -9.809  4.825   1.00 20.45 ? 26  ALA A C   1 
ATOM   206 O  O   . ALA A 1 27  ? 2.254   -9.578  5.922   1.00 18.58 ? 26  ALA A O   1 
ATOM   207 C  CB  . ALA A 1 27  ? 0.513   -7.932  3.731   1.00 17.72 ? 26  ALA A CB  1 
ATOM   208 N  N   . ALA A 1 28  ? 1.135   -10.960 4.519   1.00 16.82 ? 27  ALA A N   1 
ATOM   209 C  CA  . ALA A 1 28  ? 1.010   -11.994 5.597   1.00 18.54 ? 27  ALA A CA  1 
ATOM   210 C  C   . ALA A 1 28  ? 2.332   -12.602 5.968   1.00 20.85 ? 27  ALA A C   1 
ATOM   211 O  O   . ALA A 1 28  ? 2.441   -13.315 7.003   1.00 20.90 ? 27  ALA A O   1 
ATOM   212 C  CB  . ALA A 1 28  ? 0.033   -13.065 5.088   1.00 21.71 ? 27  ALA A CB  1 
ATOM   213 N  N   . GLY A 1 29  ? 3.415   -12.419 5.213   1.00 14.46 ? 28  GLY A N   1 
ATOM   214 C  CA  . GLY A 1 29  ? 4.699   -12.935 5.598   1.00 16.21 ? 28  GLY A CA  1 
ATOM   215 C  C   . GLY A 1 29  ? 5.517   -11.995 6.448   1.00 16.91 ? 28  GLY A C   1 
ATOM   216 O  O   . GLY A 1 29  ? 6.678   -12.294 6.761   1.00 19.44 ? 28  GLY A O   1 
ATOM   217 N  N   . LYS A 1 30  ? 5.001   -10.810 6.773   1.00 17.48 ? 29  LYS A N   1 
ATOM   218 C  CA  . LYS A 1 30  ? 5.797   -9.800  7.510   1.00 17.74 ? 29  LYS A CA  1 
ATOM   219 C  C   . LYS A 1 30  ? 5.064   -9.427  8.835   1.00 17.42 ? 29  LYS A C   1 
ATOM   220 O  O   . LYS A 1 30  ? 3.887   -9.663  8.968   1.00 17.14 ? 29  LYS A O   1 
ATOM   221 C  CB  . LYS A 1 30  ? 5.738   -8.463  6.705   1.00 19.52 ? 29  LYS A CB  1 
ATOM   222 C  CG  . LYS A 1 30  ? 6.165   -8.639  5.257   1.00 27.81 ? 29  LYS A CG  1 
ATOM   223 C  CD  . LYS A 1 30  ? 7.635   -8.832  5.134   1.00 28.94 ? 29  LYS A CD  1 
ATOM   224 C  CE  . LYS A 1 30  ? 8.080   -8.845  3.650   1.00 34.69 ? 29  LYS A CE  1 
ATOM   225 N  NZ  . LYS A 1 30  ? 9.558   -8.567  3.612   1.00 48.79 ? 29  LYS A NZ  1 
ATOM   226 N  N   . THR A 1 31  ? 5.830   -8.745  9.702   1.00 15.90 ? 30  THR A N   1 
ATOM   227 C  CA  . THR A 1 31  ? 5.183   -8.144  10.912  1.00 14.55 ? 30  THR A CA  1 
ATOM   228 C  C   . THR A 1 31  ? 5.465   -6.624  10.827  1.00 15.56 ? 30  THR A C   1 
ATOM   229 O  O   . THR A 1 31  ? 6.637   -6.270  10.571  1.00 17.25 ? 30  THR A O   1 
ATOM   230 C  CB  . THR A 1 31  ? 5.831   -8.696  12.179  1.00 17.05 ? 30  THR A CB  1 
ATOM   231 O  OG1 . THR A 1 31  ? 5.417   -10.049 12.317  1.00 19.05 ? 30  THR A OG1 1 
ATOM   232 C  CG2 . THR A 1 31  ? 5.382   -7.952  13.432  1.00 20.53 ? 30  THR A CG2 1 
ATOM   233 N  N   . PHE A 1 32  ? 4.446   -5.806  10.910  1.00 15.68 ? 31  PHE A N   1 
ATOM   234 C  CA  . PHE A 1 32  ? 4.659   -4.350  10.726  1.00 20.22 ? 31  PHE A CA  1 
ATOM   235 C  C   . PHE A 1 32  ? 4.491   -3.657  12.091  1.00 17.40 ? 31  PHE A C   1 
ATOM   236 O  O   . PHE A 1 32  ? 3.456   -3.878  12.711  1.00 16.76 ? 31  PHE A O   1 
ATOM   237 C  CB  . PHE A 1 32  ? 3.527   -3.830  9.789   1.00 18.05 ? 31  PHE A CB  1 
ATOM   238 C  CG  . PHE A 1 32  ? 3.625   -4.483  8.408   1.00 18.62 ? 31  PHE A CG  1 
ATOM   239 C  CD1 . PHE A 1 32  ? 4.577   -4.054  7.501   1.00 19.10 ? 31  PHE A CD1 1 
ATOM   240 C  CD2 . PHE A 1 32  ? 2.781   -5.527  8.074   1.00 19.47 ? 31  PHE A CD2 1 
ATOM   241 C  CE1 . PHE A 1 32  ? 4.670   -4.666  6.254   1.00 19.91 ? 31  PHE A CE1 1 
ATOM   242 C  CE2 . PHE A 1 32  ? 2.889   -6.161  6.828   1.00 18.78 ? 31  PHE A CE2 1 
ATOM   243 C  CZ  . PHE A 1 32  ? 3.840   -5.725  5.922   1.00 17.57 ? 31  PHE A CZ  1 
ATOM   244 N  N   . ARG A 1 33  ? 5.460   -2.860  12.484  1.00 18.21 ? 32  ARG A N   1 
ATOM   245 C  CA  . ARG A 1 33  ? 5.364   -2.191  13.814  1.00 16.77 ? 32  ARG A CA  1 
ATOM   246 C  C   . ARG A 1 33  ? 5.368   -0.676  13.649  1.00 23.53 ? 32  ARG A C   1 
ATOM   247 O  O   . ARG A 1 33  ? 5.990   -0.159  12.702  1.00 19.31 ? 32  ARG A O   1 
ATOM   248 C  CB  . ARG A 1 33  ? 6.620   -2.563  14.617  1.00 17.92 ? 32  ARG A CB  1 
ATOM   249 C  CG  . ARG A 1 33  ? 6.695   -4.062  14.918  1.00 23.79 ? 32  ARG A CG  1 
ATOM   250 C  CD  . ARG A 1 33  ? 7.956   -4.353  15.752  1.00 27.34 ? 32  ARG A CD  1 
ATOM   251 N  NE  . ARG A 1 33  ? 8.069   -5.787  16.024  1.00 31.39 ? 32  ARG A NE  1 
ATOM   252 C  CZ  . ARG A 1 33  ? 7.402   -6.408  16.992  1.00 43.14 ? 32  ARG A CZ  1 
ATOM   253 N  NH1 . ARG A 1 33  ? 6.388   -5.803  17.625  1.00 38.40 ? 32  ARG A NH1 1 
ATOM   254 N  NH2 . ARG A 1 33  ? 7.742   -7.638  17.393  1.00 44.61 ? 32  ARG A NH2 1 
ATOM   255 N  N   . VAL A 1 34  ? 4.720   0.008   14.574  1.00 17.38 ? 33  VAL A N   1 
ATOM   256 C  CA  . VAL A 1 34  ? 4.662   1.486   14.536  1.00 16.56 ? 33  VAL A CA  1 
ATOM   257 C  C   . VAL A 1 34  ? 6.085   1.988   14.410  1.00 18.09 ? 33  VAL A C   1 
ATOM   258 O  O   . VAL A 1 34  ? 6.986   1.438   15.032  1.00 20.84 ? 33  VAL A O   1 
ATOM   259 C  CB  . VAL A 1 34  ? 4.055   2.009   15.875  1.00 21.50 ? 33  VAL A CB  1 
ATOM   260 C  CG1 . VAL A 1 34  ? 4.242   3.504   15.975  1.00 30.12 ? 33  VAL A CG1 1 
ATOM   261 C  CG2 . VAL A 1 34  ? 2.571   1.663   15.926  1.00 20.37 ? 33  VAL A CG2 1 
ATOM   262 N  N   . GLY A 1 35  ? 6.333   2.962   13.535  1.00 17.88 ? 34  GLY A N   1 
ATOM   263 C  CA  . GLY A 1 35  ? 7.736   3.386   13.341  1.00 18.87 ? 34  GLY A CA  1 
ATOM   264 C  C   . GLY A 1 35  ? 8.310   2.838   12.055  1.00 22.92 ? 34  GLY A C   1 
ATOM   265 O  O   . GLY A 1 35  ? 9.240   3.383   11.460  1.00 20.12 ? 34  GLY A O   1 
ATOM   266 N  N   . ASP A 1 36  ? 7.780   1.691   11.591  1.00 20.06 ? 35  ASP A N   1 
ATOM   267 C  CA  . ASP A 1 36  ? 8.367   1.145   10.323  1.00 16.06 ? 35  ASP A CA  1 
ATOM   268 C  C   . ASP A 1 36  ? 7.779   2.028   9.182   1.00 19.01 ? 35  ASP A C   1 
ATOM   269 O  O   . ASP A 1 36  ? 6.856   2.765   9.365   1.00 19.00 ? 35  ASP A O   1 
ATOM   270 C  CB  . ASP A 1 36  ? 7.687   -0.255  10.096  1.00 16.08 ? 35  ASP A CB  1 
ATOM   271 C  CG  . ASP A 1 36  ? 8.324   -1.313  10.961  1.00 20.75 ? 35  ASP A CG  1 
ATOM   272 O  OD1 . ASP A 1 36  ? 9.280   -1.001  11.698  1.00 19.99 ? 35  ASP A OD1 1 
ATOM   273 O  OD2 . ASP A 1 36  ? 7.856   -2.478  10.931  1.00 20.62 ? 35  ASP A OD2 1 
ATOM   274 N  N   . SER A 1 37  ? 8.381   1.786   7.991   1.00 17.08 ? 36  SER A N   1 
ATOM   275 C  CA  . SER A 1 37  ? 7.832   2.533   6.827   1.00 19.21 ? 36  SER A CA  1 
ATOM   276 C  C   . SER A 1 37  ? 7.603   1.496   5.699   1.00 16.26 ? 36  SER A C   1 
ATOM   277 O  O   . SER A 1 37  ? 8.139   0.407   5.732   1.00 17.05 ? 36  SER A O   1 
ATOM   278 C  CB  . SER A 1 37  ? 8.984   3.488   6.337   1.00 22.03 ? 36  SER A CB  1 
ATOM   279 O  OG  . SER A 1 37  ? 9.156   4.530   7.302   1.00 21.79 ? 36  SER A OG  1 
ATOM   280 N  N   . LEU A 1 38  ? 6.806   1.935   4.722   1.00 16.59 ? 37  LEU A N   1 
ATOM   281 C  CA  . LEU A 1 38  ? 6.501   1.051   3.567   1.00 14.01 ? 37  LEU A CA  1 
ATOM   282 C  C   . LEU A 1 38  ? 7.046   1.865   2.325   1.00 15.52 ? 37  LEU A C   1 
ATOM   283 O  O   . LEU A 1 38  ? 6.678   3.012   2.226   1.00 19.33 ? 37  LEU A O   1 
ATOM   284 C  CB  . LEU A 1 38  ? 4.979   1.064   3.348   1.00 18.17 ? 37  LEU A CB  1 
ATOM   285 C  CG  . LEU A 1 38  ? 4.120   0.221   4.251   1.00 23.33 ? 37  LEU A CG  1 
ATOM   286 C  CD1 . LEU A 1 38  ? 2.685   0.180   3.738   1.00 20.37 ? 37  LEU A CD1 1 
ATOM   287 C  CD2 . LEU A 1 38  ? 4.703   -1.196  4.377   1.00 23.20 ? 37  LEU A CD2 1 
ATOM   288 N  N   . GLN A 1 39  ? 7.869   1.188   1.566   1.00 14.27 ? 38  GLN A N   1 
ATOM   289 C  CA  . GLN A 1 39  ? 8.402   1.846   0.355   1.00 14.14 ? 38  GLN A CA  1 
ATOM   290 C  C   . GLN A 1 39  ? 7.711   1.234   -0.887  1.00 17.42 ? 38  GLN A C   1 
ATOM   291 O  O   . GLN A 1 39  ? 7.837   0.018   -1.075  1.00 15.68 ? 38  GLN A O   1 
ATOM   292 C  CB  . GLN A 1 39  ? 9.904   1.617   0.241   1.00 14.39 ? 38  GLN A CB  1 
ATOM   293 C  CG  . GLN A 1 39  ? 10.449  2.204   -1.073  1.00 17.33 ? 38  GLN A CG  1 
ATOM   294 C  CD  . GLN A 1 39  ? 11.942  2.399   -1.024  1.00 27.14 ? 38  GLN A CD  1 
ATOM   295 O  OE1 . GLN A 1 39  ? 12.510  2.560   0.065   1.00 29.83 ? 38  GLN A OE1 1 
ATOM   296 N  NE2 . GLN A 1 39  ? 12.577  2.394   -2.187  1.00 25.42 ? 38  GLN A NE2 1 
ATOM   297 N  N   . PHE A 1 40  ? 7.077   2.081   -1.674  1.00 17.33 ? 39  PHE A N   1 
ATOM   298 C  CA  . PHE A 1 40  ? 6.400   1.576   -2.921  1.00 15.54 ? 39  PHE A CA  1 
ATOM   299 C  C   . PHE A 1 40  ? 7.281   2.083   -4.116  1.00 17.07 ? 39  PHE A C   1 
ATOM   300 O  O   . PHE A 1 40  ? 7.468   3.280   -4.207  1.00 17.06 ? 39  PHE A O   1 
ATOM   301 C  CB  . PHE A 1 40  ? 5.071   2.361   -3.029  1.00 13.22 ? 39  PHE A CB  1 
ATOM   302 C  CG  . PHE A 1 40  ? 4.032   1.902   -2.000  1.00 15.58 ? 39  PHE A CG  1 
ATOM   303 C  CD1 . PHE A 1 40  ? 4.054   2.478   -0.723  1.00 17.94 ? 39  PHE A CD1 1 
ATOM   304 C  CD2 . PHE A 1 40  ? 3.066   0.987   -2.304  1.00 16.38 ? 39  PHE A CD2 1 
ATOM   305 C  CE1 . PHE A 1 40  ? 3.055   2.120   0.196   1.00 17.68 ? 39  PHE A CE1 1 
ATOM   306 C  CE2 . PHE A 1 40  ? 2.089   0.600   -1.380  1.00 18.55 ? 39  PHE A CE2 1 
ATOM   307 C  CZ  . PHE A 1 40  ? 2.131   1.167   -0.106  1.00 15.33 ? 39  PHE A CZ  1 
ATOM   308 N  N   . ASN A 1 41  ? 7.790   1.136   -4.874  1.00 15.38 ? 40  ASN A N   1 
ATOM   309 C  CA  . ASN A 1 41  ? 8.663   1.457   -6.025  1.00 15.86 ? 40  ASN A CA  1 
ATOM   310 C  C   . ASN A 1 41  ? 7.873   1.102   -7.313  1.00 18.36 ? 40  ASN A C   1 
ATOM   311 O  O   . ASN A 1 41  ? 7.339   0.005   -7.449  1.00 18.20 ? 40  ASN A O   1 
ATOM   312 C  CB  . ASN A 1 41  ? 9.876   0.484   -6.008  1.00 18.54 ? 40  ASN A CB  1 
ATOM   313 C  CG  . ASN A 1 41  ? 10.824  0.808   -4.848  1.00 19.46 ? 40  ASN A CG  1 
ATOM   314 O  OD1 . ASN A 1 41  ? 11.034  1.918   -4.467  1.00 20.20 ? 40  ASN A OD1 1 
ATOM   315 N  ND2 . ASN A 1 41  ? 11.433  -0.295  -4.345  1.00 24.33 ? 40  ASN A ND2 1 
ATOM   316 N  N   . PHE A 1 42  ? 7.823   2.088   -8.205  1.00 16.14 ? 41  PHE A N   1 
ATOM   317 C  CA  . PHE A 1 42  ? 7.084   1.781   -9.482  1.00 14.27 ? 41  PHE A CA  1 
ATOM   318 C  C   . PHE A 1 42  ? 7.620   2.776   -10.525 1.00 20.55 ? 41  PHE A C   1 
ATOM   319 O  O   . PHE A 1 42  ? 8.201   3.805   -10.172 1.00 19.22 ? 41  PHE A O   1 
ATOM   320 C  CB  . PHE A 1 42  ? 5.622   2.014   -9.246  1.00 17.29 ? 41  PHE A CB  1 
ATOM   321 C  CG  . PHE A 1 42  ? 5.222   3.298   -8.583  1.00 20.89 ? 41  PHE A CG  1 
ATOM   322 C  CD1 . PHE A 1 42  ? 5.197   3.405   -7.189  1.00 17.90 ? 41  PHE A CD1 1 
ATOM   323 C  CD2 . PHE A 1 42  ? 4.856   4.417   -9.326  1.00 20.05 ? 41  PHE A CD2 1 
ATOM   324 C  CE1 . PHE A 1 42  ? 4.802   4.588   -6.588  1.00 15.96 ? 41  PHE A CE1 1 
ATOM   325 C  CE2 . PHE A 1 42  ? 4.473   5.594   -8.737  1.00 18.77 ? 41  PHE A CE2 1 
ATOM   326 C  CZ  . PHE A 1 42  ? 4.455   5.705   -7.343  1.00 19.12 ? 41  PHE A CZ  1 
ATOM   327 N  N   . PRO A 1 43  ? 7.356   2.491   -11.791 1.00 26.00 ? 42  PRO A N   1 
ATOM   328 C  CA  . PRO A 1 43  ? 7.811   3.466   -12.836 1.00 26.87 ? 42  PRO A CA  1 
ATOM   329 C  C   . PRO A 1 43  ? 7.021   4.749   -12.713 1.00 25.95 ? 42  PRO A C   1 
ATOM   330 O  O   . PRO A 1 43  ? 5.807   4.802   -12.541 1.00 20.64 ? 42  PRO A O   1 
ATOM   331 C  CB  . PRO A 1 43  ? 7.543   2.738   -14.126 1.00 28.85 ? 42  PRO A CB  1 
ATOM   332 C  CG  . PRO A 1 43  ? 6.780   1.533   -13.839 1.00 27.91 ? 42  PRO A CG  1 
ATOM   333 C  CD  . PRO A 1 43  ? 6.705   1.333   -12.339 1.00 27.55 ? 42  PRO A CD  1 
ATOM   334 N  N   . ALA A 1 44  ? 7.742   5.877   -12.685 1.00 33.64 ? 43  ALA A N   1 
ATOM   335 C  CA  . ALA A 1 44  ? 7.053   7.165   -12.523 1.00 37.60 ? 43  ALA A CA  1 
ATOM   336 C  C   . ALA A 1 44  ? 5.859   7.277   -13.446 1.00 35.07 ? 43  ALA A C   1 
ATOM   337 O  O   . ALA A 1 44  ? 5.771   6.688   -14.527 1.00 33.99 ? 43  ALA A O   1 
ATOM   338 C  CB  . ALA A 1 44  ? 8.078   8.289   -12.833 1.00 39.93 ? 43  ALA A CB  1 
ATOM   339 N  N   . ASN A 1 45  ? 4.837   8.030   -13.003 1.00 30.30 ? 44  ASN A N   1 
ATOM   340 C  CA  . ASN A 1 45  ? 3.708   8.264   -13.850 1.00 33.27 ? 44  ASN A CA  1 
ATOM   341 C  C   . ASN A 1 45  ? 2.832   7.106   -14.169 1.00 30.54 ? 44  ASN A C   1 
ATOM   342 O  O   . ASN A 1 45  ? 1.716   7.344   -14.705 1.00 39.11 ? 44  ASN A O   1 
ATOM   343 C  CB  . ASN A 1 45  ? 4.137   9.015   -15.129 1.00 42.04 ? 44  ASN A CB  1 
ATOM   344 C  CG  . ASN A 1 45  ? 4.299   10.507  -14.920 1.00 51.10 ? 44  ASN A CG  1 
ATOM   345 O  OD1 . ASN A 1 45  ? 4.601   10.999  -13.833 1.00 50.66 ? 44  ASN A OD1 1 
ATOM   346 N  ND2 . ASN A 1 45  ? 4.089   11.286  -15.991 1.00 71.82 ? 44  ASN A ND2 1 
ATOM   347 N  N   . ALA A 1 46  ? 3.178   5.851   -13.866 1.00 23.51 ? 45  ALA A N   1 
ATOM   348 C  CA  . ALA A 1 46  ? 2.321   4.717   -14.196 1.00 20.15 ? 45  ALA A CA  1 
ATOM   349 C  C   . ALA A 1 46  ? 1.342   4.348   -13.080 1.00 21.11 ? 45  ALA A C   1 
ATOM   350 O  O   . ALA A 1 46  ? 0.299   3.750   -13.305 1.00 20.57 ? 45  ALA A O   1 
ATOM   351 C  CB  . ALA A 1 46  ? 3.200   3.477   -14.462 1.00 25.77 ? 45  ALA A CB  1 
ATOM   352 N  N   . HIS A 1 47  ? 1.720   4.636   -11.836 1.00 17.95 ? 46  HIS A N   1 
ATOM   353 C  CA  . HIS A 1 47  ? 0.758   4.236   -10.734 1.00 16.40 ? 46  HIS A CA  1 
ATOM   354 C  C   . HIS A 1 47  ? 0.810   5.360   -9.698  1.00 16.50 ? 46  HIS A C   1 
ATOM   355 O  O   . HIS A 1 47  ? 1.519   6.343   -9.835  1.00 20.01 ? 46  HIS A O   1 
ATOM   356 C  CB  . HIS A 1 47  ? 1.432   2.976   -10.029 1.00 14.09 ? 46  HIS A CB  1 
ATOM   357 C  CG  . HIS A 1 47  ? 1.474   1.810   -10.961 1.00 17.66 ? 46  HIS A CG  1 
ATOM   358 N  ND1 . HIS A 1 47  ? 0.330   1.145   -11.344 1.00 17.89 ? 46  HIS A ND1 1 
ATOM   359 C  CD2 . HIS A 1 47  ? 2.515   1.235   -11.642 1.00 20.47 ? 46  HIS A CD2 1 
ATOM   360 C  CE1 . HIS A 1 47  ? 0.661   0.167   -12.199 1.00 17.74 ? 46  HIS A CE1 1 
ATOM   361 N  NE2 . HIS A 1 47  ? 1.966   0.201   -12.383 1.00 19.15 ? 46  HIS A NE2 1 
ATOM   362 N  N   . ASN A 1 48  ? 0.114   5.146   -8.579  1.00 14.25 ? 47  ASN A N   1 
ATOM   363 C  CA  . ASN A 1 48  ? 0.248   6.099   -7.473  1.00 17.04 ? 47  ASN A CA  1 
ATOM   364 C  C   . ASN A 1 48  ? -0.038  5.299   -6.184  1.00 17.39 ? 47  ASN A C   1 
ATOM   365 O  O   . ASN A 1 48  ? -0.232  4.067   -6.286  1.00 15.22 ? 47  ASN A O   1 
ATOM   366 C  CB  . ASN A 1 48  ? -0.665  7.292   -7.607  1.00 16.71 ? 47  ASN A CB  1 
ATOM   367 C  CG  . ASN A 1 48  ? -2.128  6.917   -7.741  1.00 19.70 ? 47  ASN A CG  1 
ATOM   368 O  OD1 . ASN A 1 48  ? -2.901  7.614   -8.426  1.00 31.76 ? 47  ASN A OD1 1 
ATOM   369 N  ND2 . ASN A 1 48  ? -2.524  5.835   -7.168  1.00 12.88 ? 47  ASN A ND2 1 
ATOM   370 N  N   . VAL A 1 49  ? 0.023   5.991   -5.063  1.00 16.30 ? 48  VAL A N   1 
ATOM   371 C  CA  . VAL A 1 49  ? -0.243  5.336   -3.782  1.00 14.72 ? 48  VAL A CA  1 
ATOM   372 C  C   . VAL A 1 49  ? -1.167  6.256   -2.969  1.00 16.25 ? 48  VAL A C   1 
ATOM   373 O  O   . VAL A 1 49  ? -0.835  7.407   -2.756  1.00 18.93 ? 48  VAL A O   1 
ATOM   374 C  CB  . VAL A 1 49  ? 1.057   5.175   -2.958  1.00 18.85 ? 48  VAL A CB  1 
ATOM   375 C  CG1 . VAL A 1 49  ? 0.644   4.432   -1.648  1.00 23.28 ? 48  VAL A CG1 1 
ATOM   376 C  CG2 . VAL A 1 49  ? 2.052   4.304   -3.724  1.00 22.41 ? 48  VAL A CG2 1 
ATOM   377 N  N   . HIS A 1 50  ? -2.310  5.691   -2.579  1.00 17.28 ? 49  HIS A N   1 
ATOM   378 C  CA  . HIS A 1 50  ? -3.270  6.470   -1.796  1.00 19.90 ? 49  HIS A CA  1 
ATOM   379 C  C   . HIS A 1 50  ? -3.740  5.657   -0.615  1.00 20.38 ? 49  HIS A C   1 
ATOM   380 O  O   . HIS A 1 50  ? -4.056  4.478   -0.707  1.00 20.76 ? 49  HIS A O   1 
ATOM   381 C  CB  A HIS A 1 50  ? -4.476  6.793   -2.723  0.63 19.98 ? 49  HIS A CB  1 
ATOM   382 C  CB  B HIS A 1 50  ? -4.351  7.111   -2.610  0.37 20.31 ? 49  HIS A CB  1 
ATOM   383 C  CG  A HIS A 1 50  ? -5.627  7.444   -2.050  0.63 24.13 ? 49  HIS A CG  1 
ATOM   384 C  CG  B HIS A 1 50  ? -3.877  8.232   -3.494  0.37 20.70 ? 49  HIS A CG  1 
ATOM   385 N  ND1 A HIS A 1 50  ? -5.596  8.708   -1.519  0.63 27.91 ? 49  HIS A ND1 1 
ATOM   386 N  ND1 B HIS A 1 50  ? -3.399  9.424   -2.992  0.37 24.59 ? 49  HIS A ND1 1 
ATOM   387 C  CD2 A HIS A 1 50  ? -6.905  6.999   -1.849  0.63 28.11 ? 49  HIS A CD2 1 
ATOM   388 C  CD2 B HIS A 1 50  ? -3.748  8.314   -4.839  0.37 21.38 ? 49  HIS A CD2 1 
ATOM   389 C  CE1 A HIS A 1 50  ? -6.767  9.015   -0.987  0.63 26.21 ? 49  HIS A CE1 1 
ATOM   390 C  CE1 B HIS A 1 50  ? -3.019  10.207  -3.997  0.37 23.72 ? 49  HIS A CE1 1 
ATOM   391 N  NE2 A HIS A 1 50  ? -7.578  7.993   -1.175  0.63 26.10 ? 49  HIS A NE2 1 
ATOM   392 N  NE2 B HIS A 1 50  ? -3.231  9.560   -5.126  0.37 22.19 ? 49  HIS A NE2 1 
ATOM   393 N  N   . GLU A 1 51  ? -3.752  6.280   0.578   1.00 18.11 ? 50  GLU A N   1 
ATOM   394 C  CA  . GLU A 1 51  ? -4.245  5.516   1.735   1.00 16.88 ? 50  GLU A CA  1 
ATOM   395 C  C   . GLU A 1 51  ? -5.736  5.688   1.875   1.00 22.15 ? 50  GLU A C   1 
ATOM   396 O  O   . GLU A 1 51  ? -6.268  6.793   1.629   1.00 26.41 ? 50  GLU A O   1 
ATOM   397 C  CB  . GLU A 1 51  ? -3.497  6.037   2.988   1.00 18.58 ? 50  GLU A CB  1 
ATOM   398 C  CG  . GLU A 1 51  ? -3.987  5.254   4.220   1.00 21.73 ? 50  GLU A CG  1 
ATOM   399 C  CD  . GLU A 1 51  ? -3.275  5.682   5.492   1.00 29.43 ? 50  GLU A CD  1 
ATOM   400 O  OE1 . GLU A 1 51  ? -2.470  6.614   5.494   1.00 31.69 ? 50  GLU A OE1 1 
ATOM   401 O  OE2 . GLU A 1 51  ? -3.544  5.039   6.533   1.00 37.43 ? 50  GLU A OE2 1 
ATOM   402 N  N   . MET A 1 52  ? -6.528  4.673   2.137   1.00 19.50 ? 51  MET A N   1 
ATOM   403 C  CA  . MET A 1 52  ? -7.972  4.822   2.287   1.00 18.70 ? 51  MET A CA  1 
ATOM   404 C  C   . MET A 1 52  ? -8.319  4.752   3.815   1.00 29.58 ? 51  MET A C   1 
ATOM   405 O  O   . MET A 1 52  ? -7.627  4.073   4.551   1.00 27.11 ? 51  MET A O   1 
ATOM   406 C  CB  . MET A 1 52  ? -8.703  3.622   1.705   1.00 22.77 ? 51  MET A CB  1 
ATOM   407 C  CG  . MET A 1 52  ? -8.104  3.010   0.470   1.00 34.61 ? 51  MET A CG  1 
ATOM   408 S  SD  . MET A 1 52  ? -9.238  3.278   -0.928  1.00 48.31 ? 51  MET A SD  1 
ATOM   409 C  CE  . MET A 1 52  ? -8.928  5.031   -1.176  1.00 29.62 ? 51  MET A CE  1 
ATOM   410 N  N   . GLU A 1 53  ? -9.440  5.355   4.140   1.00 32.94 ? 52  GLU A N   1 
ATOM   411 C  CA  . GLU A 1 53  ? -9.914  5.413   5.514   1.00 39.30 ? 52  GLU A CA  1 
ATOM   412 C  C   . GLU A 1 53  ? -10.552 4.125   6.008   1.00 34.33 ? 52  GLU A C   1 
ATOM   413 O  O   . GLU A 1 53  ? -10.291 3.700   7.145   1.00 45.22 ? 52  GLU A O   1 
ATOM   414 C  CB  . GLU A 1 53  ? -10.919 6.565   5.646   1.00 46.99 ? 52  GLU A CB  1 
ATOM   415 C  CG  . GLU A 1 53  ? -11.145 7.389   4.415   1.00 54.43 ? 52  GLU A CG  1 
ATOM   416 C  CD  . GLU A 1 53  ? -11.389 6.684   3.118   1.00 54.12 ? 52  GLU A CD  1 
ATOM   417 O  OE1 . GLU A 1 53  ? -12.513 6.223   2.828   1.00 37.73 ? 52  GLU A OE1 1 
ATOM   418 O  OE2 . GLU A 1 53  ? -10.452 6.658   2.270   1.00 64.37 ? 52  GLU A OE2 1 
ATOM   419 N  N   . THR A 1 54  ? -11.457 3.552   5.234   1.00 25.02 ? 53  THR A N   1 
ATOM   420 C  CA  . THR A 1 54  ? -12.297 2.444   5.638   1.00 26.58 ? 53  THR A CA  1 
ATOM   421 C  C   . THR A 1 54  ? -12.117 1.227   4.756   1.00 28.21 ? 53  THR A C   1 
ATOM   422 O  O   . THR A 1 54  ? -11.784 1.373   3.578   1.00 30.63 ? 53  THR A O   1 
ATOM   423 C  CB  . THR A 1 54  ? -13.822 2.823   5.491   1.00 29.84 ? 53  THR A CB  1 
ATOM   424 O  OG1 . THR A 1 54  ? -14.036 4.094   6.118   1.00 38.50 ? 53  THR A OG1 1 
ATOM   425 C  CG2 . THR A 1 54  ? -14.107 3.002   3.993   1.00 19.58 ? 53  THR A CG2 1 
ATOM   426 N  N   . LYS A 1 55  ? -12.408 0.050   5.321   1.00 27.90 ? 54  LYS A N   1 
ATOM   427 C  CA  . LYS A 1 55  ? -12.328 -1.198  4.616   1.00 27.33 ? 54  LYS A CA  1 
ATOM   428 C  C   . LYS A 1 55  ? -13.334 -1.275  3.458   1.00 24.04 ? 54  LYS A C   1 
ATOM   429 O  O   . LYS A 1 55  ? -13.114 -1.963  2.474   1.00 23.65 ? 54  LYS A O   1 
ATOM   430 C  CB  . LYS A 1 55  ? -12.546 -2.418  5.534   1.00 28.05 ? 54  LYS A CB  1 
ATOM   431 C  CG  . LYS A 1 55  ? -12.425 -3.725  4.738   1.00 38.63 ? 54  LYS A CG  1 
ATOM   432 C  CD  . LYS A 1 55  ? -12.941 -4.924  5.470   1.00 46.69 ? 54  LYS A CD  1 
ATOM   433 C  CE  . LYS A 1 55  ? -13.202 -6.098  4.513   1.00 52.08 ? 54  LYS A CE  1 
ATOM   434 N  NZ  . LYS A 1 55  ? -12.007 -6.316  3.620   1.00 69.80 ? 54  LYS A NZ  1 
ATOM   435 N  N   . GLN A 1 56  ? -14.485 -0.643  3.696   1.00 29.45 ? 55  GLN A N   1 
ATOM   436 C  CA  . GLN A 1 56  ? -15.589 -0.719  2.698   1.00 29.98 ? 55  GLN A CA  1 
ATOM   437 C  C   . GLN A 1 56  ? -15.129 -0.048  1.413   1.00 21.93 ? 55  GLN A C   1 
ATOM   438 O  O   . GLN A 1 56  ? -15.233 -0.652  0.342   1.00 26.51 ? 55  GLN A O   1 
ATOM   439 C  CB  . GLN A 1 56  ? -16.822 -0.045  3.286   1.00 39.50 ? 55  GLN A CB  1 
ATOM   440 C  CG  . GLN A 1 56  ? -17.587 -0.832  4.316   1.00 53.46 ? 55  GLN A CG  1 
ATOM   441 C  CD  . GLN A 1 56  ? -16.911 -1.228  5.591   1.00 62.55 ? 55  GLN A CD  1 
ATOM   442 O  OE1 . GLN A 1 56  ? -16.566 -0.441  6.491   1.00 59.33 ? 55  GLN A OE1 1 
ATOM   443 N  NE2 . GLN A 1 56  ? -16.767 -2.560  5.804   1.00 76.75 ? 55  GLN A NE2 1 
ATOM   444 N  N   . SER A 1 57  ? -14.580 1.162   1.554   1.00 19.50 ? 56  SER A N   1 
ATOM   445 C  CA  . SER A 1 57  ? -14.074 1.873   0.359   1.00 18.64 ? 56  SER A CA  1 
ATOM   446 C  C   . SER A 1 57  ? -12.940 1.108   -0.308  1.00 24.08 ? 56  SER A C   1 
ATOM   447 O  O   . SER A 1 57  ? -12.857 1.029   -1.542  1.00 22.28 ? 56  SER A O   1 
ATOM   448 C  CB  . SER A 1 57  ? -13.520 3.235   0.826   1.00 20.88 ? 56  SER A CB  1 
ATOM   449 O  OG  . SER A 1 57  ? -14.614 4.078   1.110   1.00 38.54 ? 56  SER A OG  1 
ATOM   450 N  N   . PHE A 1 58  ? -12.000 0.605   0.505   1.00 21.48 ? 57  PHE A N   1 
ATOM   451 C  CA  . PHE A 1 58  ? -10.855 -0.174  -0.036  1.00 17.58 ? 57  PHE A CA  1 
ATOM   452 C  C   . PHE A 1 58  ? -11.401 -1.373  -0.781  1.00 20.32 ? 57  PHE A C   1 
ATOM   453 O  O   . PHE A 1 58  ? -10.978 -1.743  -1.876  1.00 21.29 ? 57  PHE A O   1 
ATOM   454 C  CB  . PHE A 1 58  ? -10.102 -0.710  1.232   1.00 18.90 ? 57  PHE A CB  1 
ATOM   455 C  CG  . PHE A 1 58  ? -8.984  -1.679  0.967   1.00 18.72 ? 57  PHE A CG  1 
ATOM   456 C  CD1 . PHE A 1 58  ? -7.777  -1.217  0.410   1.00 19.93 ? 57  PHE A CD1 1 
ATOM   457 C  CD2 . PHE A 1 58  ? -9.085  -3.017  1.253   1.00 19.69 ? 57  PHE A CD2 1 
ATOM   458 C  CE1 . PHE A 1 58  ? -6.737  -2.098  0.201   1.00 18.69 ? 57  PHE A CE1 1 
ATOM   459 C  CE2 . PHE A 1 58  ? -8.067  -3.913  1.005   1.00 17.75 ? 57  PHE A CE2 1 
ATOM   460 C  CZ  . PHE A 1 58  ? -6.860  -3.429  0.490   1.00 17.83 ? 57  PHE A CZ  1 
ATOM   461 N  N   . ASP A 1 59  ? -12.372 -2.089  -0.131  1.00 18.26 ? 58  ASP A N   1 
ATOM   462 C  CA  . ASP A 1 59  ? -12.882 -3.287  -0.776  1.00 20.38 ? 58  ASP A CA  1 
ATOM   463 C  C   . ASP A 1 59  ? -13.544 -2.960  -2.114  1.00 22.86 ? 58  ASP A C   1 
ATOM   464 O  O   . ASP A 1 59  ? -13.468 -3.685  -3.100  1.00 22.55 ? 58  ASP A O   1 
ATOM   465 C  CB  . ASP A 1 59  ? -13.828 -4.091  0.097   1.00 23.94 ? 58  ASP A CB  1 
ATOM   466 C  CG  . ASP A 1 59  ? -13.176 -4.875  1.226   1.00 31.47 ? 58  ASP A CG  1 
ATOM   467 O  OD1 . ASP A 1 59  ? -11.947 -5.041  1.244   1.00 30.90 ? 58  ASP A OD1 1 
ATOM   468 O  OD2 . ASP A 1 59  ? -13.924 -5.350  2.134   1.00 35.76 ? 58  ASP A OD2 1 
ATOM   469 N  N   . ALA A 1 60  ? -14.249 -1.836  -2.139  1.00 20.73 ? 59  ALA A N   1 
ATOM   470 C  CA  . ALA A 1 60  ? -14.992 -1.557  -3.381  1.00 19.57 ? 59  ALA A CA  1 
ATOM   471 C  C   . ALA A 1 60  ? -14.111 -0.767  -4.358  1.00 22.53 ? 59  ALA A C   1 
ATOM   472 O  O   . ALA A 1 60  ? -14.676 -0.409  -5.416  1.00 19.74 ? 59  ALA A O   1 
ATOM   473 C  CB  . ALA A 1 60  ? -16.157 -0.605  -2.979  1.00 17.68 ? 59  ALA A CB  1 
ATOM   474 N  N   . CYS A 1 61  ? -12.889 -0.424  -4.015  1.00 17.07 ? 60  CYS A N   1 
ATOM   475 C  CA  . CYS A 1 61  ? -12.085 0.496   -4.847  1.00 17.74 ? 60  CYS A CA  1 
ATOM   476 C  C   . CYS A 1 61  ? -12.886 1.759   -5.139  1.00 19.71 ? 60  CYS A C   1 
ATOM   477 O  O   . CYS A 1 61  ? -12.945 2.215   -6.282  1.00 18.66 ? 60  CYS A O   1 
ATOM   478 C  CB  . CYS A 1 61  ? -11.562 -0.125  -6.117  1.00 14.40 ? 60  CYS A CB  1 
ATOM   479 S  SG  . CYS A 1 61  ? -10.454 -1.560  -5.796  1.00 19.02 ? 60  CYS A SG  1 
ATOM   480 N  N   . ASN A 1 62  ? -13.516 2.306   -4.107  1.00 17.15 ? 61  ASN A N   1 
ATOM   481 C  CA  . ASN A 1 62  ? -14.357 3.513   -4.298  1.00 17.10 ? 61  ASN A CA  1 
ATOM   482 C  C   . ASN A 1 62  ? -13.573 4.720   -3.839  1.00 20.23 ? 61  ASN A C   1 
ATOM   483 O  O   . ASN A 1 62  ? -13.181 4.833   -2.686  1.00 18.75 ? 61  ASN A O   1 
ATOM   484 C  CB  . ASN A 1 62  ? -15.634 3.314   -3.431  1.00 18.59 ? 61  ASN A CB  1 
ATOM   485 C  CG  . ASN A 1 62  ? -16.563 4.516   -3.630  1.00 20.49 ? 61  ASN A CG  1 
ATOM   486 O  OD1 . ASN A 1 62  ? -17.770 4.314   -3.863  1.00 24.54 ? 61  ASN A OD1 1 
ATOM   487 N  ND2 . ASN A 1 62  ? -16.029 5.703   -3.525  1.00 16.97 ? 61  ASN A ND2 1 
ATOM   488 N  N   . PHE A 1 63  ? -13.220 5.618   -4.784  1.00 19.98 ? 62  PHE A N   1 
ATOM   489 C  CA  . PHE A 1 63  ? -12.257 6.666   -4.409  1.00 19.81 ? 62  PHE A CA  1 
ATOM   490 C  C   . PHE A 1 63  ? -12.916 8.014   -4.240  1.00 22.29 ? 62  PHE A C   1 
ATOM   491 O  O   . PHE A 1 63  ? -12.266 9.037   -4.417  1.00 23.67 ? 62  PHE A O   1 
ATOM   492 C  CB  . PHE A 1 63  ? -11.260 6.819   -5.621  1.00 17.63 ? 62  PHE A CB  1 
ATOM   493 C  CG  . PHE A 1 63  ? -10.634 5.472   -5.945  1.00 17.33 ? 62  PHE A CG  1 
ATOM   494 C  CD1 . PHE A 1 63  ? -10.278 4.615   -4.910  1.00 17.06 ? 62  PHE A CD1 1 
ATOM   495 C  CD2 . PHE A 1 63  ? -10.428 5.077   -7.247  1.00 18.02 ? 62  PHE A CD2 1 
ATOM   496 C  CE1 . PHE A 1 63  ? -9.711  3.385   -5.219  1.00 19.38 ? 62  PHE A CE1 1 
ATOM   497 C  CE2 . PHE A 1 63  ? -9.818  3.872   -7.555  1.00 20.07 ? 62  PHE A CE2 1 
ATOM   498 C  CZ  . PHE A 1 63  ? -9.488  3.004   -6.523  1.00 20.18 ? 62  PHE A CZ  1 
ATOM   499 N  N   . VAL A 1 64  ? -14.219 7.976   -3.978  1.00 24.72 ? 63  VAL A N   1 
ATOM   500 C  CA  . VAL A 1 64  ? -14.932 9.270   -3.876  1.00 26.40 ? 63  VAL A CA  1 
ATOM   501 C  C   . VAL A 1 64  ? -14.305 10.138  -2.863  1.00 27.49 ? 63  VAL A C   1 
ATOM   502 O  O   . VAL A 1 64  ? -14.225 11.368  -2.976  1.00 38.07 ? 63  VAL A O   1 
ATOM   503 C  CB  . VAL A 1 64  ? -16.425 9.043   -3.768  1.00 31.07 ? 63  VAL A CB  1 
ATOM   504 C  CG1 . VAL A 1 64  ? -16.931 8.964   -2.366  1.00 39.11 ? 63  VAL A CG1 1 
ATOM   505 C  CG2 . VAL A 1 64  ? -17.266 9.810   -4.717  1.00 35.13 ? 63  VAL A CG2 1 
ATOM   506 N  N   . ASN A 1 65  ? -13.699 9.609   -1.760  1.00 25.78 ? 64  ASN A N   1 
ATOM   507 C  CA  . ASN A 1 65  ? -13.082 10.638  -0.877  1.00 34.23 ? 64  ASN A CA  1 
ATOM   508 C  C   . ASN A 1 65  ? -11.591 10.799  -1.158  1.00 40.05 ? 64  ASN A C   1 
ATOM   509 O  O   . ASN A 1 65  ? -10.899 11.332  -0.263  1.00 48.86 ? 64  ASN A O   1 
ATOM   510 C  CB  . ASN A 1 65  ? -13.205 10.146  0.593   1.00 36.09 ? 64  ASN A CB  1 
ATOM   511 C  CG  . ASN A 1 65  ? -14.656 9.932   0.953   1.00 39.34 ? 64  ASN A CG  1 
ATOM   512 O  OD1 . ASN A 1 65  ? -15.013 8.923   1.542   1.00 53.19 ? 64  ASN A OD1 1 
ATOM   513 N  ND2 . ASN A 1 65  ? -15.496 10.882  0.555   1.00 49.38 ? 64  ASN A ND2 1 
ATOM   514 N  N   . SER A 1 66  ? -11.091 10.335  -2.262  1.00 45.84 ? 65  SER A N   1 
ATOM   515 C  CA  . SER A 1 66  ? -9.726  10.276  -2.655  1.00 57.01 ? 65  SER A CA  1 
ATOM   516 C  C   . SER A 1 66  ? -9.279  11.538  -3.309  1.00 70.14 ? 65  SER A C   1 
ATOM   517 O  O   . SER A 1 66  ? -10.085 12.301  -3.850  1.00 66.85 ? 65  SER A O   1 
ATOM   518 C  CB  . SER A 1 66  ? -9.430  9.035   -3.510  1.00 56.59 ? 65  SER A CB  1 
ATOM   519 O  OG  . SER A 1 66  ? -10.217 7.940   -3.066  1.00 62.31 ? 65  SER A OG  1 
ATOM   520 N  N   . ASP A 1 67  ? -7.965  11.733  -3.250  1.00 81.69 ? 66  ASP A N   1 
ATOM   521 C  CA  . ASP A 1 67  ? -7.392  12.974  -3.685  1.00 87.36 ? 66  ASP A CA  1 
ATOM   522 C  C   . ASP A 1 67  ? -6.890  12.963  -5.104  1.00 87.74 ? 66  ASP A C   1 
ATOM   523 O  O   . ASP A 1 67  ? -5.799  12.431  -5.394  1.00 89.44 ? 66  ASP A O   1 
ATOM   524 C  CB  . ASP A 1 67  ? -6.326  13.454  -2.769  1.00 91.56 ? 66  ASP A CB  1 
ATOM   525 C  CG  . ASP A 1 67  ? -6.492  14.944  -2.542  1.00 95.92 ? 66  ASP A CG  1 
ATOM   526 O  OD1 . ASP A 1 67  ? -6.124  15.773  -3.458  1.00 97.93 ? 66  ASP A OD1 1 
ATOM   527 O  OD2 . ASP A 1 67  ? -7.036  15.370  -1.458  1.00 97.67 ? 66  ASP A OD2 1 
ATOM   528 N  N   . ASN A 1 68  ? -7.746  13.592  -5.841  1.00 88.28 ? 67  ASN A N   1 
ATOM   529 C  CA  . ASN A 1 68  ? -7.612  13.951  -7.227  1.00 90.34 ? 67  ASN A CA  1 
ATOM   530 C  C   . ASN A 1 68  ? -6.378  13.359  -7.899  1.00 91.81 ? 67  ASN A C   1 
ATOM   531 O  O   . ASN A 1 68  ? -6.245  13.402  -9.128  1.00 99.21 ? 67  ASN A O   1 
ATOM   532 C  CB  . ASN A 1 68  ? -7.483  15.468  -7.301  1.00 90.97 ? 67  ASN A CB  1 
ATOM   533 C  CG  . ASN A 1 68  ? -6.971  16.074  -5.975  1.00 91.18 ? 67  ASN A CG  1 
ATOM   534 O  OD1 . ASN A 1 68  ? -7.548  17.036  -5.467  1.00 83.94 ? 67  ASN A OD1 1 
ATOM   535 N  ND2 . ASN A 1 68  ? -5.911  15.557  -5.376  1.00 91.47 ? 67  ASN A ND2 1 
ATOM   536 N  N   . ASP A 1 69  ? -5.477  12.815  -7.119  1.00 89.57 ? 68  ASP A N   1 
ATOM   537 C  CA  . ASP A 1 69  ? -4.224  12.286  -7.686  1.00 86.96 ? 68  ASP A CA  1 
ATOM   538 C  C   . ASP A 1 69  ? -3.107  13.308  -7.442  1.00 85.33 ? 68  ASP A C   1 
ATOM   539 O  O   . ASP A 1 69  ? -2.869  13.726  -6.299  1.00 94.21 ? 68  ASP A O   1 
ATOM   540 C  CB  . ASP A 1 69  ? -4.398  12.154  -9.215  1.00 84.38 ? 68  ASP A CB  1 
ATOM   541 C  CG  . ASP A 1 69  ? -3.985  10.799  -9.776  1.00 83.15 ? 68  ASP A CG  1 
ATOM   542 O  OD1 . ASP A 1 69  ? -2.743  10.459  -9.785  1.00 62.20 ? 68  ASP A OD1 1 
ATOM   543 O  OD2 . ASP A 1 69  ? -4.878  9.999   -10.255 1.00 89.88 ? 68  ASP A OD2 1 
ATOM   544 N  N   . VAL A 1 70  ? -2.460  13.664  -8.547  1.00 79.36 ? 69  VAL A N   1 
ATOM   545 C  CA  . VAL A 1 70  ? -1.445  14.744  -8.589  1.00 75.56 ? 69  VAL A CA  1 
ATOM   546 C  C   . VAL A 1 70  ? 0.010   14.211  -8.655  1.00 72.38 ? 69  VAL A C   1 
ATOM   547 O  O   . VAL A 1 70  ? 0.738   14.459  -9.623  1.00 71.02 ? 69  VAL A O   1 
ATOM   548 C  CB  . VAL A 1 70  ? -1.593  15.661  -7.382  1.00 75.55 ? 69  VAL A CB  1 
ATOM   549 C  CG1 . VAL A 1 70  ? -0.268  15.935  -6.674  1.00 75.55 ? 69  VAL A CG1 1 
ATOM   550 C  CG2 . VAL A 1 70  ? -2.155  17.038  -7.753  1.00 75.55 ? 69  VAL A CG2 1 
ATOM   551 N  N   . GLU A 1 71  ? 0.434   13.498  -7.619  1.00 67.32 ? 70  GLU A N   1 
ATOM   552 C  CA  . GLU A 1 71  ? 1.846   13.017  -7.537  1.00 63.83 ? 70  GLU A CA  1 
ATOM   553 C  C   . GLU A 1 71  ? 1.964   11.522  -7.869  1.00 55.53 ? 70  GLU A C   1 
ATOM   554 O  O   . GLU A 1 71  ? 1.363   10.669  -7.201  1.00 46.71 ? 70  GLU A O   1 
ATOM   555 C  CB  . GLU A 1 71  ? 2.416   13.260  -6.138  1.00 72.40 ? 70  GLU A CB  1 
ATOM   556 C  CG  . GLU A 1 71  ? 1.405   13.024  -5.020  1.00 82.71 ? 70  GLU A CG  1 
ATOM   557 C  CD  . GLU A 1 71  ? 2.034   13.114  -3.628  1.00 90.59 ? 70  GLU A CD  1 
ATOM   558 O  OE1 . GLU A 1 71  ? 3.093   12.428  -3.354  1.00 96.53 ? 70  GLU A OE1 1 
ATOM   559 O  OE2 . GLU A 1 71  ? 1.511   13.877  -2.731  1.00 99.67 ? 70  GLU A OE2 1 
ATOM   560 N  N   . ARG A 1 72  ? 2.767   11.267  -8.898  1.00 46.51 ? 71  ARG A N   1 
ATOM   561 C  CA  . ARG A 1 72  ? 3.045   9.905   -9.389  1.00 38.86 ? 71  ARG A CA  1 
ATOM   562 C  C   . ARG A 1 72  ? 4.544   9.646   -9.376  1.00 33.51 ? 71  ARG A C   1 
ATOM   563 O  O   . ARG A 1 72  ? 5.065   8.892   -10.176 1.00 34.28 ? 71  ARG A O   1 
ATOM   564 C  CB  . ARG A 1 72  ? 2.508   9.741   -10.811 1.00 38.94 ? 71  ARG A CB  1 
ATOM   565 C  CG  . ARG A 1 72  ? 0.979   9.794   -10.879 1.00 39.87 ? 71  ARG A CG  1 
ATOM   566 C  CD  . ARG A 1 72  ? 0.394   8.843   -11.923 1.00 39.11 ? 71  ARG A CD  1 
ATOM   567 N  NE  . ARG A 1 72  ? -1.029  9.092   -12.196 1.00 40.30 ? 71  ARG A NE  1 
ATOM   568 C  CZ  . ARG A 1 72  ? -1.637  8.770   -13.346 1.00 41.50 ? 71  ARG A CZ  1 
ATOM   569 N  NH1 . ARG A 1 72  ? -0.959  8.187   -14.344 1.00 29.69 ? 71  ARG A NH1 1 
ATOM   570 N  NH2 . ARG A 1 72  ? -2.935  8.990   -13.595 1.00 44.51 ? 71  ARG A NH2 1 
ATOM   571 N  N   . THR A 1 73  ? 5.264   10.338  -8.468  1.00 29.07 ? 72  THR A N   1 
ATOM   572 C  CA  . THR A 1 73  ? 6.712   10.106  -8.431  1.00 25.17 ? 72  THR A CA  1 
ATOM   573 C  C   . THR A 1 73  ? 6.970   8.899   -7.491  1.00 25.35 ? 72  THR A C   1 
ATOM   574 O  O   . THR A 1 73  ? 6.199   8.648   -6.586  1.00 33.26 ? 72  THR A O   1 
ATOM   575 C  CB  . THR A 1 73  ? 7.437   11.320  -7.805  1.00 29.32 ? 72  THR A CB  1 
ATOM   576 O  OG1 . THR A 1 73  ? 6.772   11.643  -6.570  1.00 32.00 ? 72  THR A OG1 1 
ATOM   577 C  CG2 . THR A 1 73  ? 7.241   12.522  -8.737  1.00 36.43 ? 72  THR A CG2 1 
ATOM   578 N  N   . SER A 1 74  ? 8.026   8.205   -7.781  1.00 22.47 ? 73  SER A N   1 
ATOM   579 C  CA  . SER A 1 74  ? 8.412   6.995   -7.031  1.00 22.10 ? 73  SER A CA  1 
ATOM   580 C  C   . SER A 1 74  ? 9.876   7.205   -6.633  1.00 22.38 ? 73  SER A C   1 
ATOM   581 O  O   . SER A 1 74  ? 10.581  7.868   -7.417  1.00 22.52 ? 73  SER A O   1 
ATOM   582 C  CB  . SER A 1 74  ? 8.263   5.784   -7.948  1.00 20.32 ? 73  SER A CB  1 
ATOM   583 O  OG  . SER A 1 74  ? 8.904   4.600   -7.400  1.00 20.74 ? 73  SER A OG  1 
ATOM   584 N  N   . PRO A 1 75  ? 10.304  6.684   -5.528  1.00 20.93 ? 74  PRO A N   1 
ATOM   585 C  CA  . PRO A 1 75  ? 9.509   5.871   -4.619  1.00 17.64 ? 74  PRO A CA  1 
ATOM   586 C  C   . PRO A 1 75  ? 8.663   6.722   -3.672  1.00 21.00 ? 74  PRO A C   1 
ATOM   587 O  O   . PRO A 1 75  ? 9.027   7.876   -3.394  1.00 21.90 ? 74  PRO A O   1 
ATOM   588 C  CB  . PRO A 1 75  ? 10.621  5.213   -3.720  1.00 19.73 ? 74  PRO A CB  1 
ATOM   589 C  CG  . PRO A 1 75  ? 11.672  6.276   -3.686  1.00 22.71 ? 74  PRO A CG  1 
ATOM   590 C  CD  . PRO A 1 75  ? 11.718  6.828   -5.108  1.00 24.29 ? 74  PRO A CD  1 
ATOM   591 N  N   . VAL A 1 76  ? 7.568   6.126   -3.229  1.00 17.49 ? 75  VAL A N   1 
ATOM   592 C  CA  . VAL A 1 76  ? 6.691   6.762   -2.224  1.00 16.40 ? 75  VAL A CA  1 
ATOM   593 C  C   . VAL A 1 76  ? 6.944   5.988   -0.915  1.00 21.15 ? 75  VAL A C   1 
ATOM   594 O  O   . VAL A 1 76  ? 6.921   4.746   -0.970  1.00 18.26 ? 75  VAL A O   1 
ATOM   595 C  CB  . VAL A 1 76  ? 5.221   6.576   -2.581  1.00 18.93 ? 75  VAL A CB  1 
ATOM   596 C  CG1 . VAL A 1 76  ? 4.349   6.944   -1.354  1.00 21.08 ? 75  VAL A CG1 1 
ATOM   597 C  CG2 . VAL A 1 76  ? 4.880   7.523   -3.750  1.00 24.32 ? 75  VAL A CG2 1 
ATOM   598 N  N   . ILE A 1 77  ? 7.318   6.698   0.123   1.00 19.22 ? 76  ILE A N   1 
ATOM   599 C  CA  . ILE A 1 77  ? 7.645   5.926   1.396   1.00 20.40 ? 76  ILE A CA  1 
ATOM   600 C  C   . ILE A 1 77  ? 6.671   6.419   2.451   1.00 24.57 ? 76  ILE A C   1 
ATOM   601 O  O   . ILE A 1 77  ? 6.578   7.627   2.704   1.00 25.83 ? 76  ILE A O   1 
ATOM   602 C  CB  . ILE A 1 77  ? 9.107   6.210   1.816   1.00 24.03 ? 76  ILE A CB  1 
ATOM   603 C  CG1 . ILE A 1 77  ? 10.112  5.547   0.817   1.00 25.82 ? 76  ILE A CG1 1 
ATOM   604 C  CG2 . ILE A 1 77  ? 9.360   5.488   3.184   1.00 18.38 ? 76  ILE A CG2 1 
ATOM   605 C  CD1 . ILE A 1 77  ? 11.292  6.410   0.488   1.00 32.70 ? 76  ILE A CD1 1 
ATOM   606 N  N   . GLU A 1 78  ? 5.851   5.512   2.986   1.00 19.93 ? 77  GLU A N   1 
ATOM   607 C  CA  . GLU A 1 78  ? 4.813   5.940   3.943   1.00 22.21 ? 77  GLU A CA  1 
ATOM   608 C  C   . GLU A 1 78  ? 5.209   5.440   5.343   1.00 20.63 ? 77  GLU A C   1 
ATOM   609 O  O   . GLU A 1 78  ? 5.579   4.296   5.471   1.00 19.93 ? 77  GLU A O   1 
ATOM   610 C  CB  . GLU A 1 78  ? 3.478   5.218   3.560   1.00 25.98 ? 77  GLU A CB  1 
ATOM   611 C  CG  . GLU A 1 78  ? 2.943   5.789   2.214   1.00 28.66 ? 77  GLU A CG  1 
ATOM   612 C  CD  . GLU A 1 78  ? 2.207   7.097   2.426   1.00 40.72 ? 77  GLU A CD  1 
ATOM   613 O  OE1 . GLU A 1 78  ? 1.743   7.353   3.562   1.00 47.57 ? 77  GLU A OE1 1 
ATOM   614 O  OE2 . GLU A 1 78  ? 2.033   7.861   1.443   1.00 50.16 ? 77  GLU A OE2 1 
ATOM   615 N  N   . ARG A 1 79  ? 5.099   6.329   6.319   1.00 18.93 ? 78  ARG A N   1 
ATOM   616 C  CA  . ARG A 1 79  ? 5.433   5.955   7.691   1.00 23.48 ? 78  ARG A CA  1 
ATOM   617 C  C   . ARG A 1 79  ? 4.218   5.311   8.352   1.00 21.17 ? 78  ARG A C   1 
ATOM   618 O  O   . ARG A 1 79  ? 3.096   5.765   8.186   1.00 24.06 ? 78  ARG A O   1 
ATOM   619 C  CB  . ARG A 1 79  ? 5.872   7.170   8.550   1.00 25.68 ? 78  ARG A CB  1 
ATOM   620 C  CG  . ARG A 1 79  ? 6.733   6.676   9.742   1.00 36.93 ? 78  ARG A CG  1 
ATOM   621 C  CD  . ARG A 1 79  ? 7.421   7.812   10.488  1.00 45.88 ? 78  ARG A CD  1 
ATOM   622 N  NE  . ARG A 1 79  ? 8.832   7.454   10.812  1.00 47.92 ? 78  ARG A NE  1 
ATOM   623 C  CZ  . ARG A 1 79  ? 9.205   6.933   11.967  1.00 51.76 ? 78  ARG A CZ  1 
ATOM   624 N  NH1 . ARG A 1 79  ? 8.495   7.192   13.066  1.00 59.55 ? 78  ARG A NH1 1 
ATOM   625 N  NH2 . ARG A 1 79  ? 10.299  6.159   12.073  1.00 32.80 ? 78  ARG A NH2 1 
ATOM   626 N  N   . LEU A 1 80  ? 4.492   4.263   9.140   1.00 18.51 ? 79  LEU A N   1 
ATOM   627 C  CA  . LEU A 1 80  ? 3.326   3.623   9.837   1.00 18.91 ? 79  LEU A CA  1 
ATOM   628 C  C   . LEU A 1 80  ? 3.353   4.177   11.290  1.00 20.84 ? 79  LEU A C   1 
ATOM   629 O  O   . LEU A 1 80  ? 4.144   3.752   12.100  1.00 24.82 ? 79  LEU A O   1 
ATOM   630 C  CB  . LEU A 1 80  ? 3.563   2.113   9.811   1.00 17.42 ? 79  LEU A CB  1 
ATOM   631 C  CG  . LEU A 1 80  ? 3.682   1.535   8.374   1.00 20.69 ? 79  LEU A CG  1 
ATOM   632 C  CD1 . LEU A 1 80  ? 3.965   0.053   8.389   1.00 21.75 ? 79  LEU A CD1 1 
ATOM   633 C  CD2 . LEU A 1 80  ? 2.439   1.840   7.573   1.00 20.90 ? 79  LEU A CD2 1 
ATOM   634 N  N   . ASP A 1 81  ? 2.501   5.151   11.484  1.00 23.25 ? 80  ASP A N   1 
ATOM   635 C  CA  . ASP A 1 81  ? 2.382   5.982   12.645  1.00 31.15 ? 80  ASP A CA  1 
ATOM   636 C  C   . ASP A 1 81  ? 1.335   5.508   13.654  1.00 29.68 ? 80  ASP A C   1 
ATOM   637 O  O   . ASP A 1 81  ? 1.362   6.038   14.780  1.00 35.35 ? 80  ASP A O   1 
ATOM   638 C  CB  . ASP A 1 81  ? 1.702   7.364   12.127  1.00 40.25 ? 80  ASP A CB  1 
ATOM   639 C  CG  . ASP A 1 81  ? 2.788   8.147   11.423  1.00 54.72 ? 80  ASP A CG  1 
ATOM   640 O  OD1 . ASP A 1 81  ? 3.948   8.060   11.902  1.00 65.20 ? 80  ASP A OD1 1 
ATOM   641 O  OD2 . ASP A 1 81  ? 2.476   8.786   10.396  1.00 70.20 ? 80  ASP A OD2 1 
ATOM   642 N  N   . GLU A 1 82  ? 0.358   4.748   13.237  1.00 24.33 ? 81  GLU A N   1 
ATOM   643 C  CA  . GLU A 1 82  ? -0.756  4.385   14.127  1.00 28.08 ? 81  GLU A CA  1 
ATOM   644 C  C   . GLU A 1 82  ? -0.973  2.880   14.113  1.00 26.74 ? 81  GLU A C   1 
ATOM   645 O  O   . GLU A 1 82  ? -0.675  2.207   13.118  1.00 22.90 ? 81  GLU A O   1 
ATOM   646 C  CB  . GLU A 1 82  ? -2.035  5.090   13.651  1.00 35.06 ? 81  GLU A CB  1 
ATOM   647 C  CG  . GLU A 1 82  ? -1.810  6.101   12.570  1.00 52.78 ? 81  GLU A CG  1 
ATOM   648 C  CD  . GLU A 1 82  ? -1.961  7.539   12.986  1.00 67.98 ? 81  GLU A CD  1 
ATOM   649 O  OE1 . GLU A 1 82  ? -1.899  7.842   14.197  1.00 87.08 ? 81  GLU A OE1 1 
ATOM   650 O  OE2 . GLU A 1 82  ? -2.131  8.398   12.081  1.00 86.99 ? 81  GLU A OE2 1 
ATOM   651 N  N   . LEU A 1 83  ? -1.522  2.381   15.216  1.00 20.76 ? 82  LEU A N   1 
ATOM   652 C  CA  . LEU A 1 83  ? -1.813  0.942   15.313  1.00 19.95 ? 82  LEU A CA  1 
ATOM   653 C  C   . LEU A 1 83  ? -3.011  0.574   14.430  1.00 22.70 ? 82  LEU A C   1 
ATOM   654 O  O   . LEU A 1 83  ? -3.885  1.400   14.143  1.00 30.48 ? 82  LEU A O   1 
ATOM   655 C  CB  . LEU A 1 83  ? -2.262  0.668   16.782  1.00 23.08 ? 82  LEU A CB  1 
ATOM   656 C  CG  . LEU A 1 83  ? -1.083  0.833   17.774  1.00 30.40 ? 82  LEU A CG  1 
ATOM   657 C  CD1 . LEU A 1 83  ? -1.600  0.502   19.174  1.00 37.07 ? 82  LEU A CD1 1 
ATOM   658 C  CD2 . LEU A 1 83  ? 0.045   -0.084  17.394  1.00 36.33 ? 82  LEU A CD2 1 
ATOM   659 N  N   . GLY A 1 84  ? -3.156  -0.699  14.118  1.00 19.95 ? 83  GLY A N   1 
ATOM   660 C  CA  . GLY A 1 84  ? -4.352  -1.167  13.465  1.00 19.76 ? 83  GLY A CA  1 
ATOM   661 C  C   . GLY A 1 84  ? -4.188  -1.264  11.933  1.00 19.08 ? 83  GLY A C   1 
ATOM   662 O  O   . GLY A 1 84  ? -3.062  -1.221  11.430  1.00 20.71 ? 83  GLY A O   1 
ATOM   663 N  N   . MET A 1 85  ? -5.320  -1.482  11.308  1.00 18.25 ? 84  MET A N   1 
ATOM   664 C  CA  . MET A 1 85  ? -5.394  -1.786  9.877   1.00 18.61 ? 84  MET A CA  1 
ATOM   665 C  C   . MET A 1 85  ? -5.142  -0.496  9.071   1.00 18.93 ? 84  MET A C   1 
ATOM   666 O  O   . MET A 1 85  ? -5.681  0.537   9.440   1.00 21.81 ? 84  MET A O   1 
ATOM   667 C  CB  . MET A 1 85  ? -6.795  -2.290  9.537   1.00 20.95 ? 84  MET A CB  1 
ATOM   668 C  CG  . MET A 1 85  ? -7.082  -3.717  10.011  1.00 23.47 ? 84  MET A CG  1 
ATOM   669 S  SD  . MET A 1 85  ? -5.860  -4.900  9.603   1.00 30.52 ? 84  MET A SD  1 
ATOM   670 C  CE  . MET A 1 85  ? -5.924  -5.042  7.845   1.00 29.48 ? 84  MET A CE  1 
ATOM   671 N  N   . HIS A 1 86  ? -4.370  -0.669  8.011   1.00 19.52 ? 85  HIS A N   1 
ATOM   672 C  CA  . HIS A 1 86  ? -4.100  0.435   7.067   1.00 16.78 ? 85  HIS A CA  1 
ATOM   673 C  C   . HIS A 1 86  ? -4.365  -0.134  5.656   1.00 15.94 ? 85  HIS A C   1 
ATOM   674 O  O   . HIS A 1 86  ? -4.124  -1.301  5.399   1.00 18.81 ? 85  HIS A O   1 
ATOM   675 C  CB  . HIS A 1 86  ? -2.705  0.957   7.184   1.00 20.34 ? 85  HIS A CB  1 
ATOM   676 C  CG  . HIS A 1 86  ? -2.441  1.745   8.435   1.00 26.80 ? 85  HIS A CG  1 
ATOM   677 N  ND1 . HIS A 1 86  ? -2.268  1.141   9.654   1.00 30.50 ? 85  HIS A ND1 1 
ATOM   678 C  CD2 . HIS A 1 86  ? -2.336  3.069   8.654   1.00 32.54 ? 85  HIS A CD2 1 
ATOM   679 C  CE1 . HIS A 1 86  ? -2.063  2.068   10.578  1.00 33.76 ? 85  HIS A CE1 1 
ATOM   680 N  NE2 . HIS A 1 86  ? -2.091  3.240   10.005  1.00 38.07 ? 85  HIS A NE2 1 
ATOM   681 N  N   . TYR A 1 87  ? -4.892  0.729   4.807   1.00 16.42 ? 86  TYR A N   1 
ATOM   682 C  CA  . TYR A 1 87  ? -5.316  0.257   3.465   1.00 12.84 ? 86  TYR A CA  1 
ATOM   683 C  C   . TYR A 1 87  ? -4.688  1.198   2.424   1.00 19.80 ? 86  TYR A C   1 
ATOM   684 O  O   . TYR A 1 87  ? -4.885  2.418   2.494   1.00 22.68 ? 86  TYR A O   1 
ATOM   685 C  CB  . TYR A 1 87  ? -6.866  0.557   3.415   1.00 15.70 ? 86  TYR A CB  1 
ATOM   686 C  CG  . TYR A 1 87  ? -7.588  -0.298  4.449   1.00 20.12 ? 86  TYR A CG  1 
ATOM   687 C  CD1 . TYR A 1 87  ? -7.627  -1.670  4.312   1.00 21.00 ? 86  TYR A CD1 1 
ATOM   688 C  CD2 . TYR A 1 87  ? -8.157  0.294   5.563   1.00 26.11 ? 86  TYR A CD2 1 
ATOM   689 C  CE1 . TYR A 1 87  ? -8.270  -2.467  5.261   1.00 23.66 ? 86  TYR A CE1 1 
ATOM   690 C  CE2 . TYR A 1 87  ? -8.811  -0.490  6.513   1.00 25.14 ? 86  TYR A CE2 1 
ATOM   691 C  CZ  . TYR A 1 87  ? -8.855  -1.850  6.340   1.00 25.28 ? 86  TYR A CZ  1 
ATOM   692 O  OH  . TYR A 1 87  ? -9.489  -2.634  7.296   1.00 29.87 ? 86  TYR A OH  1 
ATOM   693 N  N   . PHE A 1 88  ? -4.006  0.632   1.447   1.00 17.69 ? 87  PHE A N   1 
ATOM   694 C  CA  . PHE A 1 88  ? -3.391  1.537   0.417   1.00 15.11 ? 87  PHE A CA  1 
ATOM   695 C  C   . PHE A 1 88  ? -3.814  0.984   -0.956  1.00 18.42 ? 87  PHE A C   1 
ATOM   696 O  O   . PHE A 1 88  ? -3.864  -0.232  -1.153  1.00 17.96 ? 87  PHE A O   1 
ATOM   697 C  CB  . PHE A 1 88  ? -1.874  1.407   0.505   1.00 17.16 ? 87  PHE A CB  1 
ATOM   698 C  CG  . PHE A 1 88  ? -1.301  1.878   1.834   1.00 21.85 ? 87  PHE A CG  1 
ATOM   699 C  CD1 . PHE A 1 88  ? -0.996  3.202   2.027   1.00 20.81 ? 87  PHE A CD1 1 
ATOM   700 C  CD2 . PHE A 1 88  ? -1.112  0.927   2.857   1.00 20.17 ? 87  PHE A CD2 1 
ATOM   701 C  CE1 . PHE A 1 88  ? -0.514  3.651   3.256   1.00 20.62 ? 87  PHE A CE1 1 
ATOM   702 C  CE2 . PHE A 1 88  ? -0.653  1.398   4.078   1.00 20.10 ? 87  PHE A CE2 1 
ATOM   703 C  CZ  . PHE A 1 88  ? -0.328  2.714   4.257   1.00 18.46 ? 87  PHE A CZ  1 
ATOM   704 N  N   . VAL A 1 89  ? -4.022  1.905   -1.901  1.00 15.81 ? 88  VAL A N   1 
ATOM   705 C  CA  . VAL A 1 89  ? -4.405  1.392   -3.234  1.00 14.28 ? 88  VAL A CA  1 
ATOM   706 C  C   . VAL A 1 89  ? -3.711  2.287   -4.282  1.00 17.13 ? 88  VAL A C   1 
ATOM   707 O  O   . VAL A 1 89  ? -3.201  3.339   -3.966  1.00 18.97 ? 88  VAL A O   1 
ATOM   708 C  CB  . VAL A 1 89  ? -5.926  1.567   -3.457  1.00 16.78 ? 88  VAL A CB  1 
ATOM   709 C  CG1 . VAL A 1 89  ? -6.706  0.735   -2.434  1.00 19.69 ? 88  VAL A CG1 1 
ATOM   710 C  CG2 . VAL A 1 89  ? -6.312  3.035   -3.294  1.00 18.56 ? 88  VAL A CG2 1 
ATOM   711 N  N   . CYS A 1 90  ? -3.795  1.802   -5.508  1.00 13.75 ? 89  CYS A N   1 
ATOM   712 C  CA  . CYS A 1 90  ? -3.415  2.638   -6.656  1.00 12.02 ? 89  CYS A CA  1 
ATOM   713 C  C   . CYS A 1 90  ? -4.759  3.076   -7.298  1.00 14.33 ? 89  CYS A C   1 
ATOM   714 O  O   . CYS A 1 90  ? -5.639  2.220   -7.471  1.00 16.54 ? 89  CYS A O   1 
ATOM   715 C  CB  . CYS A 1 90  ? -2.697  1.728   -7.704  1.00 14.56 ? 89  CYS A CB  1 
ATOM   716 S  SG  . CYS A 1 90  ? -2.353  2.769   -9.189  1.00 18.11 ? 89  CYS A SG  1 
ATOM   717 N  N   . THR A 1 91  ? -4.921  4.366   -7.524  1.00 16.33 ? 90  THR A N   1 
ATOM   718 C  CA  . THR A 1 91  ? -6.215  4.872   -8.000  1.00 17.02 ? 90  THR A CA  1 
ATOM   719 C  C   . THR A 1 91  ? -6.228  5.041   -9.507  1.00 18.92 ? 90  THR A C   1 
ATOM   720 O  O   . THR A 1 91  ? -7.173  5.570   -10.075 1.00 18.96 ? 90  THR A O   1 
ATOM   721 C  CB  . THR A 1 91  ? -6.605  6.194   -7.334  1.00 19.12 ? 90  THR A CB  1 
ATOM   722 O  OG1 . THR A 1 91  ? -5.701  7.224   -7.680  1.00 21.39 ? 90  THR A OG1 1 
ATOM   723 C  CG2 . THR A 1 91  ? -6.586  6.076   -5.808  1.00 19.78 ? 90  THR A CG2 1 
ATOM   724 N  N   . VAL A 1 92  ? -5.178  4.561   -10.181 1.00 18.26 ? 91  VAL A N   1 
ATOM   725 C  CA  . VAL A 1 92  ? -5.189  4.700   -11.668 1.00 15.85 ? 91  VAL A CA  1 
ATOM   726 C  C   . VAL A 1 92  ? -6.096  3.669   -12.264 1.00 18.52 ? 91  VAL A C   1 
ATOM   727 O  O   . VAL A 1 92  ? -6.014  2.482   -12.004 1.00 18.46 ? 91  VAL A O   1 
ATOM   728 C  CB  . VAL A 1 92  ? -3.770  4.547   -12.205 1.00 17.86 ? 91  VAL A CB  1 
ATOM   729 C  CG1 . VAL A 1 92  ? -3.736  4.337   -13.710 1.00 22.45 ? 91  VAL A CG1 1 
ATOM   730 C  CG2 . VAL A 1 92  ? -2.867  5.664   -11.758 1.00 19.61 ? 91  VAL A CG2 1 
ATOM   731 N  N   . GLY A 1 93  ? -7.000  4.124   -13.185 1.00 17.00 ? 92  GLY A N   1 
ATOM   732 C  CA  . GLY A 1 93  ? -7.782  3.180   -13.930 1.00 17.38 ? 92  GLY A CA  1 
ATOM   733 C  C   . GLY A 1 93  ? -8.397  2.042   -13.232 1.00 19.62 ? 92  GLY A C   1 
ATOM   734 O  O   . GLY A 1 93  ? -9.171  2.236   -12.253 1.00 19.85 ? 92  GLY A O   1 
ATOM   735 N  N   . THR A 1 94  ? -8.172  0.811   -13.684 1.00 19.44 ? 93  THR A N   1 
ATOM   736 C  CA  . THR A 1 94  ? -8.784  -0.352  -12.995 1.00 19.67 ? 93  THR A CA  1 
ATOM   737 C  C   . THR A 1 94  ? -7.765  -1.076  -12.123 1.00 18.54 ? 93  THR A C   1 
ATOM   738 O  O   . THR A 1 94  ? -7.974  -2.248  -11.747 1.00 21.13 ? 93  THR A O   1 
ATOM   739 C  CB  . THR A 1 94  ? -9.274  -1.364  -14.075 1.00 22.03 ? 93  THR A CB  1 
ATOM   740 O  OG1 . THR A 1 94  ? -8.180  -1.682  -14.925 1.00 25.72 ? 93  THR A OG1 1 
ATOM   741 C  CG2 . THR A 1 94  ? -10.300 -0.649  -14.988 1.00 24.12 ? 93  THR A CG2 1 
ATOM   742 N  N   . HIS A 1 95  ? -6.632  -0.455  -11.827 1.00 17.45 ? 94  HIS A N   1 
ATOM   743 C  CA  . HIS A 1 95  ? -5.564  -1.174  -11.106 1.00 17.66 ? 94  HIS A CA  1 
ATOM   744 C  C   . HIS A 1 95  ? -6.039  -1.714  -9.767  1.00 21.06 ? 94  HIS A C   1 
ATOM   745 O  O   . HIS A 1 95  ? -5.730  -2.843  -9.366  1.00 18.07 ? 94  HIS A O   1 
ATOM   746 C  CB  . HIS A 1 95  ? -4.383  -0.227  -10.919 1.00 14.82 ? 94  HIS A CB  1 
ATOM   747 C  CG  . HIS A 1 95  ? -3.768  0.191   -12.216 1.00 16.73 ? 94  HIS A CG  1 
ATOM   748 N  ND1 . HIS A 1 95  ? -2.614  0.906   -12.273 1.00 16.64 ? 94  HIS A ND1 1 
ATOM   749 C  CD2 . HIS A 1 95  ? -4.153  -0.011  -13.499 1.00 17.66 ? 94  HIS A CD2 1 
ATOM   750 C  CE1 . HIS A 1 95  ? -2.264  1.152   -13.523 1.00 20.12 ? 94  HIS A CE1 1 
ATOM   751 N  NE2 . HIS A 1 95  ? -3.203  0.595   -14.297 1.00 16.90 ? 94  HIS A NE2 1 
ATOM   752 N  N   . CYS A 1 96  ? -6.801  -0.902  -9.020  1.00 17.63 ? 95  CYS A N   1 
ATOM   753 C  CA  . CYS A 1 96  ? -7.237  -1.431  -7.694  1.00 16.86 ? 95  CYS A CA  1 
ATOM   754 C  C   . CYS A 1 96  ? -8.132  -2.618  -7.896  1.00 19.00 ? 95  CYS A C   1 
ATOM   755 O  O   . CYS A 1 96  ? -7.999  -3.672  -7.270  1.00 19.31 ? 95  CYS A O   1 
ATOM   756 C  CB  . CYS A 1 96  ? -7.941  -0.280  -6.974  1.00 16.10 ? 95  CYS A CB  1 
ATOM   757 S  SG  . CYS A 1 96  ? -8.683  -0.681  -5.382  1.00 18.62 ? 95  CYS A SG  1 
ATOM   758 N  N   . SER A 1 97  ? -9.105  -2.536  -8.837  1.00 18.54 ? 96  SER A N   1 
ATOM   759 C  CA  . SER A 1 97  ? -9.961  -3.722  -9.012  1.00 20.15 ? 96  SER A CA  1 
ATOM   760 C  C   . SER A 1 97  ? -9.181  -4.959  -9.469  1.00 20.61 ? 96  SER A C   1 
ATOM   761 O  O   . SER A 1 97  ? -9.745  -6.038  -9.321  1.00 23.78 ? 96  SER A O   1 
ATOM   762 C  CB  . SER A 1 97  ? -10.969 -3.448  -10.180 1.00 20.92 ? 96  SER A CB  1 
ATOM   763 O  OG  . SER A 1 97  ? -11.775 -2.362  -9.791  1.00 31.57 ? 96  SER A OG  1 
ATOM   764 N  N   . ASN A 1 98  ? -8.033  -4.788  -10.072 1.00 18.62 ? 97  ASN A N   1 
ATOM   765 C  CA  . ASN A 1 98  ? -7.192  -5.846  -10.576 1.00 20.68 ? 97  ASN A CA  1 
ATOM   766 C  C   . ASN A 1 98  ? -6.168  -6.301  -9.564  1.00 23.64 ? 97  ASN A C   1 
ATOM   767 O  O   . ASN A 1 98  ? -5.266  -7.094  -9.809  1.00 22.54 ? 97  ASN A O   1 
ATOM   768 C  CB  . ASN A 1 98  ? -6.554  -5.431  -11.912 1.00 23.63 ? 97  ASN A CB  1 
ATOM   769 C  CG  . ASN A 1 98  ? -7.613  -5.607  -13.029 1.00 31.62 ? 97  ASN A CG  1 
ATOM   770 O  OD1 . ASN A 1 98  ? -7.877  -4.689  -13.782 1.00 38.13 ? 97  ASN A OD1 1 
ATOM   771 N  ND2 . ASN A 1 98  ? -8.223  -6.782  -13.045 1.00 34.39 ? 97  ASN A ND2 1 
ATOM   772 N  N   . GLY A 1 99  ? -6.344  -5.850  -8.291  1.00 22.65 ? 98  GLY A N   1 
ATOM   773 C  CA  . GLY A 1 99  ? -5.458  -6.391  -7.244  1.00 21.84 ? 98  GLY A CA  1 
ATOM   774 C  C   . GLY A 1 99  ? -4.349  -5.511  -6.776  1.00 20.40 ? 98  GLY A C   1 
ATOM   775 O  O   . GLY A 1 99  ? -3.488  -5.930  -5.944  1.00 17.49 ? 98  GLY A O   1 
ATOM   776 N  N   . GLN A 1 100 ? -4.230  -4.286  -7.284  1.00 16.18 ? 99  GLN A N   1 
ATOM   777 C  CA  . GLN A 1 100 ? -3.138  -3.425  -6.815  1.00 17.89 ? 99  GLN A CA  1 
ATOM   778 C  C   . GLN A 1 100 ? -3.662  -2.651  -5.588  1.00 20.51 ? 99  GLN A C   1 
ATOM   779 O  O   . GLN A 1 100 ? -4.014  -1.484  -5.660  1.00 17.38 ? 99  GLN A O   1 
ATOM   780 C  CB  . GLN A 1 100 ? -2.625  -2.445  -7.849  1.00 14.21 ? 99  GLN A CB  1 
ATOM   781 C  CG  . GLN A 1 100 ? -1.357  -1.735  -7.455  1.00 13.87 ? 99  GLN A CG  1 
ATOM   782 C  CD  . GLN A 1 100 ? -0.784  -0.845  -8.542  1.00 17.95 ? 99  GLN A CD  1 
ATOM   783 O  OE1 . GLN A 1 100 ? -1.480  -0.490  -9.502  1.00 18.70 ? 99  GLN A OE1 1 
ATOM   784 N  NE2 . GLN A 1 100 ? 0.487   -0.510  -8.432  1.00 19.42 ? 99  GLN A NE2 1 
ATOM   785 N  N   . LYS A 1 101 ? -3.696  -3.386  -4.483  1.00 17.82 ? 100 LYS A N   1 
ATOM   786 C  CA  . LYS A 1 101 ? -4.197  -2.763  -3.215  1.00 14.27 ? 100 LYS A CA  1 
ATOM   787 C  C   . LYS A 1 101 ? -3.565  -3.622  -2.085  1.00 18.61 ? 100 LYS A C   1 
ATOM   788 O  O   . LYS A 1 101 ? -3.186  -4.775  -2.320  1.00 16.79 ? 100 LYS A O   1 
ATOM   789 C  CB  . LYS A 1 101 ? -5.731  -2.961  -3.186  1.00 16.58 ? 100 LYS A CB  1 
ATOM   790 C  CG  . LYS A 1 101 ? -6.139  -4.424  -3.275  1.00 18.63 ? 100 LYS A CG  1 
ATOM   791 C  CD  . LYS A 1 101 ? -7.596  -4.571  -3.684  1.00 21.95 ? 100 LYS A CD  1 
ATOM   792 C  CE  . LYS A 1 101 ? -8.522  -3.704  -2.865  1.00 25.85 ? 100 LYS A CE  1 
ATOM   793 N  NZ  . LYS A 1 101 ? -9.977  -4.101  -3.085  1.00 23.24 ? 100 LYS A NZ  1 
ATOM   794 N  N   . LEU A 1 102 ? -3.367  -2.993  -0.946  1.00 19.01 ? 101 LEU A N   1 
ATOM   795 C  CA  . LEU A 1 102 ? -2.592  -3.682  0.130   1.00 16.17 ? 101 LEU A CA  1 
ATOM   796 C  C   . LEU A 1 102 ? -3.224  -3.272  1.471   1.00 16.61 ? 101 LEU A C   1 
ATOM   797 O  O   . LEU A 1 102 ? -3.542  -2.133  1.705   1.00 17.38 ? 101 LEU A O   1 
ATOM   798 C  CB  . LEU A 1 102 ? -1.162  -3.067  0.046   1.00 15.46 ? 101 LEU A CB  1 
ATOM   799 C  CG  . LEU A 1 102 ? -0.296  -3.410  1.293   1.00 17.94 ? 101 LEU A CG  1 
ATOM   800 C  CD1 . LEU A 1 102 ? 0.257   -4.819  1.134   1.00 20.57 ? 101 LEU A CD1 1 
ATOM   801 C  CD2 . LEU A 1 102 ? 0.880   -2.411  1.354   1.00 20.82 ? 101 LEU A CD2 1 
ATOM   802 N  N   . SER A 1 103 ? -3.504  -4.275  2.307   1.00 17.50 ? 102 SER A N   1 
ATOM   803 C  CA  . SER A 1 103 ? -4.023  -3.957  3.647   1.00 17.17 ? 102 SER A CA  1 
ATOM   804 C  C   . SER A 1 103 ? -3.070  -4.605  4.652   1.00 18.55 ? 102 SER A C   1 
ATOM   805 O  O   . SER A 1 103 ? -2.651  -5.745  4.496   1.00 20.43 ? 102 SER A O   1 
ATOM   806 C  CB  . SER A 1 103 ? -5.433  -4.528  3.846   1.00 20.17 ? 102 SER A CB  1 
ATOM   807 O  OG  . SER A 1 103 ? -5.412  -5.898  3.791   1.00 30.11 ? 102 SER A OG  1 
ATOM   808 N  N   . ILE A 1 104 ? -2.677  -3.794  5.644   1.00 18.46 ? 103 ILE A N   1 
ATOM   809 C  CA  . ILE A 1 104 ? -1.710  -4.353  6.596   1.00 18.00 ? 103 ILE A CA  1 
ATOM   810 C  C   . ILE A 1 104 ? -2.141  -4.006  8.026   1.00 20.37 ? 103 ILE A C   1 
ATOM   811 O  O   . ILE A 1 104 ? -2.861  -3.055  8.259   1.00 24.31 ? 103 ILE A O   1 
ATOM   812 C  CB  . ILE A 1 104 ? -0.326  -3.774  6.357   1.00 21.24 ? 103 ILE A CB  1 
ATOM   813 C  CG1 . ILE A 1 104 ? -0.256  -2.247  6.515   1.00 22.13 ? 103 ILE A CG1 1 
ATOM   814 C  CG2 . ILE A 1 104 ? 0.216   -4.178  4.988   1.00 21.92 ? 103 ILE A CG2 1 
ATOM   815 C  CD1 . ILE A 1 104 ? 1.147   -1.773  6.880   1.00 28.62 ? 103 ILE A CD1 1 
ATOM   816 N  N   . ASN A 1 105 ? -1.667  -4.854  8.953   1.00 15.38 ? 104 ASN A N   1 
ATOM   817 C  CA  . ASN A 1 105 ? -2.037  -4.620  10.362  1.00 16.89 ? 104 ASN A CA  1 
ATOM   818 C  C   . ASN A 1 105 ? -0.764  -4.165  11.090  1.00 17.43 ? 104 ASN A C   1 
ATOM   819 O  O   . ASN A 1 105 ? 0.246   -4.883  11.054  1.00 19.19 ? 104 ASN A O   1 
ATOM   820 C  CB  . ASN A 1 105 ? -2.456  -6.001  10.947  1.00 18.54 ? 104 ASN A CB  1 
ATOM   821 C  CG  . ASN A 1 105 ? -2.806  -5.834  12.435  1.00 24.68 ? 104 ASN A CG  1 
ATOM   822 O  OD1 . ASN A 1 105 ? -2.311  -6.604  13.275  1.00 30.53 ? 104 ASN A OD1 1 
ATOM   823 N  ND2 . ASN A 1 105 ? -3.634  -4.859  12.723  1.00 20.18 ? 104 ASN A ND2 1 
ATOM   824 N  N   . VAL A 1 106 ? -0.804  -2.975  11.665  1.00 17.71 ? 105 VAL A N   1 
ATOM   825 C  CA  . VAL A 1 106 ? 0.351   -2.420  12.350  1.00 15.92 ? 105 VAL A CA  1 
ATOM   826 C  C   . VAL A 1 106 ? 0.232   -2.655  13.867  1.00 18.45 ? 105 VAL A C   1 
ATOM   827 O  O   . VAL A 1 106 ? -0.812  -2.339  14.451  1.00 18.79 ? 105 VAL A O   1 
ATOM   828 C  CB  . VAL A 1 106 ? 0.431   -0.889  12.089  1.00 19.81 ? 105 VAL A CB  1 
ATOM   829 C  CG1 . VAL A 1 106 ? 1.690   -0.310  12.727  1.00 19.06 ? 105 VAL A CG1 1 
ATOM   830 C  CG2 . VAL A 1 106 ? 0.576   -0.714  10.554  1.00 20.68 ? 105 VAL A CG2 1 
ATOM   831 N  N   . VAL A 1 107 ? 1.275   -3.226  14.428  1.00 18.25 ? 106 VAL A N   1 
ATOM   832 C  CA  . VAL A 1 107 ? 1.258   -3.465  15.909  1.00 17.80 ? 106 VAL A CA  1 
ATOM   833 C  C   . VAL A 1 107 ? 2.285   -2.600  16.582  1.00 22.52 ? 106 VAL A C   1 
ATOM   834 O  O   . VAL A 1 107 ? 3.140   -1.902  16.014  1.00 20.33 ? 106 VAL A O   1 
ATOM   835 C  CB  . VAL A 1 107 ? 1.506   -4.956  16.173  1.00 16.12 ? 106 VAL A CB  1 
ATOM   836 C  CG1 . VAL A 1 107 ? 0.426   -5.808  15.519  1.00 16.87 ? 106 VAL A CG1 1 
ATOM   837 C  CG2 . VAL A 1 107 ? 2.916   -5.325  15.727  1.00 19.85 ? 106 VAL A CG2 1 
ATOM   838 N  N   . ALA A 1 108 ? 2.247   -2.573  17.934  1.00 22.38 ? 107 ALA A N   1 
ATOM   839 C  CA  . ALA A 1 108 ? 3.203   -1.690  18.629  1.00 24.83 ? 107 ALA A CA  1 
ATOM   840 C  C   . ALA A 1 108 ? 4.629   -2.122  18.452  1.00 31.12 ? 107 ALA A C   1 
ATOM   841 O  O   . ALA A 1 108 ? 4.950   -3.230  18.034  1.00 37.54 ? 107 ALA A O   1 
ATOM   842 C  CB  . ALA A 1 108 ? 2.858   -1.771  20.158  1.00 26.77 ? 107 ALA A CB  1 
ATOM   843 N  N   . ALA A 1 109 ? 5.579   -1.259  18.848  1.00 40.85 ? 108 ALA A N   1 
ATOM   844 C  CA  . ALA A 1 109 ? 6.985   -1.655  18.737  1.00 49.84 ? 108 ALA A CA  1 
ATOM   845 C  C   . ALA A 1 109 ? 7.518   -2.238  20.016  1.00 59.53 ? 108 ALA A C   1 
ATOM   846 O  O   . ALA A 1 109 ? 8.345   -3.169  20.021  1.00 70.41 ? 108 ALA A O   1 
ATOM   847 C  CB  . ALA A 1 109 ? 7.814   -0.551  18.159  1.00 45.34 ? 108 ALA A CB  1 
ATOM   848 N  N   . ASN A 1 110 ? 7.055   -1.739  21.170  1.00 66.90 ? 109 ASN A N   1 
ATOM   849 C  CA  . ASN A 1 110 ? 7.557   -2.301  22.442  1.00 72.95 ? 109 ASN A CA  1 
ATOM   850 C  C   . ASN A 1 110 ? 7.050   -3.744  22.576  1.00 77.44 ? 109 ASN A C   1 
ATOM   851 O  O   . ASN A 1 110 ? 7.859   -4.610  22.951  1.00 89.17 ? 109 ASN A O   1 
HETATM 852 CU CU  . CU  B 2 .   ? -1.483  1.401   -10.645 1.00 17.32 ? 138 CU  A CU  1 
HETATM 853 O  O   . HOH C 3 .   ? -13.770 4.756   -7.394  0.50 18.63 ? 139 HOH A O   1 
HETATM 854 O  O   . HOH C 3 .   ? -7.376  1.866   -9.458  1.00 15.65 ? 140 HOH A O   1 
HETATM 855 O  O   . HOH C 3 .   ? 7.839   -1.445  -3.698  1.00 22.02 ? 141 HOH A O   1 
HETATM 856 O  O   . HOH C 3 .   ? 2.873   -12.246 9.452   1.00 17.24 ? 142 HOH A O   1 
HETATM 857 O  O   . HOH C 3 .   ? -9.965  0.257   -9.828  1.00 20.67 ? 143 HOH A O   1 
HETATM 858 O  O   . HOH C 3 .   ? 1.851   -6.939  11.808  1.00 20.83 ? 144 HOH A O   1 
HETATM 859 O  O   . HOH C 3 .   ? -0.611  -7.379  8.028   1.00 21.90 ? 145 HOH A O   1 
HETATM 860 O  O   . HOH C 3 .   ? -5.853  3.307   6.226   1.00 27.70 ? 146 HOH A O   1 
HETATM 861 O  O   . HOH C 3 .   ? 6.603   -4.591  -11.160 1.00 27.03 ? 147 HOH A O   1 
HETATM 862 O  O   . HOH C 3 .   ? 1.248   -8.673  9.284   1.00 26.00 ? 148 HOH A O   1 
HETATM 863 O  O   . HOH C 3 .   ? 9.299   0.163   14.513  1.00 29.66 ? 149 HOH A O   1 
HETATM 864 O  O   . HOH C 3 .   ? 10.742  3.878   9.199   1.00 24.03 ? 150 HOH A O   1 
HETATM 865 O  O   . HOH C 3 .   ? 13.372  -6.180  -9.260  1.00 24.37 ? 151 HOH A O   1 
HETATM 866 O  O   . HOH C 3 .   ? 10.856  -3.099  -5.417  1.00 25.96 ? 152 HOH A O   1 
HETATM 867 O  O   . HOH C 3 .   ? -3.248  0.769   -17.053 1.00 28.36 ? 153 HOH A O   1 
HETATM 868 O  O   . HOH C 3 .   ? -2.809  -8.349  -4.861  1.00 25.02 ? 154 HOH A O   1 
HETATM 869 O  O   . HOH C 3 .   ? 2.689   -7.129  -8.911  1.00 31.97 ? 155 HOH A O   1 
HETATM 870 O  O   . HOH C 3 .   ? 6.305   -11.683 2.563   1.00 30.05 ? 156 HOH A O   1 
HETATM 871 O  O   . HOH C 3 .   ? 2.843   -9.711  -9.527  1.00 35.39 ? 157 HOH A O   1 
HETATM 872 O  O   . HOH C 3 .   ? 13.318  2.700   15.774  1.00 32.22 ? 158 HOH A O   1 
HETATM 873 O  O   . HOH C 3 .   ? 10.702  -3.278  -8.004  1.00 28.39 ? 159 HOH A O   1 
HETATM 874 O  O   . HOH C 3 .   ? -2.679  -10.559 4.404   1.00 27.82 ? 160 HOH A O   1 
HETATM 875 O  O   . HOH C 3 .   ? -6.660  0.723   -16.356 1.00 40.38 ? 161 HOH A O   1 
HETATM 876 O  O   . HOH C 3 .   ? -2.562  -8.376  15.737  1.00 28.36 ? 162 HOH A O   1 
HETATM 877 O  O   . HOH C 3 .   ? -17.432 -2.625  -0.086  1.00 47.36 ? 163 HOH A O   1 
HETATM 878 O  O   . HOH C 3 .   ? -10.463 -5.195  -5.643  1.00 43.09 ? 164 HOH A O   1 
HETATM 879 O  O   . HOH C 3 .   ? -10.654 -6.259  -1.303  1.00 39.91 ? 165 HOH A O   1 
HETATM 880 O  O   . HOH C 3 .   ? -12.799 2.165   9.075   1.00 77.99 ? 166 HOH A O   1 
HETATM 881 O  O   . HOH C 3 .   ? -12.299 1.716   -9.499  1.00 38.80 ? 167 HOH A O   1 
HETATM 882 O  O   . HOH C 3 .   ? -4.329  -7.175  -1.102  1.00 31.50 ? 168 HOH A O   1 
HETATM 883 O  O   . HOH C 3 .   ? 8.669   -8.999  9.229   1.00 36.82 ? 169 HOH A O   1 
HETATM 884 O  O   . HOH C 3 .   ? 7.424   -2.261  -12.173 1.00 41.75 ? 170 HOH A O   1 
HETATM 885 O  O   . HOH C 3 .   ? -7.345  6.714   -13.824 1.00 37.40 ? 171 HOH A O   1 
HETATM 886 O  O   . HOH C 3 .   ? 10.677  -5.777  2.452   1.00 30.72 ? 172 HOH A O   1 
HETATM 887 O  O   . HOH C 3 .   ? 10.318  -6.363  5.252   1.00 30.17 ? 173 HOH A O   1 
HETATM 888 O  O   . HOH C 3 .   ? 14.988  -1.910  6.944   1.00 31.88 ? 174 HOH A O   1 
HETATM 889 O  O   . HOH C 3 .   ? -2.983  -7.008  1.099   1.00 39.56 ? 175 HOH A O   1 
HETATM 890 O  O   . HOH C 3 .   ? 8.941   -5.536  11.879  1.00 40.67 ? 176 HOH A O   1 
HETATM 891 O  O   . HOH C 3 .   ? -1.142  4.699   -15.850 1.00 40.08 ? 177 HOH A O   1 
HETATM 892 O  O   . HOH C 3 .   ? 3.289   -12.384 -2.778  1.00 36.33 ? 178 HOH A O   1 
HETATM 893 O  O   . HOH C 3 .   ? -4.435  -9.386  -2.098  1.00 46.63 ? 179 HOH A O   1 
HETATM 894 O  O   . HOH C 3 .   ? -17.324 3.872   0.051   1.00 44.89 ? 180 HOH A O   1 
HETATM 895 O  O   . HOH C 3 .   ? 8.941   5.954   -16.062 1.00 65.85 ? 181 HOH A O   1 
HETATM 896 O  O   . HOH C 3 .   ? -12.524 -0.421  -11.641 1.00 42.95 ? 182 HOH A O   1 
HETATM 897 O  O   . HOH C 3 .   ? -8.631  1.022   10.213  1.00 62.32 ? 183 HOH A O   1 
HETATM 898 O  O   . HOH C 3 .   ? 10.471  -3.185  13.105  1.00 66.97 ? 184 HOH A O   1 
HETATM 899 O  O   . HOH C 3 .   ? -0.878  -7.792  -14.554 1.00 33.13 ? 185 HOH A O   1 
HETATM 900 O  O   . HOH C 3 .   ? -5.607  -2.977  -14.516 1.00 41.91 ? 186 HOH A O   1 
HETATM 901 O  O   . HOH C 3 .   ? -0.563  -10.172 14.748  1.00 43.65 ? 187 HOH A O   1 
HETATM 902 O  O   . HOH C 3 .   ? -10.405 -1.418  9.608   1.00 39.48 ? 188 HOH A O   1 
HETATM 903 O  O   . HOH C 3 .   ? -6.106  1.914   11.602  1.00 55.95 ? 189 HOH A O   1 
HETATM 904 O  O   . HOH C 3 .   ? -5.363  -8.483  14.755  1.00 51.44 ? 190 HOH A O   1 
HETATM 905 O  O   . HOH C 3 .   ? 16.441  -0.949  9.136   1.00 55.36 ? 191 HOH A O   1 
HETATM 906 O  O   . HOH C 3 .   ? 12.539  1.786   18.112  1.00 45.05 ? 192 HOH A O   1 
HETATM 907 O  O   . HOH C 3 .   ? 14.492  -1.790  3.131   1.00 36.16 ? 193 HOH A O   1 
HETATM 908 O  O   . HOH C 3 .   ? -5.644  -8.792  -14.587 1.00 68.94 ? 194 HOH A O   1 
HETATM 909 O  O   . HOH C 3 .   ? 18.382  3.093   9.388   1.00 62.57 ? 195 HOH A O   1 
HETATM 910 O  O   . HOH C 3 .   ? 8.167   9.479   -0.197  1.00 50.26 ? 196 HOH A O   1 
HETATM 911 O  O   . HOH C 3 .   ? -3.377  3.361   -17.165 1.00 52.06 ? 197 HOH A O   1 
HETATM 912 O  O   . HOH C 3 .   ? 4.408   -11.551 -12.759 1.00 51.41 ? 198 HOH A O   1 
HETATM 913 O  O   . HOH C 3 .   ? -13.423 7.084   -1.030  1.00 37.33 ? 199 HOH A O   1 
HETATM 914 O  O   . HOH C 3 .   ? 8.268   -10.685 -5.536  1.00 40.52 ? 200 HOH A O   1 
HETATM 915 O  O   . HOH C 3 .   ? -10.882 7.502   -0.712  1.00 65.21 ? 201 HOH A O   1 
HETATM 916 O  O   . HOH C 3 .   ? -4.468  -4.699  -16.019 1.00 41.65 ? 202 HOH A O   1 
HETATM 917 O  O   . HOH C 3 .   ? -3.151  -8.223  3.297   1.00 44.76 ? 203 HOH A O   1 
HETATM 918 O  O   . HOH C 3 .   ? 4.551   1.500   19.935  1.00 49.01 ? 204 HOH A O   1 
HETATM 919 O  O   . HOH C 3 .   ? 7.879   -11.048 -2.131  1.00 59.23 ? 205 HOH A O   1 
HETATM 920 O  O   . HOH C 3 .   ? -4.892  -1.687  17.908  1.00 64.78 ? 206 HOH A O   1 
HETATM 921 O  O   . HOH C 3 .   ? 3.907   -0.433  -14.052 1.00 41.07 ? 207 HOH A O   1 
HETATM 922 O  O   . HOH C 3 .   ? -6.082  5.755   -16.737 1.00 73.67 ? 208 HOH A O   1 
HETATM 923 O  O   . HOH C 3 .   ? -2.062  -9.223  6.684   1.00 50.23 ? 209 HOH A O   1 
HETATM 924 O  O   . HOH C 3 .   ? -16.940 3.939   3.279   1.00 66.32 ? 210 HOH A O   1 
HETATM 925 O  O   . HOH C 3 .   ? 13.271  -4.603  4.185   1.00 63.81 ? 211 HOH A O   1 
HETATM 926 O  O   . HOH C 3 .   ? 1.271   4.549   18.982  1.00 45.50 ? 212 HOH A O   1 
HETATM 927 O  O   . HOH C 3 .   ? -18.888 1.964   1.425   1.00 61.90 ? 213 HOH A O   1 
HETATM 928 O  O   . HOH C 3 .   ? -0.062  -15.060 -6.088  1.00 67.97 ? 214 HOH A O   1 
HETATM 929 O  O   . HOH C 3 .   ? 14.424  -0.849  -3.633  1.00 48.89 ? 215 HOH A O   1 
HETATM 930 O  O   . HOH C 3 .   ? -12.899 -4.454  -6.140  1.00 45.36 ? 216 HOH A O   1 
HETATM 931 O  O   . HOH C 3 .   ? 11.297  -6.276  10.729  1.00 47.37 ? 217 HOH A O   1 
HETATM 932 O  O   . HOH C 3 .   ? -7.625  -1.654  13.278  1.00 42.32 ? 218 HOH A O   1 
HETATM 933 O  O   . HOH C 3 .   ? 1.634   7.285   6.147   1.00 55.81 ? 219 HOH A O   1 
HETATM 934 O  O   . HOH C 3 .   ? 1.437   8.585   -5.380  1.00 28.68 ? 220 HOH A O   1 
HETATM 935 O  O   . HOH C 3 .   ? -4.303  7.513   -16.213 1.00 53.13 ? 221 HOH A O   1 
HETATM 936 O  O   . HOH C 3 .   ? 19.486  2.352   17.794  1.00 54.22 ? 222 HOH A O   1 
HETATM 937 O  O   . HOH C 3 .   ? -2.268  8.912   1.143   1.00 43.01 ? 223 HOH A O   1 
HETATM 938 O  O   . HOH C 3 .   ? 2.090   1.950   19.689  1.00 54.11 ? 224 HOH A O   1 
HETATM 939 O  O   . HOH C 3 .   ? -0.762  7.899   3.570   1.00 56.41 ? 225 HOH A O   1 
HETATM 940 O  O   . HOH C 3 .   ? 1.229   -11.790 -9.587  1.00 59.87 ? 226 HOH A O   1 
HETATM 941 O  O   . HOH C 3 .   ? 13.075  -9.273  3.007   1.00 82.51 ? 227 HOH A O   1 
HETATM 942 O  O   . HOH C 3 .   ? -1.840  4.498   17.565  1.00 51.61 ? 228 HOH A O   1 
HETATM 943 O  O   . HOH C 3 .   ? -4.604  -12.172 3.849   1.00 66.73 ? 229 HOH A O   1 
HETATM 944 O  O   . HOH C 3 .   ? 5.781   14.398  -5.926  1.00 49.20 ? 230 HOH A O   1 
HETATM 945 O  O   . HOH C 3 .   ? 4.057   10.062  -5.935  1.00 42.12 ? 231 HOH A O   1 
HETATM 946 O  O   . HOH C 3 .   ? 13.659  -6.411  -1.154  1.00 54.82 ? 232 HOH A O   1 
HETATM 947 O  O   . HOH C 3 .   ? -5.978  0.636   17.811  1.00 47.60 ? 233 HOH A O   1 
HETATM 948 O  O   . HOH C 3 .   ? 0.459   8.684   -0.512  1.00 50.34 ? 234 HOH A O   1 
HETATM 949 O  O   . HOH C 3 .   ? 20.491  -0.153  15.721  1.00 71.28 ? 235 HOH A O   1 
HETATM 950 O  O   . HOH C 3 .   ? 0.538   -0.078  22.867  1.00 56.76 ? 236 HOH A O   1 
HETATM 951 O  O   . HOH C 3 .   ? -7.908  2.699   8.456   1.00 48.38 ? 237 HOH A O   1 
HETATM 952 O  O   . HOH C 3 .   ? 16.197  -2.308  -1.151  1.00 65.24 ? 238 HOH A O   1 
HETATM 953 O  O   . HOH C 3 .   ? 3.564   15.686  -8.822  1.00 95.25 ? 239 HOH A O   1 
HETATM 954 O  O   . HOH C 3 .   ? -8.394  -7.655  -6.071  1.00 59.91 ? 240 HOH A O   1 
HETATM 955 O  O   . HOH C 3 .   ? 14.784  0.503   18.991  1.00 53.23 ? 241 HOH A O   1 
HETATM 956 O  O   . HOH C 3 .   ? -9.149  12.222  2.226   1.00 77.40 ? 242 HOH A O   1 
HETATM 957 O  O   . HOH C 3 .   ? 4.327   10.621  8.961   1.00 55.55 ? 243 HOH A O   1 
HETATM 958 O  O   . HOH C 3 .   ? 10.903  -11.010 -4.563  1.00 60.09 ? 244 HOH A O   1 
HETATM 959 O  O   . HOH C 3 .   ? -0.128  5.512   10.061  1.00 38.91 ? 245 HOH A O   1 
HETATM 960 O  O   . HOH C 3 .   ? -6.892  -7.427  -0.972  1.00 62.74 ? 246 HOH A O   1 
HETATM 961 O  O   . HOH C 3 .   ? -7.201  -5.343  -18.271 1.00 65.63 ? 247 HOH A O   1 
# 
